data_8IUN
#
_entry.id   8IUN
#
_cell.length_a   1.00
_cell.length_b   1.00
_cell.length_c   1.00
_cell.angle_alpha   90.00
_cell.angle_beta   90.00
_cell.angle_gamma   90.00
#
_symmetry.space_group_name_H-M   'P 1'
#
loop_
_entity.id
_entity.type
_entity.pdbx_description
1 polymer 'Antenna complex alpha/beta subunit'
2 polymer 'Reaction center protein L chain'
3 polymer 'Alpha subunit of light-harvesting 1'
4 polymer 'reaction center small polypeptide'
5 polymer 'reaction center small polypeptide'
6 polymer 'Cytochrome subunit of photosynthetic reaction center'
7 polymer 'reaction center unknown polypeptide'
8 non-polymer 'BACTERIOCHLOROPHYLL A'
9 non-polymer '(1R)-2-{[{[(2S)-2,3-DIHYDROXYPROPYL]OXY}(HYDROXY)PHOSPHORYL]OXY}-1-[(PALMITOYLOXY)METHYL]ETHYL (11E)-OCTADEC-11-ENOATE'
10 non-polymer gamma-Carotene
11 non-polymer 'BACTERIOPHEOPHYTIN A'
12 non-polymer 'MANGANESE (II) ION'
13 non-polymer '2-methyl-3-[(2E,6E,10E,14E,18E,22E,26E,30E,34E,38E)-3,7,11,15,19,23,27,31,35,39,43-undecamethyltetratetraconta-2,6,10,1 4,18,22,26,30,34,38,42-undecaen-1-yl]naphthalene-1,4-dione'
14 non-polymer 2-O-octyl-beta-D-glucopyranose
15 non-polymer DI-PALMITOYL-3-SN-PHOSPHATIDYLETHANOLAMINE
16 non-polymer DODECYL-BETA-D-MALTOSIDE
17 non-polymer 'UNKNOWN LIGAND'
18 non-polymer CARDIOLIPIN
19 non-polymer 1,2-DIPALMITOYL-PHOSPHATIDYL-GLYCEROLE
20 non-polymer 'HEME C'
21 non-polymer 'CALCIUM ION'
#
loop_
_entity_poly.entity_id
_entity_poly.type
_entity_poly.pdbx_seq_one_letter_code
_entity_poly.pdbx_strand_id
1 'polypeptide(L)' MTDKPQNDLVPDQWKPLFNNAEWLVHDIVVKTIYGGLIIAVIAHVLCWAWTPWIR W,U,S,Q,O,K,I,G,E,B,0,8,6,4,2
2 'polypeptide(L)'
;MSAVPRALPLPSGETLPAEAISSTGSQAASAEVIPFSIIEEFYKRPGKTLAARFFGVDPFDFWIGRFYVGLFGAISIIGI
ILGVAFYLYEGVVNEGTLNILAMRIEPPPVSQGLNVDPAQPGFFWFLTMVAATIAFVGWLLRQIDISLKLDMGMEVPIAF
GAVVSSWITLQWLRPIAMGAWGHGFPLGITHHLDWVSNIGYQYYNFFYNPFHAIGITLLFASTLFLHMHGSAVLSEAKRN
ISDQNIHVFWRNILGYSIGEIGIHRVAFWTGAASVLFSNLCIFLSGTFVKDWNAFWGFWDKMPIWNGVGQGALVAGLSLL
GVGLVLGRGRETPGPIDLHDEEYRDGLEGTIAKPPGHVGWMQRLLGEGQVGPIYVGLWGVISFITFFASAFIILVDYGRQ
VGWNPIIYLREFWNLAVYPPPTEYGLSWNVPWDKGGAWLAATFFLHISVLTWWARLYTRAKATGVGTQLAWGFASALSLY
FVIYLFHPLALGNWSAAPGHGFRAILDWTNYVSIHWGNFYYNPFHMLSIFFLLGSTLLLAMHGATIVATSKWKSEMEFTE
MMAEGPGTQRAQLFWRWVMGWNANSYNIHIWAWWFAAFTAITGAIGLFLSGTLVPDWYAWGETAKIVAPWPNPDWAQYVF
R
;
M,L
3 'polypeptide(L)' MKDRPFEFRTSVVVSTLLGLVMALLIHFVVLSSGAFNWLRAP H,J,N,P,R,T,V,1,3,5,7,9,A,D,F
4 'polypeptide(L)' MNWIVATFMLMFVLVAFLPLVVSLAYTWVTNPETQSTEE Y
5 'polypeptide(L)' MDFLILLQAEPSPWPVWSGYALCFVPLAAVILGFIIAARFTDKQATSAYLRLDPAKANEPEQG h
6 'polypeptide(L)'
;MIQQPPTLFPEITNTVRGRFYIVAGIISVVMAVASIAIFWWIFYTITPAPAPPLQNPIYVNYTQEPTDYISAESLAAMNA
YIQANPQPQAVQVLKGMTTAQISAYMVAQVSGGLKVDCSYCHNIANFAQQDGYPNAAKKVTARKMMLMSADLNQNYTAKL
PASVGGYQITCATCHNGKAAGLEPYPIEIMNTLPNDWRLPLELDYPGGLVVTGRKDVSNHEVEQNQFAMYHMNVSMGQGC
TFCHNARYFPSYEIAQKNHSIIMLQMTKHIQETYVAPGGRIADGIMAGKSPSCWLCHQGANIPPGAAKPGQVPAVLSSTP
;
C
7 'polypeptide(L)' AAAPAGAAAA Z
#
# COMPACT_ATOMS: atom_id res chain seq x y z
N GLN A 6 40.01 54.13 3.38
CA GLN A 6 38.67 53.93 3.91
C GLN A 6 38.72 53.19 5.24
N ASN A 7 39.89 53.24 5.91
CA ASN A 7 40.04 52.64 7.22
C ASN A 7 40.85 53.54 8.14
N ASP A 8 40.72 54.86 7.99
CA ASP A 8 41.50 55.79 8.81
C ASP A 8 41.04 55.77 10.27
N LEU A 9 39.74 55.54 10.50
CA LEU A 9 39.24 55.50 11.87
C LEU A 9 39.63 54.22 12.61
N VAL A 10 39.92 53.15 11.89
CA VAL A 10 40.31 51.88 12.53
C VAL A 10 41.72 52.01 13.09
N PRO A 11 41.98 51.55 14.31
CA PRO A 11 43.36 51.56 14.81
C PRO A 11 44.26 50.69 13.95
N ASP A 12 45.54 51.06 13.91
CA ASP A 12 46.45 50.47 12.93
C ASP A 12 46.68 48.97 13.15
N GLN A 13 46.42 48.47 14.36
CA GLN A 13 46.60 47.03 14.60
C GLN A 13 45.57 46.21 13.84
N TRP A 14 44.34 46.71 13.74
CA TRP A 14 43.24 45.95 13.16
C TRP A 14 42.90 46.38 11.74
N LYS A 15 43.83 47.04 11.04
CA LYS A 15 43.59 47.40 9.64
C LYS A 15 43.34 46.20 8.76
N PRO A 16 44.10 45.10 8.82
CA PRO A 16 43.86 43.99 7.88
C PRO A 16 42.56 43.23 8.10
N LEU A 17 41.73 43.61 9.06
CA LEU A 17 40.52 42.87 9.36
C LEU A 17 39.25 43.72 9.36
N PHE A 18 39.32 45.01 9.67
CA PHE A 18 38.14 45.83 9.84
C PHE A 18 38.15 47.01 8.88
N ASN A 19 36.95 47.50 8.61
CA ASN A 19 36.69 48.61 7.70
C ASN A 19 36.18 49.81 8.49
N ASN A 20 35.80 50.87 7.77
CA ASN A 20 35.26 52.04 8.43
C ASN A 20 33.87 51.76 9.01
N ALA A 21 33.00 51.14 8.21
CA ALA A 21 31.66 50.80 8.70
C ALA A 21 31.68 49.58 9.61
N GLU A 22 32.55 48.60 9.32
CA GLU A 22 32.59 47.39 10.12
C GLU A 22 33.05 47.67 11.55
N TRP A 23 33.97 48.62 11.73
CA TRP A 23 34.41 48.98 13.08
C TRP A 23 33.26 49.56 13.89
N LEU A 24 32.45 50.43 13.28
CA LEU A 24 31.30 50.99 13.99
C LEU A 24 30.27 49.92 14.31
N VAL A 25 29.98 49.02 13.36
CA VAL A 25 29.03 47.95 13.64
C VAL A 25 29.55 47.06 14.75
N HIS A 26 30.86 46.81 14.77
CA HIS A 26 31.46 46.02 15.85
C HIS A 26 31.30 46.70 17.20
N ASP A 27 31.51 48.02 17.26
CA ASP A 27 31.31 48.74 18.51
C ASP A 27 29.88 48.62 18.99
N ILE A 28 28.91 48.77 18.08
CA ILE A 28 27.51 48.58 18.45
C ILE A 28 27.28 47.18 18.99
N VAL A 29 27.89 46.17 18.36
CA VAL A 29 27.71 44.79 18.77
C VAL A 29 28.22 44.58 20.20
N VAL A 30 29.40 45.11 20.51
CA VAL A 30 29.96 44.89 21.85
C VAL A 30 29.14 45.62 22.91
N LYS A 31 28.64 46.83 22.58
CA LYS A 31 27.78 47.52 23.54
C LYS A 31 26.51 46.72 23.81
N THR A 32 25.90 46.18 22.75
CA THR A 32 24.70 45.37 22.91
C THR A 32 24.97 44.14 23.77
N ILE A 33 26.12 43.50 23.55
CA ILE A 33 26.47 42.31 24.32
C ILE A 33 26.60 42.64 25.81
N TYR A 34 27.28 43.74 26.13
CA TYR A 34 27.43 44.12 27.53
C TYR A 34 26.08 44.43 28.19
N GLY A 35 25.22 45.17 27.47
CA GLY A 35 23.90 45.45 28.02
C GLY A 35 23.10 44.19 28.26
N GLY A 36 23.13 43.26 27.31
CA GLY A 36 22.41 42.02 27.48
C GLY A 36 22.94 41.19 28.63
N LEU A 37 24.26 41.23 28.85
CA LEU A 37 24.83 40.49 29.97
C LEU A 37 24.35 41.06 31.30
N ILE A 38 24.27 42.40 31.41
CA ILE A 38 23.75 43.01 32.63
C ILE A 38 22.30 42.59 32.85
N ILE A 39 21.49 42.63 31.79
CA ILE A 39 20.08 42.24 31.90
C ILE A 39 19.97 40.79 32.34
N ALA A 40 20.79 39.92 31.76
CA ALA A 40 20.74 38.50 32.10
C ALA A 40 21.12 38.25 33.54
N VAL A 41 22.14 38.96 34.04
CA VAL A 41 22.51 38.80 35.45
C VAL A 41 21.35 39.18 36.35
N ILE A 42 20.69 40.30 36.05
CA ILE A 42 19.55 40.73 36.88
C ILE A 42 18.43 39.70 36.83
N ALA A 43 18.13 39.17 35.64
CA ALA A 43 17.06 38.18 35.51
C ALA A 43 17.38 36.90 36.28
N HIS A 44 18.64 36.46 36.23
CA HIS A 44 19.04 35.27 36.97
C HIS A 44 18.92 35.49 38.47
N VAL A 45 19.32 36.66 38.95
CA VAL A 45 19.18 36.94 40.38
C VAL A 45 17.72 36.90 40.80
N LEU A 46 16.84 37.50 39.99
CA LEU A 46 15.42 37.48 40.31
C LEU A 46 14.86 36.05 40.33
N CYS A 47 15.25 35.24 39.34
CA CYS A 47 14.73 33.87 39.28
C CYS A 47 15.25 33.03 40.45
N TRP A 48 16.49 33.25 40.86
CA TRP A 48 16.99 32.53 42.04
C TRP A 48 16.27 32.97 43.30
N ALA A 49 15.94 34.27 43.40
CA ALA A 49 15.17 34.74 44.54
C ALA A 49 13.79 34.10 44.57
N TRP A 50 13.17 33.94 43.40
CA TRP A 50 11.88 33.27 43.32
C TRP A 50 11.99 31.81 43.79
N THR A 51 12.78 31.00 43.08
CA THR A 51 12.94 29.59 43.41
C THR A 51 14.31 29.10 42.98
N PRO A 52 15.12 28.59 43.92
CA PRO A 52 16.44 28.08 43.55
C PRO A 52 16.35 26.81 42.72
N TRP A 53 17.39 26.58 41.91
CA TRP A 53 17.49 25.40 41.06
C TRP A 53 18.57 24.43 41.52
N ILE A 54 19.27 24.73 42.61
CA ILE A 54 20.33 23.87 43.12
C ILE A 54 20.06 23.58 44.59
N ARG A 55 19.96 22.31 44.93
CA ARG A 55 19.71 21.90 46.30
C ARG A 55 20.68 20.80 46.73
N GLN B 6 50.28 39.26 3.77
CA GLN B 6 51.43 40.14 3.72
C GLN B 6 52.69 39.46 4.28
N ASN B 7 52.47 38.55 5.23
CA ASN B 7 53.56 37.75 5.79
C ASN B 7 54.66 38.62 6.40
N ASP B 8 54.25 39.60 7.21
CA ASP B 8 55.20 40.44 7.92
C ASP B 8 55.29 40.10 9.40
N LEU B 9 54.14 40.01 10.08
CA LEU B 9 54.10 39.72 11.50
C LEU B 9 54.21 38.23 11.82
N VAL B 10 54.04 37.37 10.82
CA VAL B 10 54.10 35.93 11.05
C VAL B 10 55.56 35.50 11.18
N PRO B 11 55.89 34.63 12.14
CA PRO B 11 57.25 34.12 12.21
C PRO B 11 57.62 33.31 10.98
N ASP B 12 58.93 33.10 10.80
CA ASP B 12 59.43 32.44 9.60
C ASP B 12 58.97 30.99 9.51
N GLN B 13 58.82 30.32 10.66
CA GLN B 13 58.46 28.90 10.63
C GLN B 13 57.03 28.68 10.14
N TRP B 14 56.13 29.61 10.42
CA TRP B 14 54.71 29.45 10.11
C TRP B 14 54.28 30.25 8.90
N LYS B 15 55.23 30.75 8.11
CA LYS B 15 54.88 31.48 6.88
C LYS B 15 54.06 30.65 5.90
N PRO B 16 54.39 29.37 5.61
CA PRO B 16 53.61 28.64 4.60
C PRO B 16 52.22 28.23 5.07
N LEU B 17 51.80 28.66 6.25
CA LEU B 17 50.50 28.26 6.78
C LEU B 17 49.62 29.41 7.26
N PHE B 18 50.17 30.56 7.63
CA PHE B 18 49.38 31.62 8.23
C PHE B 18 49.50 32.91 7.42
N ASN B 19 48.91 33.97 7.97
CA ASN B 19 48.75 35.25 7.31
C ASN B 19 48.54 36.28 8.42
N ASN B 20 48.68 37.55 8.08
CA ASN B 20 48.56 38.60 9.09
C ASN B 20 47.20 38.56 9.78
N ALA B 21 46.13 38.58 9.00
CA ALA B 21 44.79 38.48 9.56
C ALA B 21 44.60 37.14 10.27
N GLU B 22 45.07 36.06 9.64
CA GLU B 22 44.96 34.74 10.24
C GLU B 22 45.79 34.63 11.52
N TRP B 23 46.96 35.26 11.54
CA TRP B 23 47.78 35.25 12.76
C TRP B 23 47.06 35.97 13.90
N LEU B 24 46.46 37.12 13.61
CA LEU B 24 45.74 37.84 14.66
C LEU B 24 44.54 37.05 15.17
N VAL B 25 43.76 36.46 14.26
CA VAL B 25 42.61 35.69 14.68
C VAL B 25 43.03 34.46 15.49
N HIS B 26 44.14 33.84 15.10
CA HIS B 26 44.68 32.71 15.85
C HIS B 26 45.06 33.12 17.26
N ASP B 27 45.66 34.29 17.41
CA ASP B 27 46.00 34.79 18.74
C ASP B 27 44.76 34.96 19.61
N ILE B 28 43.72 35.56 19.03
CA ILE B 28 42.47 35.74 19.77
C ILE B 28 41.92 34.40 20.21
N VAL B 29 41.94 33.41 19.30
CA VAL B 29 41.37 32.10 19.61
C VAL B 29 42.13 31.42 20.75
N VAL B 30 43.47 31.48 20.73
CA VAL B 30 44.23 30.80 21.78
C VAL B 30 43.99 31.46 23.13
N LYS B 31 43.89 32.79 23.16
CA LYS B 31 43.61 33.45 24.45
C LYS B 31 42.23 33.08 24.97
N THR B 32 41.24 33.02 24.07
CA THR B 32 39.90 32.60 24.50
C THR B 32 39.91 31.19 25.06
N ILE B 33 40.65 30.29 24.42
CA ILE B 33 40.71 28.90 24.88
C ILE B 33 41.33 28.82 26.27
N TYR B 34 42.41 29.56 26.49
CA TYR B 34 43.04 29.53 27.82
C TYR B 34 42.11 30.05 28.91
N GLY B 35 41.43 31.17 28.65
CA GLY B 35 40.48 31.67 29.62
C GLY B 35 39.36 30.70 29.92
N GLY B 36 38.82 30.07 28.87
CA GLY B 36 37.76 29.10 29.06
C GLY B 36 38.23 27.89 29.85
N LEU B 37 39.48 27.46 29.65
CA LEU B 37 39.99 26.33 30.41
C LEU B 37 40.11 26.67 31.89
N ILE B 38 40.57 27.88 32.21
CA ILE B 38 40.66 28.28 33.62
C ILE B 38 39.26 28.26 34.26
N ILE B 39 38.28 28.84 33.56
CA ILE B 39 36.92 28.88 34.11
C ILE B 39 36.37 27.47 34.28
N ALA B 40 36.66 26.57 33.33
CA ALA B 40 36.17 25.20 33.42
C ALA B 40 36.78 24.47 34.62
N VAL B 41 38.07 24.70 34.89
CA VAL B 41 38.69 24.07 36.06
C VAL B 41 38.02 24.55 37.34
N ILE B 42 37.76 25.86 37.44
CA ILE B 42 37.10 26.37 38.64
C ILE B 42 35.71 25.74 38.78
N ALA B 43 34.97 25.61 37.68
CA ALA B 43 33.64 25.02 37.74
C ALA B 43 33.70 23.57 38.22
N HIS B 44 34.66 22.79 37.73
CA HIS B 44 34.78 21.40 38.15
C HIS B 44 35.11 21.29 39.62
N VAL B 45 36.00 22.16 40.13
CA VAL B 45 36.33 22.14 41.55
C VAL B 45 35.10 22.45 42.39
N LEU B 46 34.31 23.46 41.97
CA LEU B 46 33.10 23.81 42.71
C LEU B 46 32.10 22.64 42.72
N CYS B 47 31.92 21.99 41.58
CA CYS B 47 30.96 20.89 41.51
C CYS B 47 31.42 19.69 42.32
N TRP B 48 32.73 19.48 42.42
CA TRP B 48 33.21 18.40 43.31
C TRP B 48 32.99 18.75 44.76
N ALA B 49 33.22 20.01 45.15
CA ALA B 49 32.94 20.42 46.51
C ALA B 49 31.46 20.27 46.85
N TRP B 50 30.58 20.51 45.88
CA TRP B 50 29.15 20.28 46.08
C TRP B 50 28.87 18.80 46.35
N THR B 51 29.11 17.93 45.36
CA THR B 51 28.90 16.50 45.52
C THR B 51 29.81 15.71 44.59
N PRO B 52 30.74 14.92 45.13
CA PRO B 52 31.63 14.15 44.27
C PRO B 52 30.90 13.11 43.45
N TRP B 53 31.34 12.94 42.20
CA TRP B 53 30.73 12.00 41.27
C TRP B 53 31.44 10.65 41.23
N ILE B 54 32.51 10.49 42.00
CA ILE B 54 33.24 9.23 42.09
C ILE B 54 33.18 8.76 43.53
N ARG B 55 32.58 7.59 43.75
CA ARG B 55 32.40 7.07 45.10
C ARG B 55 32.91 5.65 45.21
N GLN C 6 56.98 24.93 -2.54
CA GLN C 6 56.93 23.48 -2.48
C GLN C 6 57.88 22.94 -1.42
N ASN C 7 58.26 21.68 -1.57
CA ASN C 7 59.03 20.96 -0.54
C ASN C 7 60.50 21.35 -0.63
N ASP C 8 60.94 22.21 0.28
CA ASP C 8 62.36 22.51 0.44
C ASP C 8 62.90 22.20 1.82
N LEU C 9 62.06 22.21 2.85
CA LEU C 9 62.46 21.80 4.20
C LEU C 9 61.88 20.45 4.58
N VAL C 10 61.35 19.70 3.62
CA VAL C 10 60.99 18.30 3.85
C VAL C 10 62.25 17.44 3.70
N PRO C 11 62.46 16.43 4.53
CA PRO C 11 63.62 15.55 4.33
C PRO C 11 63.57 14.85 2.99
N ASP C 12 64.77 14.49 2.50
CA ASP C 12 64.89 13.92 1.16
C ASP C 12 64.09 12.63 1.01
N GLN C 13 63.92 11.88 2.09
CA GLN C 13 63.27 10.58 1.98
C GLN C 13 61.78 10.71 1.72
N TRP C 14 61.17 11.79 2.21
CA TRP C 14 59.72 11.97 2.15
C TRP C 14 59.29 13.04 1.15
N LYS C 15 60.17 13.42 0.23
CA LYS C 15 59.81 14.43 -0.77
C LYS C 15 58.64 14.02 -1.65
N PRO C 16 58.56 12.79 -2.19
CA PRO C 16 57.43 12.46 -3.06
C PRO C 16 56.10 12.32 -2.33
N LEU C 17 56.08 12.42 -1.00
CA LEU C 17 54.85 12.21 -0.24
C LEU C 17 54.31 13.47 0.42
N PHE C 18 55.17 14.37 0.89
CA PHE C 18 54.72 15.50 1.68
C PHE C 18 55.03 16.83 0.98
N ASN C 19 54.36 17.87 1.46
CA ASN C 19 54.46 19.24 0.99
C ASN C 19 55.18 20.07 2.04
N ASN C 20 55.26 21.38 1.81
CA ASN C 20 55.95 22.25 2.76
C ASN C 20 55.10 22.51 4.00
N ALA C 21 53.77 22.53 3.85
CA ALA C 21 52.86 22.74 4.96
C ALA C 21 52.33 21.44 5.55
N GLU C 22 52.18 20.41 4.73
CA GLU C 22 51.75 19.11 5.23
C GLU C 22 52.76 18.52 6.20
N TRP C 23 54.05 18.81 6.00
CA TRP C 23 55.07 18.35 6.95
C TRP C 23 54.84 18.96 8.33
N LEU C 24 54.56 20.26 8.38
CA LEU C 24 54.29 20.93 9.66
C LEU C 24 53.03 20.39 10.33
N VAL C 25 51.97 20.22 9.55
CA VAL C 25 50.73 19.68 10.12
C VAL C 25 50.96 18.27 10.63
N HIS C 26 51.74 17.47 9.90
CA HIS C 26 52.05 16.11 10.32
C HIS C 26 52.80 16.09 11.64
N ASP C 27 53.78 16.99 11.79
CA ASP C 27 54.52 17.05 13.06
C ASP C 27 53.61 17.41 14.21
N ILE C 28 52.71 18.38 14.00
CA ILE C 28 51.74 18.73 15.03
C ILE C 28 50.90 17.52 15.41
N VAL C 29 50.46 16.76 14.41
CA VAL C 29 49.61 15.60 14.67
C VAL C 29 50.35 14.54 15.48
N VAL C 30 51.61 14.26 15.14
CA VAL C 30 52.33 13.22 15.87
C VAL C 30 52.57 13.63 17.32
N LYS C 31 52.85 14.93 17.55
CA LYS C 31 53.02 15.36 18.93
C LYS C 31 51.71 15.27 19.72
N THR C 32 50.60 15.62 19.08
CA THR C 32 49.29 15.45 19.72
C THR C 32 49.06 14.00 20.11
N ILE C 33 49.40 13.07 19.22
CA ILE C 33 49.17 11.66 19.50
C ILE C 33 50.03 11.18 20.66
N TYR C 34 51.30 11.62 20.72
CA TYR C 34 52.15 11.23 21.84
C TYR C 34 51.60 11.73 23.17
N GLY C 35 51.19 13.00 23.21
CA GLY C 35 50.63 13.53 24.45
C GLY C 35 49.37 12.80 24.88
N GLY C 36 48.48 12.52 23.92
CA GLY C 36 47.27 11.78 24.23
C GLY C 36 47.56 10.39 24.75
N LEU C 37 48.56 9.70 24.17
CA LEU C 37 48.91 8.38 24.66
C LEU C 37 49.40 8.42 26.10
N ILE C 38 50.25 9.40 26.43
CA ILE C 38 50.74 9.51 27.81
C ILE C 38 49.57 9.73 28.77
N ILE C 39 48.67 10.65 28.42
CA ILE C 39 47.52 10.92 29.29
C ILE C 39 46.65 9.68 29.44
N ALA C 40 46.44 8.93 28.35
CA ALA C 40 45.61 7.73 28.41
C ALA C 40 46.22 6.67 29.31
N VAL C 41 47.54 6.49 29.25
CA VAL C 41 48.19 5.52 30.13
C VAL C 41 48.01 5.92 31.59
N ILE C 42 48.19 7.21 31.90
CA ILE C 42 48.00 7.65 33.27
C ILE C 42 46.56 7.40 33.73
N ALA C 43 45.58 7.70 32.87
CA ALA C 43 44.19 7.51 33.22
C ALA C 43 43.87 6.04 33.49
N HIS C 44 44.39 5.13 32.67
CA HIS C 44 44.13 3.71 32.88
C HIS C 44 44.75 3.24 34.19
N VAL C 45 45.96 3.69 34.50
CA VAL C 45 46.59 3.28 35.76
C VAL C 45 45.77 3.77 36.95
N LEU C 46 45.28 5.02 36.89
CA LEU C 46 44.47 5.55 37.99
C LEU C 46 43.18 4.76 38.15
N CYS C 47 42.52 4.44 37.02
CA CYS C 47 41.27 3.68 37.11
C CYS C 47 41.51 2.28 37.67
N TRP C 48 42.62 1.64 37.31
CA TRP C 48 42.92 0.33 37.90
C TRP C 48 43.18 0.45 39.39
N ALA C 49 43.90 1.50 39.81
CA ALA C 49 44.11 1.69 41.24
C ALA C 49 42.80 1.95 41.97
N TRP C 50 41.79 2.49 41.27
CA TRP C 50 40.47 2.69 41.86
C TRP C 50 39.71 1.37 42.01
N THR C 51 39.39 0.72 40.89
CA THR C 51 38.72 -0.57 40.88
C THR C 51 39.21 -1.40 39.70
N PRO C 52 39.96 -2.49 39.93
CA PRO C 52 40.36 -3.35 38.81
C PRO C 52 39.18 -3.96 38.09
N TRP C 53 39.26 -3.99 36.77
CA TRP C 53 38.19 -4.53 35.93
C TRP C 53 38.46 -5.96 35.48
N ILE C 54 39.57 -6.56 35.86
CA ILE C 54 39.87 -7.94 35.53
C ILE C 54 40.03 -8.70 36.84
N ARG C 55 39.22 -9.73 37.03
CA ARG C 55 39.22 -10.49 38.28
C ARG C 55 39.20 -11.99 38.01
N GLN D 6 60.24 8.38 -10.42
CA GLN D 6 59.07 7.58 -10.79
C GLN D 6 59.50 6.19 -11.23
N ASN D 7 59.11 5.18 -10.44
CA ASN D 7 59.43 3.78 -10.71
C ASN D 7 60.94 3.55 -10.76
N ASP D 8 61.70 4.33 -10.00
CA ASP D 8 63.15 4.19 -10.01
C ASP D 8 63.73 3.70 -8.69
N LEU D 9 63.07 3.97 -7.56
CA LEU D 9 63.48 3.37 -6.29
C LEU D 9 62.92 1.97 -6.10
N VAL D 10 61.93 1.58 -6.90
CA VAL D 10 61.34 0.25 -6.82
C VAL D 10 62.35 -0.77 -7.34
N PRO D 11 62.43 -1.98 -6.77
CA PRO D 11 63.26 -3.02 -7.38
C PRO D 11 62.75 -3.39 -8.76
N ASP D 12 63.67 -3.89 -9.59
CA ASP D 12 63.34 -4.15 -10.99
C ASP D 12 62.22 -5.18 -11.14
N GLN D 13 62.05 -6.05 -10.14
CA GLN D 13 61.03 -7.09 -10.23
C GLN D 13 59.63 -6.51 -10.10
N TRP D 14 59.44 -5.55 -9.20
CA TRP D 14 58.11 -5.04 -8.86
C TRP D 14 57.79 -3.73 -9.56
N LYS D 15 58.51 -3.40 -10.62
CA LYS D 15 58.23 -2.17 -11.36
C LYS D 15 56.83 -2.12 -11.96
N PRO D 16 56.29 -3.17 -12.59
CA PRO D 16 54.96 -3.07 -13.18
C PRO D 16 53.82 -2.96 -12.19
N LEU D 17 54.10 -2.91 -10.89
CA LEU D 17 53.05 -2.86 -9.87
C LEU D 17 53.18 -1.71 -8.89
N PHE D 18 54.36 -1.12 -8.73
CA PHE D 18 54.60 -0.12 -7.70
C PHE D 18 55.26 1.13 -8.27
N ASN D 19 55.01 2.24 -7.61
CA ASN D 19 55.63 3.53 -7.84
C ASN D 19 56.59 3.82 -6.69
N ASN D 20 57.19 5.02 -6.69
CA ASN D 20 58.04 5.41 -5.57
C ASN D 20 57.21 5.61 -4.30
N ALA D 21 56.18 6.45 -4.39
CA ALA D 21 55.34 6.73 -3.22
C ALA D 21 54.62 5.49 -2.74
N GLU D 22 54.10 4.69 -3.68
CA GLU D 22 53.42 3.45 -3.30
C GLU D 22 54.38 2.48 -2.62
N TRP D 23 55.63 2.43 -3.08
CA TRP D 23 56.62 1.58 -2.44
C TRP D 23 56.90 2.03 -1.01
N LEU D 24 57.03 3.33 -0.80
CA LEU D 24 57.26 3.84 0.56
C LEU D 24 56.08 3.52 1.48
N VAL D 25 54.86 3.77 1.02
CA VAL D 25 53.69 3.49 1.83
C VAL D 25 53.56 1.99 2.10
N HIS D 26 53.90 1.16 1.13
CA HIS D 26 53.90 -0.31 1.33
C HIS D 26 54.85 -0.63 2.47
N ASP D 27 56.07 -0.10 2.45
CA ASP D 27 57.02 -0.43 3.51
C ASP D 27 56.47 -0.04 4.88
N ILE D 28 55.86 1.15 4.96
CA ILE D 28 55.26 1.57 6.23
C ILE D 28 54.19 0.57 6.69
N VAL D 29 53.33 0.15 5.75
CA VAL D 29 52.24 -0.75 6.10
C VAL D 29 52.75 -2.09 6.58
N VAL D 30 53.79 -2.63 5.92
CA VAL D 30 54.26 -3.95 6.34
C VAL D 30 54.92 -3.89 7.72
N LYS D 31 55.66 -2.81 8.01
CA LYS D 31 56.22 -2.69 9.36
C LYS D 31 55.12 -2.58 10.41
N THR D 32 54.08 -1.81 10.11
CA THR D 32 52.95 -1.70 11.05
C THR D 32 52.30 -3.06 11.29
N ILE D 33 52.12 -3.84 10.22
CA ILE D 33 51.50 -5.16 10.37
C ILE D 33 52.35 -6.07 11.23
N TYR D 34 53.68 -6.04 11.04
CA TYR D 34 54.54 -6.88 11.87
C TYR D 34 54.45 -6.49 13.35
N GLY D 35 54.47 -5.19 13.65
CA GLY D 35 54.31 -4.78 15.04
C GLY D 35 52.99 -5.21 15.64
N GLY D 36 51.90 -5.05 14.87
CA GLY D 36 50.60 -5.48 15.36
C GLY D 36 50.53 -6.98 15.63
N LEU D 37 51.16 -7.78 14.77
CA LEU D 37 51.18 -9.22 14.98
C LEU D 37 51.92 -9.59 16.26
N ILE D 38 53.05 -8.92 16.52
CA ILE D 38 53.79 -9.19 17.75
C ILE D 38 52.92 -8.87 18.97
N ILE D 39 52.26 -7.71 18.95
CA ILE D 39 51.42 -7.34 20.08
C ILE D 39 50.26 -8.33 20.26
N ALA D 40 49.68 -8.79 19.14
CA ALA D 40 48.58 -9.74 19.21
C ALA D 40 49.01 -11.07 19.83
N VAL D 41 50.21 -11.55 19.46
CA VAL D 41 50.72 -12.78 20.06
C VAL D 41 50.90 -12.61 21.56
N ILE D 42 51.46 -11.49 21.98
CA ILE D 42 51.66 -11.26 23.42
C ILE D 42 50.31 -11.23 24.14
N ALA D 43 49.32 -10.55 23.56
CA ALA D 43 48.00 -10.45 24.19
C ALA D 43 47.36 -11.82 24.33
N HIS D 44 47.46 -12.66 23.30
CA HIS D 44 46.89 -14.00 23.39
C HIS D 44 47.59 -14.85 24.45
N VAL D 45 48.91 -14.74 24.56
CA VAL D 45 49.63 -15.52 25.58
C VAL D 45 49.20 -15.09 26.97
N LEU D 46 49.08 -13.78 27.21
CA LEU D 46 48.63 -13.31 28.52
C LEU D 46 47.21 -13.77 28.82
N CYS D 47 46.31 -13.71 27.83
CA CYS D 47 44.94 -14.15 28.06
C CYS D 47 44.88 -15.64 28.38
N TRP D 48 45.70 -16.45 27.70
CA TRP D 48 45.72 -17.88 28.02
C TRP D 48 46.24 -18.12 29.43
N ALA D 49 47.30 -17.41 29.83
CA ALA D 49 47.79 -17.55 31.20
C ALA D 49 46.72 -17.15 32.21
N TRP D 50 45.84 -16.21 31.86
CA TRP D 50 44.74 -15.82 32.73
C TRP D 50 43.67 -16.91 32.77
N THR D 51 43.03 -17.17 31.64
CA THR D 51 41.95 -18.15 31.54
C THR D 51 41.99 -18.89 30.20
N PRO D 52 42.41 -20.15 30.18
CA PRO D 52 42.35 -20.92 28.92
C PRO D 52 40.92 -21.05 28.41
N TRP D 53 40.78 -20.96 27.09
CA TRP D 53 39.48 -21.02 26.43
C TRP D 53 39.23 -22.35 25.74
N ILE D 54 40.13 -23.31 25.88
CA ILE D 54 39.96 -24.64 25.30
C ILE D 54 40.07 -25.64 26.43
N ARG D 55 38.96 -26.31 26.73
CA ARG D 55 38.93 -27.27 27.82
C ARG D 55 38.31 -28.59 27.35
N GLN E 6 55.32 -6.30 -22.22
CA GLN E 6 53.94 -6.66 -21.89
C GLN E 6 53.86 -8.05 -21.27
N ASN E 7 54.39 -9.05 -21.96
CA ASN E 7 54.47 -10.41 -21.42
C ASN E 7 55.79 -11.03 -21.86
N ASP E 8 56.76 -11.05 -20.97
CA ASP E 8 58.06 -11.65 -21.20
C ASP E 8 58.42 -12.69 -20.15
N LEU E 9 57.99 -12.50 -18.91
CA LEU E 9 58.22 -13.49 -17.86
C LEU E 9 57.26 -14.67 -17.96
N VAL E 10 56.13 -14.50 -18.61
CA VAL E 10 55.13 -15.58 -18.69
C VAL E 10 55.65 -16.68 -19.59
N PRO E 11 55.49 -17.95 -19.21
CA PRO E 11 55.87 -19.04 -20.12
C PRO E 11 55.05 -19.03 -21.40
N ASP E 12 55.60 -19.66 -22.44
CA ASP E 12 54.96 -19.60 -23.75
C ASP E 12 53.57 -20.21 -23.73
N GLN E 13 53.35 -21.22 -22.90
CA GLN E 13 52.04 -21.89 -22.88
C GLN E 13 50.94 -20.95 -22.40
N TRP E 14 51.25 -20.09 -21.42
CA TRP E 14 50.24 -19.27 -20.78
C TRP E 14 50.27 -17.81 -21.24
N LYS E 15 50.92 -17.54 -22.36
CA LYS E 15 50.92 -16.19 -22.92
C LYS E 15 49.52 -15.64 -23.21
N PRO E 16 48.59 -16.41 -23.81
CA PRO E 16 47.28 -15.82 -24.14
C PRO E 16 46.41 -15.52 -22.93
N LEU E 17 46.84 -15.85 -21.72
CA LEU E 17 46.00 -15.69 -20.53
C LEU E 17 46.55 -14.73 -19.50
N PHE E 18 47.86 -14.48 -19.47
CA PHE E 18 48.46 -13.60 -18.48
C PHE E 18 49.39 -12.59 -19.17
N ASN E 19 49.48 -11.41 -18.59
CA ASN E 19 50.58 -10.49 -18.83
C ASN E 19 51.40 -10.40 -17.55
N ASN E 20 52.66 -9.98 -17.68
CA ASN E 20 53.61 -10.19 -16.59
C ASN E 20 53.29 -9.41 -15.32
N ALA E 21 52.36 -8.46 -15.37
CA ALA E 21 51.86 -7.84 -14.14
C ALA E 21 50.91 -8.76 -13.39
N GLU E 22 50.31 -9.74 -14.05
CA GLU E 22 49.41 -10.70 -13.41
C GLU E 22 50.08 -12.01 -13.05
N TRP E 23 51.18 -12.37 -13.71
CA TRP E 23 51.91 -13.58 -13.35
C TRP E 23 52.46 -13.49 -11.94
N LEU E 24 52.96 -12.30 -11.56
CA LEU E 24 53.50 -12.11 -10.21
C LEU E 24 52.40 -12.26 -9.15
N VAL E 25 51.25 -11.65 -9.39
CA VAL E 25 50.14 -11.74 -8.44
C VAL E 25 49.65 -13.18 -8.34
N HIS E 26 49.61 -13.89 -9.46
CA HIS E 26 49.24 -15.30 -9.44
C HIS E 26 50.21 -16.12 -8.59
N ASP E 27 51.51 -15.85 -8.72
CA ASP E 27 52.49 -16.55 -7.91
C ASP E 27 52.28 -16.29 -6.41
N ILE E 28 52.03 -15.02 -6.06
CA ILE E 28 51.75 -14.68 -4.67
C ILE E 28 50.54 -15.47 -4.16
N VAL E 29 49.48 -15.52 -4.97
CA VAL E 29 48.26 -16.20 -4.56
C VAL E 29 48.50 -17.68 -4.33
N VAL E 30 49.24 -18.34 -5.24
CA VAL E 30 49.42 -19.78 -5.08
C VAL E 30 50.28 -20.09 -3.86
N LYS E 31 51.30 -19.25 -3.58
CA LYS E 31 52.08 -19.47 -2.38
C LYS E 31 51.24 -19.29 -1.11
N THR E 32 50.39 -18.26 -1.09
CA THR E 32 49.51 -18.07 0.06
C THR E 32 48.57 -19.25 0.25
N ILE E 33 48.03 -19.79 -0.84
CA ILE E 33 47.12 -20.91 -0.75
C ILE E 33 47.83 -22.14 -0.19
N TYR E 34 49.07 -22.39 -0.63
CA TYR E 34 49.82 -23.53 -0.10
C TYR E 34 50.05 -23.39 1.41
N GLY E 35 50.47 -22.20 1.85
CA GLY E 35 50.67 -22.00 3.28
C GLY E 35 49.39 -22.19 4.09
N GLY E 36 48.29 -21.61 3.60
CA GLY E 36 47.02 -21.78 4.27
C GLY E 36 46.58 -23.23 4.35
N LEU E 37 46.82 -24.00 3.28
CA LEU E 37 46.43 -25.40 3.29
C LEU E 37 47.22 -26.19 4.32
N ILE E 38 48.53 -25.94 4.43
CA ILE E 38 49.32 -26.64 5.45
C ILE E 38 48.81 -26.31 6.84
N ILE E 39 48.54 -25.02 7.09
CA ILE E 39 48.04 -24.62 8.41
C ILE E 39 46.69 -25.29 8.68
N ALA E 40 45.81 -25.35 7.69
CA ALA E 40 44.50 -25.96 7.87
C ALA E 40 44.60 -27.44 8.21
N VAL E 41 45.51 -28.16 7.54
CA VAL E 41 45.69 -29.57 7.83
C VAL E 41 46.14 -29.77 9.28
N ILE E 42 47.11 -28.96 9.72
CA ILE E 42 47.59 -29.08 11.11
C ILE E 42 46.45 -28.79 12.08
N ALA E 43 45.67 -27.75 11.81
CA ALA E 43 44.56 -27.40 12.70
C ALA E 43 43.54 -28.50 12.81
N HIS E 44 43.20 -29.14 11.67
CA HIS E 44 42.24 -30.23 11.70
C HIS E 44 42.76 -31.43 12.49
N VAL E 45 44.05 -31.75 12.33
CA VAL E 45 44.62 -32.85 13.11
C VAL E 45 44.55 -32.56 14.60
N LEU E 46 44.90 -31.34 14.99
CA LEU E 46 44.83 -30.98 16.41
C LEU E 46 43.41 -31.04 16.95
N CYS E 47 42.44 -30.54 16.18
CA CYS E 47 41.05 -30.56 16.62
C CYS E 47 40.54 -31.99 16.76
N TRP E 48 40.92 -32.89 15.85
CA TRP E 48 40.51 -34.28 16.00
C TRP E 48 41.14 -34.91 17.22
N ALA E 49 42.40 -34.58 17.50
CA ALA E 49 43.03 -35.10 18.71
C ALA E 49 42.33 -34.59 19.95
N TRP E 50 41.78 -33.38 19.91
CA TRP E 50 41.08 -32.80 21.06
C TRP E 50 39.76 -33.52 21.32
N THR E 51 38.81 -33.40 20.39
CA THR E 51 37.54 -34.14 20.45
C THR E 51 37.10 -34.51 19.04
N PRO E 52 37.05 -35.80 18.70
CA PRO E 52 36.53 -36.19 17.38
C PRO E 52 35.09 -35.76 17.18
N TRP E 53 34.79 -35.33 15.96
CA TRP E 53 33.45 -34.86 15.60
C TRP E 53 32.63 -35.91 14.86
N ILE E 54 33.17 -37.10 14.66
CA ILE E 54 32.46 -38.21 14.01
C ILE E 54 32.44 -39.36 14.99
N ARG E 55 31.23 -39.82 15.34
CA ARG E 55 31.08 -40.92 16.28
C ARG E 55 30.09 -41.94 15.76
N GLN F 6 44.98 -17.50 -32.24
CA GLN F 6 43.67 -18.10 -32.05
C GLN F 6 43.47 -19.28 -33.00
N ASN F 7 42.82 -20.33 -32.50
CA ASN F 7 42.56 -21.55 -33.26
C ASN F 7 43.85 -22.17 -33.79
N ASP F 8 44.86 -22.22 -32.93
CA ASP F 8 46.15 -22.81 -33.28
C ASP F 8 46.41 -24.13 -32.55
N LEU F 9 46.25 -24.14 -31.23
CA LEU F 9 46.40 -25.37 -30.45
C LEU F 9 45.14 -26.23 -30.47
N VAL F 10 44.01 -25.68 -30.88
CA VAL F 10 42.75 -26.43 -30.87
C VAL F 10 42.78 -27.49 -31.95
N PRO F 11 42.34 -28.72 -31.67
CA PRO F 11 42.25 -29.73 -32.72
C PRO F 11 41.26 -29.32 -33.79
N ASP F 12 41.44 -29.91 -34.98
CA ASP F 12 40.65 -29.48 -36.14
C ASP F 12 39.17 -29.70 -35.94
N GLN F 13 38.79 -30.71 -35.16
CA GLN F 13 37.37 -31.01 -34.97
C GLN F 13 36.66 -29.92 -34.19
N TRP F 14 37.35 -29.31 -33.23
CA TRP F 14 36.74 -28.34 -32.32
C TRP F 14 37.15 -26.90 -32.64
N LYS F 15 37.69 -26.65 -33.82
CA LYS F 15 38.02 -25.29 -34.23
C LYS F 15 36.81 -24.35 -34.23
N PRO F 16 35.65 -24.72 -34.78
CA PRO F 16 34.53 -23.78 -34.83
C PRO F 16 33.85 -23.52 -33.49
N LEU F 17 34.39 -24.04 -32.38
CA LEU F 17 33.77 -23.88 -31.08
C LEU F 17 34.70 -23.32 -30.01
N PHE F 18 36.01 -23.52 -30.11
CA PHE F 18 36.92 -23.13 -29.05
C PHE F 18 37.97 -22.16 -29.57
N ASN F 19 38.83 -21.74 -28.65
CA ASN F 19 39.86 -20.74 -28.88
C ASN F 19 41.18 -21.26 -28.28
N ASN F 20 42.21 -20.43 -28.33
CA ASN F 20 43.46 -20.79 -27.67
C ASN F 20 43.33 -20.75 -26.16
N ALA F 21 42.74 -19.68 -25.62
CA ALA F 21 42.59 -19.55 -24.17
C ALA F 21 41.49 -20.47 -23.64
N GLU F 22 40.38 -20.56 -24.39
CA GLU F 22 39.25 -21.38 -23.94
C GLU F 22 39.62 -22.86 -23.91
N TRP F 23 40.50 -23.31 -24.81
CA TRP F 23 40.93 -24.71 -24.78
C TRP F 23 41.71 -25.01 -23.50
N LEU F 24 42.60 -24.11 -23.09
CA LEU F 24 43.37 -24.31 -21.87
C LEU F 24 42.47 -24.30 -20.64
N VAL F 25 41.56 -23.32 -20.58
CA VAL F 25 40.65 -23.26 -19.43
C VAL F 25 39.76 -24.49 -19.39
N HIS F 26 39.32 -24.98 -20.55
CA HIS F 26 38.51 -26.18 -20.61
C HIS F 26 39.27 -27.40 -20.11
N ASP F 27 40.55 -27.52 -20.47
CA ASP F 27 41.34 -28.65 -19.98
C ASP F 27 41.46 -28.61 -18.46
N ILE F 28 41.72 -27.42 -17.90
CA ILE F 28 41.77 -27.28 -16.45
C ILE F 28 40.45 -27.73 -15.82
N VAL F 29 39.33 -27.32 -16.42
CA VAL F 29 38.02 -27.65 -15.87
C VAL F 29 37.76 -29.15 -15.90
N VAL F 30 38.10 -29.83 -17.01
CA VAL F 30 37.81 -31.25 -17.09
C VAL F 30 38.67 -32.02 -16.09
N LYS F 31 39.92 -31.61 -15.89
CA LYS F 31 40.74 -32.27 -14.88
C LYS F 31 40.16 -32.07 -13.48
N THR F 32 39.71 -30.85 -13.18
CA THR F 32 39.11 -30.59 -11.87
C THR F 32 37.89 -31.47 -11.65
N ILE F 33 37.05 -31.62 -12.67
CA ILE F 33 35.83 -32.42 -12.53
C ILE F 33 36.17 -33.88 -12.30
N TYR F 34 37.19 -34.39 -13.01
CA TYR F 34 37.59 -35.78 -12.79
C TYR F 34 38.07 -36.01 -11.36
N GLY F 35 38.92 -35.12 -10.85
CA GLY F 35 39.39 -35.27 -9.48
C GLY F 35 38.26 -35.20 -8.46
N GLY F 36 37.35 -34.23 -8.64
CA GLY F 36 36.21 -34.13 -7.74
C GLY F 36 35.33 -35.36 -7.77
N LEU F 37 35.13 -35.95 -8.96
CA LEU F 37 34.32 -37.16 -9.05
C LEU F 37 34.95 -38.31 -8.29
N ILE F 38 36.26 -38.49 -8.43
CA ILE F 38 36.93 -39.58 -7.70
C ILE F 38 36.78 -39.38 -6.19
N ILE F 39 37.03 -38.16 -5.71
CA ILE F 39 36.95 -37.91 -4.28
C ILE F 39 35.52 -38.10 -3.77
N ALA F 40 34.53 -37.70 -4.57
CA ALA F 40 33.13 -37.86 -4.17
C ALA F 40 32.75 -39.33 -4.07
N VAL F 41 33.21 -40.15 -5.00
CA VAL F 41 32.92 -41.58 -4.92
C VAL F 41 33.51 -42.17 -3.64
N ILE F 42 34.75 -41.80 -3.32
CA ILE F 42 35.37 -42.31 -2.10
C ILE F 42 34.59 -41.87 -0.87
N ALA F 43 34.18 -40.61 -0.83
CA ALA F 43 33.44 -40.09 0.32
C ALA F 43 32.13 -40.83 0.52
N HIS F 44 31.40 -41.09 -0.56
CA HIS F 44 30.13 -41.80 -0.44
C HIS F 44 30.34 -43.23 0.05
N VAL F 45 31.37 -43.92 -0.45
CA VAL F 45 31.63 -45.28 0.00
C VAL F 45 31.95 -45.30 1.49
N LEU F 46 32.78 -44.36 1.94
CA LEU F 46 33.11 -44.30 3.37
C LEU F 46 31.88 -44.02 4.22
N CYS F 47 31.03 -43.09 3.78
CA CYS F 47 29.83 -42.77 4.56
C CYS F 47 28.87 -43.96 4.61
N TRP F 48 28.73 -44.71 3.52
CA TRP F 48 27.88 -45.90 3.56
C TRP F 48 28.46 -46.96 4.50
N ALA F 49 29.78 -47.13 4.50
CA ALA F 49 30.39 -48.05 5.45
C ALA F 49 30.13 -47.60 6.89
N TRP F 50 30.07 -46.29 7.12
CA TRP F 50 29.77 -45.78 8.45
C TRP F 50 28.32 -46.03 8.83
N THR F 51 27.38 -45.45 8.08
CA THR F 51 25.96 -45.55 8.38
C THR F 51 25.16 -45.56 7.08
N PRO F 52 24.69 -46.72 6.63
CA PRO F 52 23.83 -46.75 5.43
C PRO F 52 22.56 -45.93 5.62
N TRP F 53 22.23 -45.14 4.60
CA TRP F 53 21.09 -44.24 4.65
C TRP F 53 19.84 -44.81 3.99
N ILE F 54 19.89 -46.04 3.51
CA ILE F 54 18.75 -46.69 2.85
C ILE F 54 18.47 -47.98 3.60
N ARG F 55 17.23 -48.14 4.04
CA ARG F 55 16.82 -49.32 4.80
C ARG F 55 15.43 -49.78 4.38
N GLN G 6 31.97 -23.75 -42.59
CA GLN G 6 30.64 -23.39 -42.13
C GLN G 6 29.58 -24.10 -42.97
N ASN G 7 28.67 -24.82 -42.30
CA ASN G 7 27.56 -25.52 -42.95
C ASN G 7 28.08 -26.55 -43.95
N ASP G 8 29.20 -27.19 -43.61
CA ASP G 8 29.84 -28.17 -44.47
C ASP G 8 29.80 -29.58 -43.91
N LEU G 9 29.96 -29.74 -42.59
CA LEU G 9 29.89 -31.03 -41.95
C LEU G 9 28.46 -31.51 -41.75
N VAL G 10 27.47 -30.65 -41.96
CA VAL G 10 26.07 -31.05 -41.83
C VAL G 10 25.69 -31.97 -42.99
N PRO G 11 24.95 -33.04 -42.74
CA PRO G 11 24.49 -33.88 -43.85
C PRO G 11 23.54 -33.11 -44.77
N ASP G 12 23.29 -33.70 -45.94
CA ASP G 12 22.51 -33.01 -46.96
C ASP G 12 21.08 -32.76 -46.52
N GLN G 13 20.48 -33.72 -45.82
CA GLN G 13 19.07 -33.60 -45.44
C GLN G 13 18.84 -32.45 -44.47
N TRP G 14 19.76 -32.24 -43.52
CA TRP G 14 19.57 -31.28 -42.45
C TRP G 14 20.37 -30.00 -42.67
N LYS G 15 20.75 -29.69 -43.90
CA LYS G 15 21.44 -28.44 -44.19
C LYS G 15 20.61 -27.21 -43.84
N PRO G 16 19.33 -27.08 -44.18
CA PRO G 16 18.61 -25.83 -43.92
C PRO G 16 18.28 -25.57 -42.45
N LEU G 17 18.77 -26.38 -41.52
CA LEU G 17 18.43 -26.22 -40.11
C LEU G 17 19.62 -26.11 -39.17
N PHE G 18 20.78 -26.64 -39.52
CA PHE G 18 21.91 -26.70 -38.60
C PHE G 18 23.13 -26.01 -39.19
N ASN G 19 23.81 -25.25 -38.33
CA ASN G 19 25.10 -24.64 -38.64
C ASN G 19 26.19 -25.70 -38.51
N ASN G 20 27.45 -25.30 -38.66
CA ASN G 20 28.54 -26.26 -38.51
C ASN G 20 28.83 -26.59 -37.06
N ALA G 21 28.68 -25.62 -36.15
CA ALA G 21 28.91 -25.83 -34.73
C ALA G 21 27.67 -26.36 -34.00
N GLU G 22 26.49 -25.97 -34.45
CA GLU G 22 25.26 -26.48 -33.87
C GLU G 22 25.15 -27.99 -34.08
N TRP G 23 25.69 -28.51 -35.18
CA TRP G 23 25.71 -29.96 -35.39
C TRP G 23 26.53 -30.66 -34.32
N LEU G 24 27.69 -30.10 -33.97
CA LEU G 24 28.53 -30.70 -32.92
C LEU G 24 27.83 -30.63 -31.56
N VAL G 25 27.25 -29.48 -31.23
CA VAL G 25 26.55 -29.35 -29.96
C VAL G 25 25.37 -30.32 -29.89
N HIS G 26 24.65 -30.47 -31.02
CA HIS G 26 23.53 -31.39 -31.08
C HIS G 26 23.98 -32.83 -30.85
N ASP G 27 25.10 -33.22 -31.45
CA ASP G 27 25.59 -34.59 -31.25
C ASP G 27 25.94 -34.82 -29.78
N ILE G 28 26.58 -33.83 -29.15
CA ILE G 28 26.91 -33.96 -27.73
C ILE G 28 25.64 -34.14 -26.90
N VAL G 29 24.62 -33.34 -27.18
CA VAL G 29 23.36 -33.43 -26.43
C VAL G 29 22.71 -34.80 -26.62
N VAL G 30 22.75 -35.32 -27.86
CA VAL G 30 22.15 -36.63 -28.13
C VAL G 30 22.83 -37.72 -27.30
N LYS G 31 24.17 -37.73 -27.29
CA LYS G 31 24.88 -38.75 -26.52
C LYS G 31 24.61 -38.61 -25.02
N THR G 32 24.56 -37.37 -24.51
CA THR G 32 24.25 -37.16 -23.11
C THR G 32 22.87 -37.69 -22.76
N ILE G 33 21.89 -37.47 -23.62
CA ILE G 33 20.53 -37.94 -23.34
C ILE G 33 20.48 -39.46 -23.34
N TYR G 34 21.19 -40.11 -24.27
CA TYR G 34 21.22 -41.57 -24.27
C TYR G 34 21.81 -42.12 -22.98
N GLY G 35 22.93 -41.55 -22.53
CA GLY G 35 23.54 -42.01 -21.29
C GLY G 35 22.64 -41.79 -20.09
N GLY G 36 21.99 -40.62 -20.02
CA GLY G 36 21.08 -40.36 -18.92
C GLY G 36 19.89 -41.31 -18.91
N LEU G 37 19.38 -41.66 -20.09
CA LEU G 37 18.27 -42.61 -20.16
C LEU G 37 18.68 -43.98 -19.64
N ILE G 38 19.89 -44.44 -20.01
CA ILE G 38 20.35 -45.73 -19.51
C ILE G 38 20.45 -45.71 -17.98
N ILE G 39 21.05 -44.65 -17.45
CA ILE G 39 21.20 -44.56 -16.00
C ILE G 39 19.83 -44.52 -15.30
N ALA G 40 18.88 -43.79 -15.88
CA ALA G 40 17.55 -43.70 -15.30
C ALA G 40 16.84 -45.05 -15.28
N VAL G 41 16.98 -45.82 -16.36
CA VAL G 41 16.38 -47.15 -16.39
C VAL G 41 16.95 -48.02 -15.28
N ILE G 42 18.28 -48.00 -15.14
CA ILE G 42 18.90 -48.81 -14.08
C ILE G 42 18.40 -48.37 -12.71
N ALA G 43 18.31 -47.06 -12.47
CA ALA G 43 17.86 -46.56 -11.18
C ALA G 43 16.43 -46.98 -10.88
N HIS G 44 15.55 -46.94 -11.87
CA HIS G 44 14.17 -47.34 -11.65
C HIS G 44 14.06 -48.83 -11.35
N VAL G 45 14.86 -49.66 -12.04
CA VAL G 45 14.85 -51.09 -11.73
C VAL G 45 15.30 -51.34 -10.30
N LEU G 46 16.37 -50.66 -9.86
CA LEU G 46 16.85 -50.82 -8.50
C LEU G 46 15.83 -50.37 -7.47
N CYS G 47 15.16 -49.24 -7.73
CA CYS G 47 14.15 -48.75 -6.79
C CYS G 47 12.96 -49.69 -6.71
N TRP G 48 12.54 -50.29 -7.83
CA TRP G 48 11.48 -51.28 -7.76
C TRP G 48 11.91 -52.50 -6.98
N ALA G 49 13.15 -52.94 -7.15
CA ALA G 49 13.65 -54.06 -6.36
C ALA G 49 13.69 -53.71 -4.87
N TRP G 50 13.89 -52.44 -4.53
CA TRP G 50 13.91 -52.01 -3.14
C TRP G 50 12.51 -52.03 -2.52
N THR G 51 11.61 -51.17 -3.00
CA THR G 51 10.21 -51.13 -2.57
C THR G 51 9.32 -50.72 -3.73
N PRO G 52 8.47 -51.60 -4.23
CA PRO G 52 7.57 -51.23 -5.33
C PRO G 52 6.60 -50.13 -4.92
N TRP G 53 6.40 -49.17 -5.82
CA TRP G 53 5.54 -48.03 -5.58
C TRP G 53 4.10 -48.25 -6.02
N ILE G 54 3.82 -49.38 -6.68
CA ILE G 54 2.48 -49.73 -7.11
C ILE G 54 2.07 -50.99 -6.35
N ARG G 55 1.01 -50.87 -5.57
CA ARG G 55 0.49 -52.03 -4.84
C ARG G 55 -1.02 -52.16 -5.02
N GLN H 6 14.05 -23.67 -51.24
CA GLN H 6 12.85 -23.06 -50.68
C GLN H 6 11.73 -24.09 -50.59
N ASN H 7 10.89 -24.15 -51.61
CA ASN H 7 9.79 -25.13 -51.68
C ASN H 7 10.12 -26.10 -52.80
N ASP H 8 10.91 -27.13 -52.49
CA ASP H 8 11.27 -28.12 -53.49
C ASP H 8 11.08 -29.53 -52.95
N LEU H 9 11.16 -29.67 -51.63
CA LEU H 9 10.85 -30.94 -50.98
C LEU H 9 9.41 -31.03 -50.53
N VAL H 10 8.73 -29.89 -50.40
CA VAL H 10 7.30 -29.89 -50.04
C VAL H 10 6.48 -30.38 -51.23
N PRO H 11 5.47 -31.22 -51.02
CA PRO H 11 4.62 -31.63 -52.13
C PRO H 11 3.89 -30.44 -52.74
N ASP H 12 3.44 -30.63 -53.99
CA ASP H 12 2.82 -29.52 -54.72
C ASP H 12 1.57 -29.00 -54.04
N GLN H 13 0.88 -29.86 -53.28
CA GLN H 13 -0.36 -29.43 -52.63
C GLN H 13 -0.09 -28.50 -51.46
N TRP H 14 0.98 -28.75 -50.71
CA TRP H 14 1.26 -28.01 -49.49
C TRP H 14 2.36 -26.96 -49.65
N LYS H 15 2.74 -26.66 -50.90
CA LYS H 15 3.70 -25.59 -51.13
C LYS H 15 3.24 -24.22 -50.61
N PRO H 16 1.99 -23.79 -50.79
CA PRO H 16 1.61 -22.45 -50.29
C PRO H 16 1.59 -22.31 -48.78
N LEU H 17 2.01 -23.33 -48.03
CA LEU H 17 1.96 -23.30 -46.58
C LEU H 17 3.28 -23.59 -45.89
N PHE H 18 4.13 -24.43 -46.46
CA PHE H 18 5.32 -24.91 -45.79
C PHE H 18 6.59 -24.52 -46.55
N ASN H 19 7.72 -24.69 -45.87
CA ASN H 19 9.07 -24.54 -46.40
C ASN H 19 9.78 -25.89 -46.34
N ASN H 20 11.07 -25.89 -46.61
CA ASN H 20 11.88 -27.10 -46.43
C ASN H 20 12.05 -27.41 -44.95
N ALA H 21 12.56 -26.43 -44.19
CA ALA H 21 12.79 -26.63 -42.77
C ALA H 21 11.48 -26.90 -42.03
N GLU H 22 10.43 -26.16 -42.38
CA GLU H 22 9.14 -26.35 -41.73
C GLU H 22 8.56 -27.72 -42.06
N TRP H 23 8.74 -28.19 -43.29
CA TRP H 23 8.27 -29.54 -43.63
C TRP H 23 9.02 -30.61 -42.83
N LEU H 24 10.34 -30.45 -42.68
CA LEU H 24 11.11 -31.42 -41.91
C LEU H 24 10.67 -31.43 -40.44
N VAL H 25 10.51 -30.25 -39.85
CA VAL H 25 10.10 -30.19 -38.45
C VAL H 25 8.69 -30.75 -38.28
N HIS H 26 7.80 -30.50 -39.26
CA HIS H 26 6.46 -31.04 -39.21
C HIS H 26 6.48 -32.57 -39.24
N ASP H 27 7.33 -33.16 -40.07
CA ASP H 27 7.42 -34.61 -40.11
C ASP H 27 7.89 -35.17 -38.77
N ILE H 28 8.90 -34.53 -38.17
CA ILE H 28 9.35 -34.94 -36.84
C ILE H 28 8.20 -34.89 -35.85
N VAL H 29 7.42 -33.80 -35.87
CA VAL H 29 6.36 -33.60 -34.91
C VAL H 29 5.27 -34.66 -35.06
N VAL H 30 4.90 -34.98 -36.30
CA VAL H 30 3.81 -35.95 -36.48
C VAL H 30 4.26 -37.34 -36.04
N LYS H 31 5.51 -37.70 -36.31
CA LYS H 31 6.00 -39.00 -35.82
C LYS H 31 6.00 -39.05 -34.30
N THR H 32 6.45 -37.97 -33.66
CA THR H 32 6.43 -37.91 -32.20
C THR H 32 5.02 -38.06 -31.65
N ILE H 33 4.04 -37.40 -32.27
CA ILE H 33 2.67 -37.47 -31.80
C ILE H 33 2.10 -38.87 -31.96
N TYR H 34 2.40 -39.55 -33.07
CA TYR H 34 1.94 -40.92 -33.24
C TYR H 34 2.49 -41.83 -32.15
N GLY H 35 3.80 -41.75 -31.89
CA GLY H 35 4.39 -42.56 -30.84
C GLY H 35 3.77 -42.28 -29.47
N GLY H 36 3.59 -41.00 -29.15
CA GLY H 36 2.99 -40.65 -27.88
C GLY H 36 1.56 -41.16 -27.74
N LEU H 37 0.79 -41.12 -28.83
CA LEU H 37 -0.57 -41.64 -28.77
C LEU H 37 -0.59 -43.15 -28.50
N ILE H 38 0.30 -43.89 -29.16
CA ILE H 38 0.35 -45.34 -28.94
C ILE H 38 0.70 -45.64 -27.49
N ILE H 39 1.70 -44.95 -26.95
CA ILE H 39 2.11 -45.18 -25.57
C ILE H 39 0.99 -44.82 -24.60
N ALA H 40 0.27 -43.72 -24.87
CA ALA H 40 -0.82 -43.32 -23.99
C ALA H 40 -1.96 -44.34 -24.00
N VAL H 41 -2.28 -44.90 -25.16
CA VAL H 41 -3.31 -45.93 -25.23
C VAL H 41 -2.92 -47.14 -24.40
N ILE H 42 -1.66 -47.59 -24.53
CA ILE H 42 -1.22 -48.76 -23.77
C ILE H 42 -1.26 -48.46 -22.27
N ALA H 43 -0.84 -47.27 -21.87
CA ALA H 43 -0.85 -46.90 -20.45
C ALA H 43 -2.26 -46.88 -19.89
N HIS H 44 -3.23 -46.37 -20.66
CA HIS H 44 -4.60 -46.35 -20.19
C HIS H 44 -5.16 -47.76 -20.04
N VAL H 45 -4.85 -48.66 -20.99
CA VAL H 45 -5.32 -50.03 -20.87
C VAL H 45 -4.74 -50.70 -19.63
N LEU H 46 -3.44 -50.49 -19.37
CA LEU H 46 -2.83 -51.08 -18.18
C LEU H 46 -3.45 -50.54 -16.90
N CYS H 47 -3.72 -49.22 -16.85
CA CYS H 47 -4.33 -48.65 -15.66
C CYS H 47 -5.74 -49.19 -15.43
N TRP H 48 -6.52 -49.37 -16.50
CA TRP H 48 -7.85 -49.94 -16.33
C TRP H 48 -7.77 -51.39 -15.84
N ALA H 49 -6.81 -52.15 -16.37
CA ALA H 49 -6.62 -53.51 -15.87
C ALA H 49 -6.19 -53.52 -14.41
N TRP H 50 -5.52 -52.46 -13.97
CA TRP H 50 -5.12 -52.33 -12.56
C TRP H 50 -6.31 -51.98 -11.67
N THR H 51 -6.92 -50.82 -11.91
CA THR H 51 -8.03 -50.32 -11.09
C THR H 51 -8.96 -49.45 -11.92
N PRO H 52 -10.16 -49.94 -12.26
CA PRO H 52 -11.07 -49.14 -13.08
C PRO H 52 -11.60 -47.93 -12.34
N TRP H 53 -11.58 -46.78 -13.02
CA TRP H 53 -11.95 -45.51 -12.41
C TRP H 53 -13.41 -45.14 -12.63
N ILE H 54 -14.17 -45.99 -13.32
CA ILE H 54 -15.59 -45.76 -13.58
C ILE H 54 -16.37 -46.89 -12.94
N ARG H 55 -17.33 -46.54 -12.08
CA ARG H 55 -18.17 -47.53 -11.42
C ARG H 55 -19.62 -47.08 -11.41
N GLN I 6 -2.61 -17.58 -56.28
CA GLN I 6 -3.67 -17.27 -55.33
C GLN I 6 -5.02 -17.18 -56.03
N ASN I 7 -6.09 -17.47 -55.28
CA ASN I 7 -7.45 -17.43 -55.81
C ASN I 7 -7.59 -18.31 -57.05
N ASP I 8 -6.92 -19.46 -57.02
CA ASP I 8 -6.88 -20.38 -58.15
C ASP I 8 -7.72 -21.62 -57.92
N LEU I 9 -7.58 -22.26 -56.76
CA LEU I 9 -8.37 -23.44 -56.44
C LEU I 9 -9.70 -23.08 -55.77
N VAL I 10 -9.90 -21.82 -55.41
CA VAL I 10 -11.15 -21.40 -54.76
C VAL I 10 -12.28 -21.41 -55.79
N PRO I 11 -13.46 -21.92 -55.44
CA PRO I 11 -14.61 -21.79 -56.35
C PRO I 11 -14.98 -20.33 -56.55
N ASP I 12 -15.59 -20.07 -57.71
CA ASP I 12 -15.85 -18.69 -58.11
C ASP I 12 -16.80 -17.97 -57.15
N GLN I 13 -17.63 -18.73 -56.45
CA GLN I 13 -18.57 -18.12 -55.51
C GLN I 13 -17.84 -17.47 -54.34
N TRP I 14 -16.79 -18.10 -53.84
CA TRP I 14 -16.14 -17.70 -52.60
C TRP I 14 -14.82 -16.98 -52.81
N LYS I 15 -14.58 -16.46 -54.01
CA LYS I 15 -13.34 -15.74 -54.29
C LYS I 15 -13.15 -14.50 -53.41
N PRO I 16 -14.16 -13.63 -53.21
CA PRO I 16 -13.90 -12.41 -52.42
C PRO I 16 -13.72 -12.64 -50.93
N LEU I 17 -13.71 -13.90 -50.47
CA LEU I 17 -13.58 -14.20 -49.05
C LEU I 17 -12.38 -15.09 -48.72
N PHE I 18 -12.00 -15.99 -49.61
CA PHE I 18 -10.99 -17.00 -49.32
C PHE I 18 -9.78 -16.83 -50.24
N ASN I 19 -8.81 -17.72 -50.04
CA ASN I 19 -7.55 -17.73 -50.74
C ASN I 19 -7.18 -19.18 -51.00
N ASN I 20 -5.93 -19.45 -51.39
CA ASN I 20 -5.49 -20.82 -51.56
C ASN I 20 -5.15 -21.47 -50.23
N ALA I 21 -4.23 -20.83 -49.48
CA ALA I 21 -3.86 -21.34 -48.17
C ALA I 21 -5.06 -21.38 -47.24
N GLU I 22 -5.90 -20.34 -47.28
CA GLU I 22 -7.08 -20.30 -46.44
C GLU I 22 -8.08 -21.38 -46.82
N TRP I 23 -8.21 -21.67 -48.11
CA TRP I 23 -9.10 -22.75 -48.53
C TRP I 23 -8.60 -24.10 -48.02
N LEU I 24 -7.29 -24.35 -48.09
CA LEU I 24 -6.74 -25.60 -47.56
C LEU I 24 -6.95 -25.72 -46.06
N VAL I 25 -6.67 -24.65 -45.31
CA VAL I 25 -6.88 -24.67 -43.88
C VAL I 25 -8.36 -24.87 -43.54
N HIS I 26 -9.24 -24.28 -44.34
CA HIS I 26 -10.68 -24.44 -44.14
C HIS I 26 -11.10 -25.89 -44.30
N ASP I 27 -10.55 -26.58 -45.32
CA ASP I 27 -10.87 -27.99 -45.49
C ASP I 27 -10.39 -28.82 -44.31
N ILE I 28 -9.18 -28.54 -43.82
CA ILE I 28 -8.68 -29.25 -42.64
C ILE I 28 -9.62 -29.04 -41.47
N VAL I 29 -10.07 -27.79 -41.26
CA VAL I 29 -10.92 -27.46 -40.12
C VAL I 29 -12.25 -28.19 -40.21
N VAL I 30 -12.87 -28.24 -41.40
CA VAL I 30 -14.18 -28.86 -41.49
C VAL I 30 -14.08 -30.37 -41.29
N LYS I 31 -13.02 -31.00 -41.79
CA LYS I 31 -12.84 -32.43 -41.54
C LYS I 31 -12.64 -32.71 -40.06
N THR I 32 -11.84 -31.87 -39.38
CA THR I 32 -11.65 -32.05 -37.94
C THR I 32 -12.95 -31.92 -37.18
N ILE I 33 -13.78 -30.94 -37.55
CA ILE I 33 -15.05 -30.74 -36.86
C ILE I 33 -15.97 -31.94 -37.05
N TYR I 34 -16.03 -32.49 -38.27
CA TYR I 34 -16.89 -33.66 -38.49
C TYR I 34 -16.43 -34.86 -37.66
N GLY I 35 -15.12 -35.11 -37.63
CA GLY I 35 -14.62 -36.22 -36.82
C GLY I 35 -14.92 -36.03 -35.35
N GLY I 36 -14.72 -34.81 -34.85
CA GLY I 36 -15.03 -34.54 -33.44
C GLY I 36 -16.49 -34.73 -33.12
N LEU I 37 -17.38 -34.32 -34.02
CA LEU I 37 -18.81 -34.51 -33.78
C LEU I 37 -19.18 -35.98 -33.71
N ILE I 38 -18.61 -36.80 -34.60
CA ILE I 38 -18.90 -38.23 -34.53
C ILE I 38 -18.42 -38.83 -33.22
N ILE I 39 -17.20 -38.49 -32.81
CA ILE I 39 -16.68 -39.00 -31.54
C ILE I 39 -17.55 -38.53 -30.37
N ALA I 40 -18.03 -37.29 -30.43
CA ALA I 40 -18.86 -36.76 -29.34
C ALA I 40 -20.20 -37.48 -29.25
N VAL I 41 -20.80 -37.81 -30.39
CA VAL I 41 -22.05 -38.57 -30.36
C VAL I 41 -21.82 -39.93 -29.72
N ILE I 42 -20.73 -40.60 -30.10
CA ILE I 42 -20.45 -41.91 -29.49
C ILE I 42 -20.26 -41.77 -27.99
N ALA I 43 -19.52 -40.75 -27.55
CA ALA I 43 -19.27 -40.56 -26.13
C ALA I 43 -20.56 -40.32 -25.35
N HIS I 44 -21.46 -39.52 -25.92
CA HIS I 44 -22.73 -39.27 -25.24
C HIS I 44 -23.57 -40.52 -25.12
N VAL I 45 -23.61 -41.34 -26.17
CA VAL I 45 -24.36 -42.60 -26.09
C VAL I 45 -23.77 -43.50 -25.01
N LEU I 46 -22.44 -43.61 -24.97
CA LEU I 46 -21.80 -44.45 -23.95
C LEU I 46 -22.10 -43.96 -22.54
N CYS I 47 -22.03 -42.64 -22.32
CA CYS I 47 -22.33 -42.10 -20.99
C CYS I 47 -23.78 -42.36 -20.60
N TRP I 48 -24.72 -42.22 -21.54
CA TRP I 48 -26.11 -42.51 -21.22
C TRP I 48 -26.31 -43.97 -20.87
N ALA I 49 -25.60 -44.86 -21.57
CA ALA I 49 -25.68 -46.28 -21.21
C ALA I 49 -25.14 -46.51 -19.81
N TRP I 50 -24.06 -45.81 -19.44
CA TRP I 50 -23.52 -45.90 -18.08
C TRP I 50 -24.52 -45.42 -17.03
N THR I 51 -24.84 -44.12 -17.02
CA THR I 51 -25.79 -43.54 -16.07
C THR I 51 -26.59 -42.41 -16.73
N PRO I 52 -27.89 -42.57 -16.91
CA PRO I 52 -28.69 -41.49 -17.50
C PRO I 52 -28.73 -40.26 -16.61
N TRP I 53 -28.57 -39.09 -17.23
CA TRP I 53 -28.49 -37.82 -16.53
C TRP I 53 -29.83 -37.09 -16.47
N ILE I 54 -30.87 -37.65 -17.08
CA ILE I 54 -32.21 -37.07 -17.05
C ILE I 54 -33.11 -38.06 -16.32
N ARG I 55 -33.58 -37.67 -15.15
CA ARG I 55 -34.43 -38.55 -14.35
C ARG I 55 -35.72 -37.86 -13.97
N GLN J 6 -18.95 -5.24 -57.74
CA GLN J 6 -19.03 -6.17 -56.63
C GLN J 6 -20.44 -6.19 -56.04
N ASN J 7 -21.40 -5.65 -56.80
CA ASN J 7 -22.83 -5.72 -56.48
C ASN J 7 -23.52 -6.32 -57.69
N ASP J 8 -23.55 -7.65 -57.79
CA ASP J 8 -24.25 -8.27 -58.91
C ASP J 8 -25.11 -9.43 -58.42
N LEU J 9 -24.85 -9.89 -57.20
CA LEU J 9 -25.70 -10.90 -56.58
C LEU J 9 -26.76 -10.29 -55.66
N VAL J 10 -26.53 -9.08 -55.19
CA VAL J 10 -27.48 -8.43 -54.26
C VAL J 10 -28.69 -7.94 -55.06
N PRO J 11 -29.90 -8.11 -54.55
CA PRO J 11 -31.06 -7.50 -55.21
C PRO J 11 -30.96 -5.99 -55.22
N ASP J 12 -31.62 -5.38 -56.21
CA ASP J 12 -31.51 -3.94 -56.41
C ASP J 12 -32.01 -3.15 -55.22
N GLN J 13 -32.88 -3.74 -54.40
CA GLN J 13 -33.41 -3.02 -53.24
C GLN J 13 -32.36 -2.86 -52.16
N TRP J 14 -31.46 -3.84 -52.02
CA TRP J 14 -30.49 -3.87 -50.92
C TRP J 14 -29.07 -3.55 -51.38
N LYS J 15 -28.92 -2.98 -52.57
CA LYS J 15 -27.60 -2.53 -53.01
C LYS J 15 -26.97 -1.49 -52.07
N PRO J 16 -27.70 -0.48 -51.55
CA PRO J 16 -27.03 0.51 -50.70
C PRO J 16 -26.64 0.00 -49.32
N LEU J 17 -26.78 -1.30 -49.07
CA LEU J 17 -26.49 -1.86 -47.76
C LEU J 17 -25.63 -3.11 -47.78
N PHE J 18 -25.57 -3.86 -48.87
CA PHE J 18 -24.89 -5.15 -48.89
C PHE J 18 -23.90 -5.23 -50.05
N ASN J 19 -22.96 -6.14 -49.88
CA ASN J 19 -21.92 -6.48 -50.84
C ASN J 19 -22.15 -7.92 -51.32
N ASN J 20 -21.24 -8.42 -52.15
CA ASN J 20 -21.31 -9.83 -52.52
C ASN J 20 -20.96 -10.73 -51.34
N ALA J 21 -19.82 -10.45 -50.70
CA ALA J 21 -19.39 -11.25 -49.55
C ALA J 21 -20.37 -11.10 -48.40
N GLU J 22 -20.84 -9.88 -48.16
CA GLU J 22 -21.79 -9.66 -47.07
C GLU J 22 -23.11 -10.36 -47.36
N TRP J 23 -23.54 -10.38 -48.62
CA TRP J 23 -24.77 -11.09 -48.98
C TRP J 23 -24.62 -12.59 -48.76
N LEU J 24 -23.46 -13.16 -49.11
CA LEU J 24 -23.25 -14.58 -48.85
C LEU J 24 -23.28 -14.90 -47.36
N VAL J 25 -22.57 -14.10 -46.56
CA VAL J 25 -22.55 -14.36 -45.12
C VAL J 25 -23.94 -14.15 -44.52
N HIS J 26 -24.71 -13.19 -45.05
CA HIS J 26 -26.07 -12.98 -44.57
C HIS J 26 -26.94 -14.20 -44.86
N ASP J 27 -26.79 -14.80 -46.03
CA ASP J 27 -27.54 -16.01 -46.33
C ASP J 27 -27.20 -17.12 -45.36
N ILE J 28 -25.90 -17.29 -45.06
CA ILE J 28 -25.49 -18.28 -44.08
C ILE J 28 -26.16 -18.02 -42.73
N VAL J 29 -26.16 -16.76 -42.29
CA VAL J 29 -26.70 -16.42 -40.97
C VAL J 29 -28.19 -16.69 -40.90
N VAL J 30 -28.94 -16.32 -41.94
CA VAL J 30 -30.39 -16.54 -41.88
C VAL J 30 -30.71 -18.02 -41.88
N LYS J 31 -29.97 -18.82 -42.65
CA LYS J 31 -30.20 -20.26 -42.62
C LYS J 31 -29.90 -20.85 -41.25
N THR J 32 -28.81 -20.40 -40.61
CA THR J 32 -28.46 -20.90 -39.29
C THR J 32 -29.52 -20.55 -38.26
N ILE J 33 -30.06 -19.33 -38.32
CA ILE J 33 -31.09 -18.92 -37.37
C ILE J 33 -32.36 -19.73 -37.56
N TYR J 34 -32.77 -19.94 -38.82
CA TYR J 34 -33.94 -20.77 -39.08
C TYR J 34 -33.75 -22.18 -38.56
N GLY J 35 -32.56 -22.74 -38.74
CA GLY J 35 -32.29 -24.07 -38.20
C GLY J 35 -32.34 -24.12 -36.68
N GLY J 36 -31.79 -23.09 -36.02
CA GLY J 36 -31.76 -23.09 -34.56
C GLY J 36 -33.14 -22.92 -33.94
N LEU J 37 -34.02 -22.16 -34.59
CA LEU J 37 -35.34 -21.91 -34.02
C LEU J 37 -36.15 -23.21 -33.88
N ILE J 38 -36.09 -24.08 -34.90
CA ILE J 38 -36.86 -25.32 -34.85
C ILE J 38 -36.38 -26.22 -33.72
N ILE J 39 -35.06 -26.33 -33.56
CA ILE J 39 -34.49 -27.13 -32.49
C ILE J 39 -34.88 -26.56 -31.13
N ALA J 40 -34.91 -25.23 -31.01
CA ALA J 40 -35.32 -24.61 -29.75
C ALA J 40 -36.77 -24.94 -29.43
N VAL J 41 -37.65 -24.89 -30.43
CA VAL J 41 -39.06 -25.21 -30.21
C VAL J 41 -39.21 -26.67 -29.77
N ILE J 42 -38.50 -27.58 -30.43
CA ILE J 42 -38.58 -28.99 -30.07
C ILE J 42 -38.08 -29.20 -28.64
N ALA J 43 -36.98 -28.55 -28.27
CA ALA J 43 -36.43 -28.69 -26.93
C ALA J 43 -37.41 -28.22 -25.87
N HIS J 44 -38.08 -27.10 -26.12
CA HIS J 44 -39.05 -26.59 -25.15
C HIS J 44 -40.25 -27.52 -25.03
N VAL J 45 -40.73 -28.07 -26.14
CA VAL J 45 -41.85 -29.00 -26.07
C VAL J 45 -41.47 -30.26 -25.28
N LEU J 46 -40.26 -30.78 -25.52
CA LEU J 46 -39.80 -31.96 -24.78
C LEU J 46 -39.66 -31.66 -23.30
N CYS J 47 -39.13 -30.49 -22.94
CA CYS J 47 -38.96 -30.15 -21.53
C CYS J 47 -40.31 -29.95 -20.84
N TRP J 48 -41.31 -29.41 -21.56
CA TRP J 48 -42.64 -29.33 -20.97
C TRP J 48 -43.26 -30.71 -20.78
N ALA J 49 -43.05 -31.62 -21.74
CA ALA J 49 -43.52 -32.98 -21.55
C ALA J 49 -42.83 -33.65 -20.38
N TRP J 50 -41.59 -33.28 -20.09
CA TRP J 50 -40.85 -33.85 -18.97
C TRP J 50 -41.40 -33.36 -17.63
N THR J 51 -41.26 -32.06 -17.34
CA THR J 51 -41.83 -31.43 -16.15
C THR J 51 -42.24 -30.00 -16.50
N PRO J 52 -43.53 -29.66 -16.47
CA PRO J 52 -43.93 -28.27 -16.72
C PRO J 52 -43.36 -27.32 -15.67
N TRP J 53 -43.00 -26.12 -16.13
CA TRP J 53 -42.40 -25.10 -15.27
C TRP J 53 -43.40 -24.04 -14.85
N ILE J 54 -44.66 -24.16 -15.21
CA ILE J 54 -45.71 -23.22 -14.83
C ILE J 54 -46.82 -24.01 -14.16
N ARG J 55 -47.19 -23.60 -12.96
CA ARG J 55 -48.24 -24.27 -12.21
C ARG J 55 -49.21 -23.25 -11.60
N GLN K 6 -29.32 9.60 -53.46
CA GLN K 6 -29.00 9.45 -52.04
C GLN K 6 -30.21 9.72 -51.17
N ASN K 7 -31.09 10.61 -51.65
CA ASN K 7 -32.28 11.01 -50.92
C ASN K 7 -33.56 10.79 -51.73
N ASP K 8 -33.52 9.92 -52.74
CA ASP K 8 -34.68 9.77 -53.61
C ASP K 8 -35.83 9.07 -52.91
N LEU K 9 -35.54 7.99 -52.18
CA LEU K 9 -36.60 7.24 -51.52
C LEU K 9 -37.17 7.99 -50.33
N VAL K 10 -36.37 8.82 -49.68
CA VAL K 10 -36.83 9.56 -48.49
C VAL K 10 -37.90 10.56 -48.91
N PRO K 11 -39.01 10.65 -48.19
CA PRO K 11 -40.01 11.68 -48.50
C PRO K 11 -39.45 13.07 -48.27
N ASP K 12 -40.10 14.06 -48.89
CA ASP K 12 -39.59 15.42 -48.88
C ASP K 12 -39.49 15.98 -47.48
N GLN K 13 -40.37 15.55 -46.57
CA GLN K 13 -40.36 16.11 -45.23
C GLN K 13 -39.13 15.70 -44.45
N TRP K 14 -38.66 14.46 -44.64
CA TRP K 14 -37.60 13.88 -43.83
C TRP K 14 -36.25 13.84 -44.55
N LYS K 15 -36.13 14.53 -45.68
CA LYS K 15 -34.86 14.59 -46.39
C LYS K 15 -33.70 15.08 -45.54
N PRO K 16 -33.82 16.13 -44.73
CA PRO K 16 -32.68 16.60 -43.94
C PRO K 16 -32.20 15.65 -42.85
N LEU K 17 -32.84 14.50 -42.67
CA LEU K 17 -32.49 13.59 -41.59
C LEU K 17 -32.12 12.19 -42.02
N PHE K 18 -32.51 11.74 -43.21
CA PHE K 18 -32.33 10.34 -43.60
C PHE K 18 -31.72 10.23 -45.00
N ASN K 19 -31.11 9.08 -45.25
CA ASN K 19 -30.63 8.60 -46.53
C ASN K 19 -31.57 7.51 -47.04
N ASN K 20 -31.17 6.86 -48.14
CA ASN K 20 -31.87 5.64 -48.57
C ASN K 20 -31.57 4.48 -47.62
N ALA K 21 -30.30 4.29 -47.27
CA ALA K 21 -29.92 3.20 -46.39
C ALA K 21 -30.55 3.36 -45.00
N GLU K 22 -30.49 4.56 -44.44
CA GLU K 22 -31.08 4.79 -43.13
C GLU K 22 -32.59 4.67 -43.19
N TRP K 23 -33.20 5.04 -44.31
CA TRP K 23 -34.64 4.88 -44.47
C TRP K 23 -35.04 3.40 -44.47
N LEU K 24 -34.27 2.57 -45.17
CA LEU K 24 -34.55 1.14 -45.18
C LEU K 24 -34.39 0.54 -43.78
N VAL K 25 -33.31 0.89 -43.09
CA VAL K 25 -33.09 0.36 -41.74
C VAL K 25 -34.19 0.83 -40.79
N HIS K 26 -34.62 2.08 -40.94
CA HIS K 26 -35.69 2.62 -40.09
C HIS K 26 -37.00 1.87 -40.32
N ASP K 27 -37.31 1.55 -41.58
CA ASP K 27 -38.52 0.77 -41.84
C ASP K 27 -38.45 -0.61 -41.18
N ILE K 28 -37.29 -1.26 -41.28
CA ILE K 28 -37.12 -2.54 -40.59
C ILE K 28 -37.38 -2.39 -39.10
N VAL K 29 -36.82 -1.35 -38.49
CA VAL K 29 -36.94 -1.15 -37.05
C VAL K 29 -38.40 -0.95 -36.65
N VAL K 30 -39.13 -0.12 -37.40
CA VAL K 30 -40.51 0.16 -36.99
C VAL K 30 -41.37 -1.09 -37.12
N LYS K 31 -41.14 -1.90 -38.16
CA LYS K 31 -41.93 -3.13 -38.28
C LYS K 31 -41.62 -4.11 -37.15
N THR K 32 -40.34 -4.23 -36.77
CA THR K 32 -39.99 -5.09 -35.64
C THR K 32 -40.65 -4.62 -34.36
N ILE K 33 -40.68 -3.30 -34.12
CA ILE K 33 -41.28 -2.77 -32.91
C ILE K 33 -42.78 -3.07 -32.88
N TYR K 34 -43.46 -2.92 -34.02
CA TYR K 34 -44.89 -3.23 -34.06
C TYR K 34 -45.16 -4.70 -33.73
N GLY K 35 -44.38 -5.60 -34.32
CA GLY K 35 -44.55 -7.02 -34.00
C GLY K 35 -44.32 -7.31 -32.53
N GLY K 36 -43.26 -6.73 -31.97
CA GLY K 36 -42.99 -6.94 -30.56
C GLY K 36 -44.09 -6.43 -29.65
N LEU K 37 -44.68 -5.28 -30.00
CA LEU K 37 -45.77 -4.74 -29.19
C LEU K 37 -46.98 -5.66 -29.22
N ILE K 38 -47.31 -6.21 -30.39
CA ILE K 38 -48.43 -7.15 -30.47
C ILE K 38 -48.18 -8.36 -29.56
N ILE K 39 -46.97 -8.92 -29.65
CA ILE K 39 -46.65 -10.10 -28.83
C ILE K 39 -46.73 -9.76 -27.35
N ALA K 40 -46.24 -8.58 -26.96
CA ALA K 40 -46.26 -8.18 -25.55
C ALA K 40 -47.68 -8.03 -25.02
N VAL K 41 -48.58 -7.46 -25.83
CA VAL K 41 -49.97 -7.36 -25.40
C VAL K 41 -50.56 -8.74 -25.15
N ILE K 42 -50.32 -9.67 -26.08
CA ILE K 42 -50.84 -11.03 -25.89
C ILE K 42 -50.28 -11.66 -24.62
N ALA K 43 -48.97 -11.50 -24.39
CA ALA K 43 -48.34 -12.11 -23.22
C ALA K 43 -48.91 -11.56 -21.93
N HIS K 44 -49.15 -10.24 -21.87
CA HIS K 44 -49.73 -9.66 -20.67
C HIS K 44 -51.14 -10.18 -20.42
N VAL K 45 -51.94 -10.30 -21.48
CA VAL K 45 -53.30 -10.82 -21.30
C VAL K 45 -53.26 -12.24 -20.76
N LEU K 46 -52.39 -13.08 -21.31
CA LEU K 46 -52.26 -14.45 -20.82
C LEU K 46 -51.83 -14.47 -19.34
N CYS K 47 -50.86 -13.65 -18.97
CA CYS K 47 -50.38 -13.65 -17.59
C CYS K 47 -51.46 -13.20 -16.62
N TRP K 48 -52.27 -12.18 -17.00
CA TRP K 48 -53.35 -11.77 -16.12
C TRP K 48 -54.41 -12.87 -16.00
N ALA K 49 -54.69 -13.57 -17.10
CA ALA K 49 -55.60 -14.72 -17.00
C ALA K 49 -55.05 -15.78 -16.06
N TRP K 50 -53.73 -15.94 -16.01
CA TRP K 50 -53.08 -16.91 -15.13
C TRP K 50 -53.21 -16.50 -13.66
N THR K 51 -52.59 -15.39 -13.28
CA THR K 51 -52.73 -14.81 -11.93
C THR K 51 -52.65 -13.29 -12.00
N PRO K 52 -53.72 -12.58 -11.66
CA PRO K 52 -53.64 -11.11 -11.61
C PRO K 52 -52.61 -10.62 -10.60
N TRP K 53 -51.87 -9.58 -11.00
CA TRP K 53 -50.83 -9.00 -10.17
C TRP K 53 -51.30 -7.81 -9.36
N ILE K 54 -52.59 -7.48 -9.44
CA ILE K 54 -53.18 -6.40 -8.66
C ILE K 54 -54.32 -6.98 -7.86
N ARG K 55 -54.29 -6.80 -6.55
CA ARG K 55 -55.34 -7.32 -5.68
C ARG K 55 -55.79 -6.27 -4.68
N GLN L 6 -31.49 26.39 -44.73
CA GLN L 6 -31.33 25.86 -43.38
C GLN L 6 -32.45 26.33 -42.47
N ASN L 7 -32.40 27.60 -42.08
CA ASN L 7 -33.36 28.17 -41.13
C ASN L 7 -34.60 28.65 -41.88
N ASP L 8 -35.20 27.73 -42.64
CA ASP L 8 -36.33 28.05 -43.50
C ASP L 8 -37.67 27.68 -42.89
N LEU L 9 -37.79 26.47 -42.33
CA LEU L 9 -39.03 26.09 -41.67
C LEU L 9 -39.14 26.64 -40.25
N VAL L 10 -38.03 27.13 -39.70
CA VAL L 10 -38.06 27.73 -38.36
C VAL L 10 -38.78 29.07 -38.42
N PRO L 11 -39.68 29.38 -37.48
CA PRO L 11 -40.28 30.72 -37.45
C PRO L 11 -39.23 31.78 -37.19
N ASP L 12 -39.60 33.02 -37.51
CA ASP L 12 -38.64 34.13 -37.41
C ASP L 12 -38.14 34.33 -35.99
N GLN L 13 -38.97 33.99 -35.00
CA GLN L 13 -38.58 34.25 -33.60
C GLN L 13 -37.47 33.30 -33.15
N TRP L 14 -37.51 32.05 -33.58
CA TRP L 14 -36.60 31.02 -33.10
C TRP L 14 -35.50 30.69 -34.10
N LYS L 15 -35.25 31.57 -35.07
CA LYS L 15 -34.17 31.35 -36.03
C LYS L 15 -32.81 31.18 -35.38
N PRO L 16 -32.40 31.99 -34.38
CA PRO L 16 -31.06 31.85 -33.83
C PRO L 16 -30.84 30.64 -32.94
N LEU L 17 -31.75 29.66 -32.94
CA LEU L 17 -31.62 28.49 -32.08
C LEU L 17 -31.86 27.15 -32.76
N PHE L 18 -32.56 27.11 -33.89
CA PHE L 18 -32.96 25.84 -34.49
C PHE L 18 -32.65 25.81 -35.99
N ASN L 19 -32.45 24.59 -36.50
CA ASN L 19 -32.39 24.28 -37.92
C ASN L 19 -33.72 23.70 -38.36
N ASN L 20 -33.77 23.17 -39.58
CA ASN L 20 -34.92 22.38 -39.99
C ASN L 20 -34.93 21.02 -39.27
N ALA L 21 -33.78 20.35 -39.22
CA ALA L 21 -33.71 19.05 -38.56
C ALA L 21 -34.03 19.16 -37.08
N GLU L 22 -33.44 20.15 -36.42
CA GLU L 22 -33.70 20.32 -34.99
C GLU L 22 -35.14 20.73 -34.73
N TRP L 23 -35.73 21.51 -35.64
CA TRP L 23 -37.13 21.88 -35.48
C TRP L 23 -38.04 20.65 -35.59
N LEU L 24 -37.75 19.75 -36.53
CA LEU L 24 -38.55 18.54 -36.66
C LEU L 24 -38.41 17.64 -35.43
N VAL L 25 -37.18 17.45 -34.95
CA VAL L 25 -36.99 16.64 -33.75
C VAL L 25 -37.68 17.27 -32.55
N HIS L 26 -37.65 18.60 -32.45
CA HIS L 26 -38.32 19.29 -31.36
C HIS L 26 -39.83 19.07 -31.41
N ASP L 27 -40.42 19.11 -32.60
CA ASP L 27 -41.86 18.87 -32.72
C ASP L 27 -42.20 17.45 -32.28
N ILE L 28 -41.38 16.47 -32.69
CA ILE L 28 -41.60 15.10 -32.24
C ILE L 28 -41.56 15.01 -30.73
N VAL L 29 -40.58 15.67 -30.11
CA VAL L 29 -40.42 15.61 -28.66
C VAL L 29 -41.63 16.20 -27.95
N VAL L 30 -42.13 17.34 -28.43
CA VAL L 30 -43.24 17.98 -27.72
C VAL L 30 -44.51 17.15 -27.86
N LYS L 31 -44.73 16.53 -29.03
CA LYS L 31 -45.89 15.65 -29.16
C LYS L 31 -45.80 14.46 -28.21
N THR L 32 -44.61 13.86 -28.11
CA THR L 32 -44.44 12.74 -27.18
C THR L 32 -44.70 13.16 -25.75
N ILE L 33 -44.22 14.34 -25.35
CA ILE L 33 -44.41 14.81 -23.98
C ILE L 33 -45.88 15.05 -23.69
N TYR L 34 -46.62 15.63 -24.64
CA TYR L 34 -48.05 15.84 -24.42
C TYR L 34 -48.79 14.52 -24.21
N GLY L 35 -48.51 13.54 -25.08
CA GLY L 35 -49.16 12.24 -24.92
C GLY L 35 -48.83 11.58 -23.59
N GLY L 36 -47.55 11.63 -23.20
CA GLY L 36 -47.15 11.05 -21.93
C GLY L 36 -47.82 11.73 -20.75
N LEU L 37 -47.97 13.05 -20.80
CA LEU L 37 -48.64 13.76 -19.71
C LEU L 37 -50.09 13.34 -19.58
N ILE L 38 -50.80 13.19 -20.70
CA ILE L 38 -52.18 12.75 -20.64
C ILE L 38 -52.28 11.36 -20.01
N ILE L 39 -51.41 10.44 -20.46
CA ILE L 39 -51.45 9.08 -19.92
C ILE L 39 -51.12 9.07 -18.43
N ALA L 40 -50.17 9.90 -18.01
CA ALA L 40 -49.78 9.95 -16.60
C ALA L 40 -50.92 10.48 -15.74
N VAL L 41 -51.65 11.49 -16.22
CA VAL L 41 -52.79 12.00 -15.45
C VAL L 41 -53.83 10.91 -15.27
N ILE L 42 -54.13 10.18 -16.34
CA ILE L 42 -55.12 9.09 -16.22
C ILE L 42 -54.65 8.04 -15.24
N ALA L 43 -53.37 7.68 -15.30
CA ALA L 43 -52.82 6.66 -14.40
C ALA L 43 -52.92 7.09 -12.95
N HIS L 44 -52.60 8.35 -12.66
CA HIS L 44 -52.70 8.84 -11.29
C HIS L 44 -54.14 8.83 -10.78
N VAL L 45 -55.09 9.22 -11.64
CA VAL L 45 -56.49 9.19 -11.22
C VAL L 45 -56.93 7.75 -10.92
N LEU L 46 -56.55 6.81 -11.77
CA LEU L 46 -56.91 5.41 -11.52
C LEU L 46 -56.32 4.89 -10.23
N CYS L 47 -55.04 5.18 -9.98
CA CYS L 47 -54.40 4.70 -8.76
C CYS L 47 -55.00 5.33 -7.52
N TRP L 48 -55.43 6.61 -7.60
CA TRP L 48 -56.11 7.19 -6.45
C TRP L 48 -57.46 6.53 -6.22
N ALA L 49 -58.22 6.27 -7.30
CA ALA L 49 -59.50 5.59 -7.13
C ALA L 49 -59.32 4.19 -6.56
N TRP L 50 -58.15 3.58 -6.78
CA TRP L 50 -57.91 2.24 -6.23
C TRP L 50 -57.64 2.29 -4.74
N THR L 51 -56.53 2.95 -4.33
CA THR L 51 -56.19 3.14 -2.93
C THR L 51 -55.55 4.52 -2.73
N PRO L 52 -56.21 5.43 -2.03
CA PRO L 52 -55.59 6.73 -1.75
C PRO L 52 -54.33 6.59 -0.93
N TRP L 53 -53.32 7.39 -1.27
CA TRP L 53 -52.01 7.32 -0.62
C TRP L 53 -51.78 8.43 0.38
N ILE L 54 -52.77 9.29 0.63
CA ILE L 54 -52.68 10.33 1.64
C ILE L 54 -53.82 10.12 2.61
N ARG L 55 -53.49 9.83 3.87
CA ARG L 55 -54.49 9.60 4.88
C ARG L 55 -54.18 10.39 6.15
N GLN M 6 -26.80 40.11 -34.24
CA GLN M 6 -26.24 39.40 -33.09
C GLN M 6 -26.94 39.84 -31.80
N ASN M 7 -26.60 41.05 -31.32
CA ASN M 7 -27.28 41.65 -30.18
C ASN M 7 -28.30 42.67 -30.69
N ASP M 8 -29.42 42.14 -31.20
CA ASP M 8 -30.47 42.98 -31.75
C ASP M 8 -31.64 43.17 -30.80
N LEU M 9 -32.21 42.08 -30.29
CA LEU M 9 -33.36 42.16 -29.39
C LEU M 9 -32.97 42.37 -27.94
N VAL M 10 -31.69 42.27 -27.62
CA VAL M 10 -31.23 42.52 -26.24
C VAL M 10 -31.36 44.01 -25.95
N PRO M 11 -31.97 44.40 -24.84
CA PRO M 11 -32.02 45.83 -24.49
C PRO M 11 -30.62 46.38 -24.30
N ASP M 12 -30.46 47.68 -24.59
CA ASP M 12 -29.13 48.28 -24.59
C ASP M 12 -28.47 48.24 -23.22
N GLN M 13 -29.26 48.11 -22.14
CA GLN M 13 -28.67 48.04 -20.81
C GLN M 13 -27.87 46.76 -20.62
N TRP M 14 -28.36 45.64 -21.14
CA TRP M 14 -27.78 44.33 -20.90
C TRP M 14 -26.96 43.81 -22.07
N LYS M 15 -26.71 44.66 -23.08
CA LYS M 15 -25.92 44.21 -24.23
C LYS M 15 -24.54 43.68 -23.88
N PRO M 16 -23.76 44.27 -22.97
CA PRO M 16 -22.46 43.68 -22.64
C PRO M 16 -22.53 42.31 -21.99
N LEU M 17 -23.73 41.85 -21.60
CA LEU M 17 -23.89 40.58 -20.93
C LEU M 17 -24.58 39.51 -21.76
N PHE M 18 -25.64 39.85 -22.48
CA PHE M 18 -26.49 38.86 -23.11
C PHE M 18 -26.45 38.96 -24.63
N ASN M 19 -26.82 37.86 -25.27
CA ASN M 19 -26.94 37.69 -26.70
C ASN M 19 -28.40 37.41 -27.03
N ASN M 20 -28.73 37.29 -28.31
CA ASN M 20 -30.12 37.03 -28.70
C ASN M 20 -30.58 35.66 -28.22
N ALA M 21 -29.80 34.62 -28.53
CA ALA M 21 -30.14 33.27 -28.08
C ALA M 21 -30.15 33.19 -26.56
N GLU M 22 -29.14 33.79 -25.92
CA GLU M 22 -29.10 33.81 -24.46
C GLU M 22 -30.29 34.56 -23.89
N TRP M 23 -30.70 35.64 -24.54
CA TRP M 23 -31.86 36.39 -24.07
C TRP M 23 -33.13 35.53 -24.13
N LEU M 24 -33.30 34.79 -25.22
CA LEU M 24 -34.48 33.93 -25.35
C LEU M 24 -34.48 32.82 -24.30
N VAL M 25 -33.34 32.17 -24.11
CA VAL M 25 -33.25 31.11 -23.10
C VAL M 25 -33.49 31.68 -21.70
N HIS M 26 -32.99 32.89 -21.45
CA HIS M 26 -33.20 33.53 -20.15
C HIS M 26 -34.68 33.80 -19.92
N ASP M 27 -35.39 34.26 -20.94
CA ASP M 27 -36.83 34.48 -20.79
C ASP M 27 -37.54 33.18 -20.44
N ILE M 28 -37.18 32.09 -21.13
CA ILE M 28 -37.79 30.79 -20.84
C ILE M 28 -37.54 30.40 -19.38
N VAL M 29 -36.29 30.54 -18.93
CA VAL M 29 -35.93 30.14 -17.58
C VAL M 29 -36.69 30.97 -16.55
N VAL M 30 -36.81 32.28 -16.79
CA VAL M 30 -37.53 33.15 -15.85
C VAL M 30 -38.98 32.73 -15.72
N LYS M 31 -39.64 32.45 -16.84
CA LYS M 31 -41.04 32.04 -16.77
C LYS M 31 -41.21 30.71 -16.05
N THR M 32 -40.29 29.77 -16.31
CA THR M 32 -40.35 28.48 -15.62
C THR M 32 -40.19 28.65 -14.12
N ILE M 33 -39.27 29.52 -13.70
CA ILE M 33 -39.05 29.74 -12.27
C ILE M 33 -40.27 30.36 -11.61
N TYR M 34 -40.92 31.32 -12.28
CA TYR M 34 -42.12 31.93 -11.71
C TYR M 34 -43.23 30.90 -11.54
N GLY M 35 -43.45 30.07 -12.57
CA GLY M 35 -44.46 29.03 -12.45
C GLY M 35 -44.17 28.05 -11.33
N GLY M 36 -42.90 27.63 -11.22
CA GLY M 36 -42.53 26.72 -10.15
C GLY M 36 -42.74 27.32 -8.77
N LEU M 37 -42.43 28.61 -8.62
CA LEU M 37 -42.65 29.27 -7.33
C LEU M 37 -44.13 29.30 -6.96
N ILE M 38 -45.00 29.59 -7.92
CA ILE M 38 -46.44 29.62 -7.63
C ILE M 38 -46.92 28.23 -7.21
N ILE M 39 -46.50 27.20 -7.94
CA ILE M 39 -46.93 25.84 -7.60
C ILE M 39 -46.40 25.44 -6.23
N ALA M 40 -45.16 25.81 -5.90
CA ALA M 40 -44.58 25.46 -4.61
C ALA M 40 -45.31 26.14 -3.46
N VAL M 41 -45.72 27.40 -3.65
CA VAL M 41 -46.51 28.08 -2.63
C VAL M 41 -47.82 27.34 -2.40
N ILE M 42 -48.50 26.97 -3.49
CA ILE M 42 -49.77 26.25 -3.35
C ILE M 42 -49.57 24.93 -2.62
N ALA M 43 -48.51 24.19 -2.97
CA ALA M 43 -48.24 22.91 -2.34
C ALA M 43 -47.98 23.06 -0.85
N HIS M 44 -47.23 24.08 -0.45
CA HIS M 44 -46.96 24.29 0.97
C HIS M 44 -48.24 24.65 1.72
N VAL M 45 -49.10 25.47 1.13
CA VAL M 45 -50.36 25.81 1.80
C VAL M 45 -51.22 24.57 1.98
N LEU M 46 -51.30 23.72 0.95
CA LEU M 46 -52.08 22.50 1.06
C LEU M 46 -51.51 21.56 2.12
N CYS M 47 -50.18 21.44 2.19
CA CYS M 47 -49.58 20.56 3.18
C CYS M 47 -49.80 21.07 4.60
N TRP M 48 -49.73 22.39 4.80
CA TRP M 48 -50.04 22.92 6.13
C TRP M 48 -51.50 22.68 6.50
N ALA M 49 -52.41 22.87 5.54
CA ALA M 49 -53.81 22.56 5.80
C ALA M 49 -54.01 21.09 6.15
N TRP M 50 -53.17 20.21 5.59
CA TRP M 50 -53.26 18.79 5.91
C TRP M 50 -52.81 18.52 7.34
N THR M 51 -51.51 18.74 7.63
CA THR M 51 -50.95 18.60 8.96
C THR M 51 -49.84 19.61 9.18
N PRO M 52 -49.99 20.56 10.10
CA PRO M 52 -48.91 21.52 10.36
C PRO M 52 -47.67 20.84 10.89
N TRP M 53 -46.52 21.32 10.44
CA TRP M 53 -45.22 20.77 10.85
C TRP M 53 -44.55 21.60 11.95
N ILE M 54 -45.20 22.65 12.42
CA ILE M 54 -44.69 23.49 13.50
C ILE M 54 -45.76 23.52 14.59
N ARG M 55 -45.38 23.11 15.79
CA ARG M 55 -46.33 23.05 16.90
C ARG M 55 -45.73 23.72 18.14
N GLN N 6 -15.56 49.27 -22.39
CA GLN N 6 -14.93 48.72 -21.20
C GLN N 6 -15.25 49.58 -19.98
N ASN N 7 -14.32 50.46 -19.60
CA ASN N 7 -14.49 51.30 -18.42
C ASN N 7 -15.30 52.54 -18.81
N ASP N 8 -16.61 52.34 -18.94
CA ASP N 8 -17.53 53.42 -19.26
C ASP N 8 -18.52 53.69 -18.13
N LEU N 9 -19.26 52.68 -17.69
CA LEU N 9 -20.19 52.84 -16.58
C LEU N 9 -19.51 52.72 -15.22
N VAL N 10 -18.29 52.20 -15.17
CA VAL N 10 -17.57 52.07 -13.90
C VAL N 10 -17.18 53.46 -13.41
N PRO N 11 -17.39 53.78 -12.13
CA PRO N 11 -16.93 55.08 -11.62
C PRO N 11 -15.41 55.19 -11.67
N ASP N 12 -14.93 56.43 -11.64
CA ASP N 12 -13.50 56.69 -11.79
C ASP N 12 -12.68 56.08 -10.67
N GLN N 13 -13.27 55.92 -9.48
CA GLN N 13 -12.52 55.38 -8.36
C GLN N 13 -12.24 53.89 -8.53
N TRP N 14 -13.16 53.16 -9.15
CA TRP N 14 -13.07 51.71 -9.25
C TRP N 14 -12.68 51.24 -10.65
N LYS N 15 -12.10 52.12 -11.47
CA LYS N 15 -11.70 51.74 -12.82
C LYS N 15 -10.71 50.59 -12.85
N PRO N 16 -9.64 50.55 -12.04
CA PRO N 16 -8.66 49.46 -12.18
C PRO N 16 -9.15 48.11 -11.71
N LEU N 17 -10.34 48.02 -11.13
CA LEU N 17 -10.86 46.77 -10.59
C LEU N 17 -11.99 46.15 -11.40
N PHE N 18 -12.99 46.93 -11.79
CA PHE N 18 -14.21 46.40 -12.36
C PHE N 18 -14.31 46.73 -13.85
N ASN N 19 -14.79 45.75 -14.60
CA ASN N 19 -15.07 45.89 -16.03
C ASN N 19 -16.47 46.44 -16.20
N ASN N 20 -16.97 46.51 -17.44
CA ASN N 20 -18.32 47.01 -17.66
C ASN N 20 -19.36 45.97 -17.25
N ALA N 21 -19.12 44.70 -17.59
CA ALA N 21 -20.04 43.64 -17.21
C ALA N 21 -19.97 43.34 -15.71
N GLU N 22 -18.76 43.37 -15.16
CA GLU N 22 -18.58 43.06 -13.74
C GLU N 22 -19.26 44.08 -12.85
N TRP N 23 -19.38 45.33 -13.30
CA TRP N 23 -20.10 46.32 -12.52
C TRP N 23 -21.58 45.97 -12.41
N LEU N 24 -22.20 45.56 -13.51
CA LEU N 24 -23.60 45.17 -13.48
C LEU N 24 -23.81 43.92 -12.64
N VAL N 25 -22.92 42.93 -12.78
CA VAL N 25 -23.02 41.72 -11.97
C VAL N 25 -22.90 42.07 -10.49
N HIS N 26 -21.96 42.95 -10.16
CA HIS N 26 -21.77 43.38 -8.78
C HIS N 26 -23.01 44.05 -8.23
N ASP N 27 -23.65 44.90 -9.04
CA ASP N 27 -24.88 45.56 -8.59
C ASP N 27 -25.97 44.55 -8.29
N ILE N 28 -26.13 43.56 -9.18
CA ILE N 28 -27.11 42.50 -8.93
C ILE N 28 -26.80 41.78 -7.62
N VAL N 29 -25.52 41.46 -7.40
CA VAL N 29 -25.13 40.71 -6.20
C VAL N 29 -25.44 41.51 -4.94
N VAL N 30 -25.12 42.81 -4.93
CA VAL N 30 -25.34 43.58 -3.71
C VAL N 30 -26.84 43.73 -3.43
N LYS N 31 -27.66 43.89 -4.48
CA LYS N 31 -29.10 43.96 -4.24
C LYS N 31 -29.64 42.64 -3.68
N THR N 32 -29.14 41.52 -4.21
CA THR N 32 -29.54 40.22 -3.67
C THR N 32 -29.16 40.08 -2.21
N ILE N 33 -27.94 40.51 -1.85
CA ILE N 33 -27.49 40.40 -0.46
C ILE N 33 -28.36 41.26 0.45
N TYR N 34 -28.72 42.47 0.01
CA TYR N 34 -29.59 43.31 0.84
C TYR N 34 -30.96 42.65 1.06
N GLY N 35 -31.55 42.11 0.00
CA GLY N 35 -32.84 41.43 0.17
C GLY N 35 -32.73 40.23 1.09
N GLY N 36 -31.67 39.44 0.95
CA GLY N 36 -31.48 38.30 1.83
C GLY N 36 -31.31 38.71 3.28
N LEU N 37 -30.61 39.80 3.53
CA LEU N 37 -30.44 40.29 4.90
C LEU N 37 -31.79 40.70 5.50
N ILE N 38 -32.62 41.39 4.73
CA ILE N 38 -33.94 41.79 5.24
C ILE N 38 -34.77 40.56 5.58
N ILE N 39 -34.78 39.57 4.69
CA ILE N 39 -35.57 38.37 4.94
C ILE N 39 -35.04 37.62 6.15
N ALA N 40 -33.71 37.58 6.32
CA ALA N 40 -33.12 36.90 7.47
C ALA N 40 -33.50 37.59 8.78
N VAL N 41 -33.50 38.92 8.80
CA VAL N 41 -33.92 39.63 10.00
C VAL N 41 -35.36 39.30 10.37
N ILE N 42 -36.25 39.31 9.36
CA ILE N 42 -37.65 38.99 9.65
C ILE N 42 -37.79 37.56 10.16
N ALA N 43 -37.08 36.62 9.55
CA ALA N 43 -37.15 35.22 9.98
C ALA N 43 -36.66 35.04 11.41
N HIS N 44 -35.56 35.71 11.77
CA HIS N 44 -35.05 35.62 13.13
C HIS N 44 -36.02 36.20 14.14
N VAL N 45 -36.66 37.32 13.80
CA VAL N 45 -37.65 37.90 14.71
C VAL N 45 -38.82 36.94 14.91
N LEU N 46 -39.29 36.33 13.83
CA LEU N 46 -40.42 35.40 13.95
C LEU N 46 -40.05 34.16 14.76
N CYS N 47 -38.82 33.66 14.58
CA CYS N 47 -38.40 32.50 15.36
C CYS N 47 -38.23 32.85 16.84
N TRP N 48 -37.77 34.05 17.15
CA TRP N 48 -37.70 34.45 18.56
C TRP N 48 -39.09 34.58 19.16
N ALA N 49 -40.04 35.09 18.38
CA ALA N 49 -41.42 35.13 18.86
C ALA N 49 -41.94 33.73 19.13
N TRP N 50 -41.61 32.77 18.26
CA TRP N 50 -42.03 31.39 18.44
C TRP N 50 -41.41 30.77 19.70
N THR N 51 -40.08 30.69 19.73
CA THR N 51 -39.37 30.08 20.85
C THR N 51 -38.02 30.76 21.04
N PRO N 52 -37.85 31.55 22.11
CA PRO N 52 -36.53 32.15 22.36
C PRO N 52 -35.47 31.09 22.60
N TRP N 53 -34.29 31.32 22.02
CA TRP N 53 -33.18 30.39 22.13
C TRP N 53 -32.15 30.81 23.15
N ILE N 54 -32.40 31.87 23.90
CA ILE N 54 -31.51 32.32 24.96
C ILE N 54 -32.36 32.52 26.22
N ARG N 55 -32.05 31.76 27.27
CA ARG N 55 -32.77 31.87 28.52
C ARG N 55 -31.80 32.02 29.69
N GLN O 6 1.23 49.48 -12.92
CA GLN O 6 0.96 50.86 -12.58
C GLN O 6 1.13 51.10 -11.08
N ASN O 7 2.02 52.03 -10.73
CA ASN O 7 2.31 52.36 -9.33
C ASN O 7 1.93 53.83 -9.11
N ASP O 8 0.65 54.05 -8.80
CA ASP O 8 0.15 55.39 -8.47
C ASP O 8 -0.74 55.29 -7.25
N LEU O 9 -0.73 56.35 -6.45
CA LEU O 9 -1.49 56.50 -5.21
C LEU O 9 -1.03 55.55 -4.13
N VAL O 10 -0.09 54.66 -4.42
CA VAL O 10 0.52 53.77 -3.44
C VAL O 10 1.84 54.40 -3.00
N PRO O 11 2.08 54.58 -1.70
CA PRO O 11 3.33 55.21 -1.26
C PRO O 11 4.55 54.41 -1.69
N ASP O 12 5.65 55.14 -1.90
CA ASP O 12 6.87 54.55 -2.44
C ASP O 12 7.47 53.50 -1.54
N GLN O 13 7.17 53.53 -0.23
CA GLN O 13 7.76 52.56 0.69
C GLN O 13 7.35 51.14 0.33
N TRP O 14 6.10 50.93 -0.03
CA TRP O 14 5.57 49.60 -0.35
C TRP O 14 5.26 49.43 -1.83
N LYS O 15 5.82 50.30 -2.68
CA LYS O 15 5.66 50.12 -4.12
C LYS O 15 6.19 48.79 -4.64
N PRO O 16 7.35 48.28 -4.21
CA PRO O 16 7.79 46.97 -4.69
C PRO O 16 6.88 45.81 -4.27
N LEU O 17 5.76 46.08 -3.61
CA LEU O 17 4.85 45.04 -3.15
C LEU O 17 3.42 45.22 -3.64
N PHE O 18 2.90 46.44 -3.69
CA PHE O 18 1.49 46.70 -4.00
C PHE O 18 1.33 47.49 -5.29
N ASN O 19 0.29 47.15 -6.04
CA ASN O 19 -0.20 47.98 -7.14
C ASN O 19 -1.28 48.91 -6.60
N ASN O 20 -2.04 49.55 -7.50
CA ASN O 20 -3.13 50.40 -7.05
C ASN O 20 -4.38 49.57 -6.74
N ALA O 21 -4.67 48.56 -7.56
CA ALA O 21 -5.77 47.66 -7.26
C ALA O 21 -5.53 46.92 -5.95
N GLU O 22 -4.31 46.44 -5.75
CA GLU O 22 -3.96 45.80 -4.49
C GLU O 22 -4.06 46.78 -3.33
N TRP O 23 -3.75 48.06 -3.58
CA TRP O 23 -3.90 49.06 -2.53
C TRP O 23 -5.37 49.21 -2.12
N LEU O 24 -6.27 49.24 -3.11
CA LEU O 24 -7.70 49.35 -2.80
C LEU O 24 -8.21 48.13 -2.06
N VAL O 25 -7.78 46.94 -2.49
CA VAL O 25 -8.20 45.71 -1.82
C VAL O 25 -7.68 45.68 -0.38
N HIS O 26 -6.45 46.11 -0.17
CA HIS O 26 -5.87 46.17 1.17
C HIS O 26 -6.64 47.14 2.06
N ASP O 27 -7.04 48.30 1.50
CA ASP O 27 -7.84 49.25 2.28
C ASP O 27 -9.17 48.63 2.69
N ILE O 28 -9.83 47.95 1.76
CA ILE O 28 -11.09 47.28 2.10
C ILE O 28 -10.87 46.27 3.22
N VAL O 29 -9.79 45.49 3.12
CA VAL O 29 -9.52 44.44 4.11
C VAL O 29 -9.34 45.05 5.49
N VAL O 30 -8.56 46.12 5.60
CA VAL O 30 -8.29 46.70 6.92
C VAL O 30 -9.56 47.31 7.50
N LYS O 31 -10.40 47.94 6.67
CA LYS O 31 -11.66 48.47 7.18
C LYS O 31 -12.57 47.36 7.70
N THR O 32 -12.63 46.24 6.96
CA THR O 32 -13.41 45.09 7.43
C THR O 32 -12.88 44.58 8.76
N ILE O 33 -11.56 44.51 8.90
CA ILE O 33 -10.97 44.01 10.14
C ILE O 33 -11.36 44.89 11.32
N TYR O 34 -11.30 46.22 11.13
CA TYR O 34 -11.64 47.11 12.24
C TYR O 34 -13.11 46.99 12.63
N GLY O 35 -14.00 46.91 11.63
CA GLY O 35 -15.41 46.73 11.96
C GLY O 35 -15.66 45.44 12.71
N GLY O 36 -15.03 44.35 12.27
CA GLY O 36 -15.19 43.09 12.96
C GLY O 36 -14.69 43.13 14.39
N LEU O 37 -13.57 43.82 14.62
CA LEU O 37 -13.04 43.94 15.97
C LEU O 37 -14.00 44.68 16.89
N ILE O 38 -14.59 45.77 16.39
CA ILE O 38 -15.54 46.51 17.21
C ILE O 38 -16.74 45.63 17.56
N ILE O 39 -17.28 44.92 16.57
CA ILE O 39 -18.45 44.09 16.83
C ILE O 39 -18.11 42.97 17.81
N ALA O 40 -16.90 42.41 17.70
CA ALA O 40 -16.50 41.34 18.61
C ALA O 40 -16.39 41.84 20.04
N VAL O 41 -15.85 43.05 20.23
CA VAL O 41 -15.79 43.61 21.58
C VAL O 41 -17.19 43.77 22.16
N ILE O 42 -18.11 44.31 21.35
CA ILE O 42 -19.49 44.47 21.85
C ILE O 42 -20.10 43.12 22.22
N ALA O 43 -19.88 42.11 21.38
CA ALA O 43 -20.43 40.79 21.63
C ALA O 43 -19.91 40.21 22.94
N HIS O 44 -18.61 40.35 23.19
CA HIS O 44 -18.05 39.84 24.43
C HIS O 44 -18.60 40.56 25.65
N VAL O 45 -18.78 41.88 25.54
CA VAL O 45 -19.37 42.62 26.66
C VAL O 45 -20.78 42.11 26.95
N LEU O 46 -21.59 41.92 25.91
CA LEU O 46 -22.96 41.44 26.11
C LEU O 46 -22.97 40.04 26.72
N CYS O 47 -22.11 39.15 26.24
CA CYS O 47 -22.06 37.80 26.79
C CYS O 47 -21.61 37.81 28.25
N TRP O 48 -20.65 38.67 28.60
CA TRP O 48 -20.26 38.77 30.00
C TRP O 48 -21.41 39.28 30.86
N ALA O 49 -22.15 40.27 30.37
CA ALA O 49 -23.30 40.75 31.14
C ALA O 49 -24.35 39.65 31.31
N TRP O 50 -24.46 38.75 30.33
CA TRP O 50 -25.40 37.64 30.45
C TRP O 50 -24.94 36.63 31.51
N THR O 51 -23.77 36.04 31.31
CA THR O 51 -23.22 35.03 32.22
C THR O 51 -21.70 35.15 32.31
N PRO O 52 -21.17 35.66 33.41
CA PRO O 52 -19.71 35.73 33.55
C PRO O 52 -19.08 34.34 33.61
N TRP O 53 -17.91 34.20 33.00
CA TRP O 53 -17.22 32.92 32.93
C TRP O 53 -16.04 32.83 33.89
N ILE O 54 -15.67 33.92 34.54
CA ILE O 54 -14.64 33.91 35.57
C ILE O 54 -15.29 34.33 36.88
N ARG O 55 -15.13 33.51 37.93
CA ARG O 55 -15.74 33.79 39.21
C ARG O 55 -14.73 33.57 40.34
N PRO P 335 5.81 -0.60 -42.25
CA PRO P 335 4.68 -0.02 -42.98
C PRO P 335 3.48 0.21 -42.07
N ILE P 336 3.51 1.28 -41.28
CA ILE P 336 2.45 1.62 -40.35
C ILE P 336 2.02 3.06 -40.60
N ASP P 337 0.74 3.24 -40.91
CA ASP P 337 0.16 4.57 -41.12
C ASP P 337 -0.58 4.94 -39.84
N LEU P 338 0.03 5.81 -39.03
CA LEU P 338 -0.53 6.12 -37.72
C LEU P 338 -1.86 6.85 -37.84
N HIS P 339 -1.99 7.72 -38.85
CA HIS P 339 -3.25 8.42 -39.05
C HIS P 339 -4.39 7.45 -39.33
N ASP P 340 -4.12 6.46 -40.19
CA ASP P 340 -5.14 5.43 -40.45
C ASP P 340 -5.40 4.59 -39.22
N GLU P 341 -4.36 4.30 -38.44
CA GLU P 341 -4.53 3.53 -37.22
C GLU P 341 -5.35 4.27 -36.17
N GLU P 342 -5.47 5.60 -36.27
CA GLU P 342 -6.23 6.35 -35.29
C GLU P 342 -7.55 6.91 -35.80
N TYR P 343 -7.77 6.96 -37.11
CA TYR P 343 -8.96 7.61 -37.67
C TYR P 343 -9.63 6.70 -38.71
N ARG P 344 -9.86 5.45 -38.34
CA ARG P 344 -10.55 4.50 -39.21
C ARG P 344 -11.97 4.29 -38.71
N ASP P 345 -12.81 3.73 -39.58
CA ASP P 345 -14.21 3.45 -39.27
C ASP P 345 -14.45 1.95 -39.22
N GLY P 346 -15.61 1.58 -38.69
CA GLY P 346 -15.99 0.20 -38.58
C GLY P 346 -15.79 -0.37 -37.21
N LEU P 347 -15.99 -1.69 -37.10
CA LEU P 347 -15.66 -2.39 -35.87
C LEU P 347 -14.18 -2.28 -35.57
N GLU P 348 -13.34 -2.52 -36.58
CA GLU P 348 -11.90 -2.29 -36.46
C GLU P 348 -11.62 -0.82 -36.75
N GLY P 349 -12.00 0.01 -35.78
CA GLY P 349 -11.84 1.44 -35.90
C GLY P 349 -11.96 2.09 -34.54
N THR P 350 -12.04 3.42 -34.55
CA THR P 350 -12.08 4.22 -33.33
C THR P 350 -13.39 4.99 -33.24
N ILE P 351 -13.80 5.29 -32.01
CA ILE P 351 -14.89 6.24 -31.67
C ILE P 351 -14.29 7.41 -30.89
N ALA P 352 -15.11 8.34 -30.39
CA ALA P 352 -14.72 9.59 -29.68
C ALA P 352 -13.92 10.52 -30.59
N LYS P 353 -14.26 10.55 -31.87
CA LYS P 353 -13.73 11.50 -32.87
C LYS P 353 -14.86 12.45 -33.29
N PRO P 354 -14.70 13.81 -33.37
CA PRO P 354 -13.41 14.48 -33.19
C PRO P 354 -12.94 14.57 -31.73
N PRO P 355 -11.62 14.45 -31.45
CA PRO P 355 -11.09 14.54 -30.09
C PRO P 355 -11.47 15.77 -29.26
N GLY P 356 -11.38 15.64 -27.93
CA GLY P 356 -11.69 16.77 -27.04
C GLY P 356 -10.44 17.37 -26.43
N HIS P 357 -10.61 18.28 -25.49
CA HIS P 357 -9.46 18.96 -24.85
C HIS P 357 -9.83 19.43 -23.45
N VAL P 358 -9.08 19.01 -22.44
CA VAL P 358 -9.28 19.44 -21.06
C VAL P 358 -8.13 20.36 -20.68
N GLY P 359 -8.46 21.56 -20.21
CA GLY P 359 -7.47 22.57 -19.90
C GLY P 359 -6.62 22.32 -18.68
N TRP P 360 -7.22 21.90 -17.57
CA TRP P 360 -6.44 21.69 -16.36
C TRP P 360 -5.50 20.51 -16.51
N MET P 361 -5.88 19.50 -17.30
CA MET P 361 -4.95 18.42 -17.61
C MET P 361 -3.80 18.91 -18.48
N GLN P 362 -4.07 19.87 -19.37
CA GLN P 362 -3.00 20.46 -20.16
C GLN P 362 -2.02 21.23 -19.28
N ARG P 363 -2.53 21.98 -18.30
CA ARG P 363 -1.64 22.76 -17.45
C ARG P 363 -0.86 21.89 -16.48
N LEU P 364 -1.53 20.94 -15.83
CA LEU P 364 -0.85 20.12 -14.82
C LEU P 364 0.00 19.03 -15.46
N LEU P 365 -0.56 18.31 -16.43
CA LEU P 365 0.07 17.10 -16.94
C LEU P 365 0.79 17.32 -18.27
N GLY P 366 0.51 18.40 -18.98
CA GLY P 366 1.17 18.68 -20.24
C GLY P 366 0.47 18.19 -21.48
N GLU P 367 -0.59 17.39 -21.34
CA GLU P 367 -1.35 16.89 -22.46
C GLU P 367 -2.83 16.97 -22.12
N GLY P 368 -3.66 17.34 -23.10
CA GLY P 368 -5.07 17.55 -22.83
C GLY P 368 -6.03 16.86 -23.77
N GLN P 369 -5.54 16.24 -24.83
CA GLN P 369 -6.41 15.61 -25.82
C GLN P 369 -6.96 14.29 -25.31
N VAL P 370 -8.27 14.10 -25.44
CA VAL P 370 -8.94 12.86 -25.07
C VAL P 370 -9.64 12.29 -26.30
N GLY P 371 -9.35 11.03 -26.62
CA GLY P 371 -9.90 10.38 -27.78
C GLY P 371 -9.01 10.57 -28.99
N PRO P 372 -9.24 9.77 -30.04
CA PRO P 372 -10.22 8.68 -30.16
C PRO P 372 -9.77 7.38 -29.49
N ILE P 373 -10.69 6.44 -29.25
CA ILE P 373 -10.38 5.20 -28.57
C ILE P 373 -10.77 4.04 -29.47
N TYR P 374 -9.87 3.09 -29.64
CA TYR P 374 -10.12 1.94 -30.53
C TYR P 374 -11.11 0.97 -29.91
N VAL P 375 -12.02 0.45 -30.72
CA VAL P 375 -12.96 -0.63 -30.32
C VAL P 375 -12.65 -1.68 -31.37
N GLY P 376 -12.51 -2.94 -31.01
CA GLY P 376 -12.33 -4.01 -32.02
C GLY P 376 -13.16 -5.20 -31.63
N LEU P 377 -12.67 -6.41 -31.86
CA LEU P 377 -13.42 -7.64 -31.46
C LEU P 377 -13.11 -7.97 -30.02
N TRP P 378 -11.87 -7.77 -29.60
CA TRP P 378 -11.46 -8.15 -28.24
C TRP P 378 -11.85 -7.07 -27.26
N GLY P 379 -12.14 -5.86 -27.72
CA GLY P 379 -12.63 -4.78 -26.86
C GLY P 379 -14.14 -4.77 -26.72
N VAL P 380 -14.88 -5.41 -27.61
CA VAL P 380 -16.36 -5.52 -27.46
C VAL P 380 -16.73 -6.77 -26.64
N ILE P 381 -15.88 -7.80 -26.61
CA ILE P 381 -16.16 -9.03 -25.83
C ILE P 381 -15.85 -8.73 -24.36
N SER P 382 -14.88 -7.87 -24.05
CA SER P 382 -14.53 -7.48 -22.68
C SER P 382 -15.61 -6.58 -22.10
N PHE P 383 -16.06 -5.60 -22.87
CA PHE P 383 -17.08 -4.66 -22.42
C PHE P 383 -18.37 -5.40 -22.06
N ILE P 384 -18.85 -6.26 -22.95
CA ILE P 384 -20.14 -6.92 -22.73
C ILE P 384 -20.07 -7.90 -21.57
N THR P 385 -18.97 -8.66 -21.46
CA THR P 385 -18.86 -9.61 -20.36
C THR P 385 -18.68 -8.91 -19.01
N PHE P 386 -17.91 -7.82 -18.98
CA PHE P 386 -17.78 -7.04 -17.75
C PHE P 386 -19.13 -6.51 -17.30
N PHE P 387 -19.92 -5.98 -18.23
CA PHE P 387 -21.20 -5.44 -17.79
C PHE P 387 -22.23 -6.52 -17.52
N ALA P 388 -22.09 -7.72 -18.08
CA ALA P 388 -22.92 -8.83 -17.64
C ALA P 388 -22.66 -9.17 -16.17
N SER P 389 -21.39 -9.31 -15.80
CA SER P 389 -21.07 -9.61 -14.40
C SER P 389 -21.51 -8.49 -13.47
N ALA P 390 -21.28 -7.24 -13.87
CA ALA P 390 -21.69 -6.10 -13.04
C ALA P 390 -23.21 -6.05 -12.88
N PHE P 391 -23.95 -6.33 -13.94
CA PHE P 391 -25.40 -6.38 -13.86
C PHE P 391 -25.84 -7.42 -12.85
N ILE P 392 -25.25 -8.61 -12.89
CA ILE P 392 -25.64 -9.67 -11.96
C ILE P 392 -25.40 -9.21 -10.52
N ILE P 393 -24.22 -8.62 -10.26
CA ILE P 393 -23.89 -8.21 -8.90
C ILE P 393 -24.85 -7.14 -8.40
N LEU P 394 -25.15 -6.13 -9.23
CA LEU P 394 -25.98 -5.03 -8.77
C LEU P 394 -27.43 -5.43 -8.58
N VAL P 395 -27.94 -6.31 -9.45
CA VAL P 395 -29.30 -6.79 -9.27
C VAL P 395 -29.40 -7.63 -7.99
N ASP P 396 -28.36 -8.41 -7.67
CA ASP P 396 -28.40 -9.16 -6.42
C ASP P 396 -28.35 -8.24 -5.21
N TYR P 397 -27.56 -7.15 -5.29
CA TYR P 397 -27.58 -6.13 -4.25
C TYR P 397 -28.99 -5.63 -4.02
N GLY P 398 -29.68 -5.28 -5.11
CA GLY P 398 -31.05 -4.78 -4.99
C GLY P 398 -32.00 -5.79 -4.39
N ARG P 399 -31.80 -7.06 -4.72
CA ARG P 399 -32.64 -8.11 -4.12
C ARG P 399 -32.41 -8.21 -2.62
N GLN P 400 -31.15 -8.16 -2.19
CA GLN P 400 -30.85 -8.24 -0.77
C GLN P 400 -31.45 -7.06 -0.01
N VAL P 401 -31.36 -5.86 -0.58
CA VAL P 401 -31.87 -4.67 0.10
C VAL P 401 -33.40 -4.70 0.18
N GLY P 402 -34.05 -5.34 -0.77
CA GLY P 402 -35.49 -5.36 -0.85
C GLY P 402 -36.09 -4.46 -1.89
N TRP P 403 -35.30 -4.05 -2.90
CA TRP P 403 -35.72 -3.12 -3.95
C TRP P 403 -36.08 -1.74 -3.40
N ASN P 404 -35.41 -1.33 -2.32
CA ASN P 404 -35.60 -0.02 -1.72
C ASN P 404 -34.41 0.86 -2.09
N PRO P 405 -34.61 1.93 -2.88
CA PRO P 405 -33.47 2.76 -3.29
C PRO P 405 -32.76 3.46 -2.15
N ILE P 406 -33.49 3.86 -1.11
CA ILE P 406 -32.86 4.59 -0.01
C ILE P 406 -31.99 3.67 0.84
N ILE P 407 -32.48 2.47 1.15
CA ILE P 407 -31.64 1.48 1.83
C ILE P 407 -30.50 1.04 0.93
N TYR P 408 -30.73 1.00 -0.38
CA TYR P 408 -29.67 0.67 -1.33
C TYR P 408 -28.53 1.69 -1.25
N LEU P 409 -28.87 2.98 -1.20
CA LEU P 409 -27.85 4.01 -1.07
C LEU P 409 -27.19 3.96 0.29
N ARG P 410 -27.97 3.71 1.36
CA ARG P 410 -27.40 3.68 2.70
C ARG P 410 -26.40 2.54 2.86
N GLU P 411 -26.74 1.35 2.36
CA GLU P 411 -25.99 0.13 2.65
C GLU P 411 -25.08 -0.30 1.51
N PHE P 412 -24.78 0.60 0.57
CA PHE P 412 -24.10 0.18 -0.66
C PHE P 412 -22.70 -0.34 -0.40
N TRP P 413 -21.98 0.27 0.53
CA TRP P 413 -20.57 -0.03 0.72
C TRP P 413 -20.32 -1.20 1.65
N ASN P 414 -21.37 -1.84 2.15
CA ASN P 414 -21.24 -3.06 2.94
C ASN P 414 -22.19 -4.16 2.45
N LEU P 415 -22.62 -4.09 1.21
CA LEU P 415 -23.31 -5.19 0.54
C LEU P 415 -22.29 -6.05 -0.18
N ALA P 416 -22.62 -7.34 -0.36
CA ALA P 416 -21.70 -8.24 -1.03
C ALA P 416 -22.43 -9.45 -1.57
N VAL P 417 -21.83 -10.07 -2.57
CA VAL P 417 -22.27 -11.37 -3.10
C VAL P 417 -21.20 -12.37 -2.72
N TYR P 418 -21.59 -13.41 -1.98
CA TYR P 418 -20.61 -14.31 -1.40
C TYR P 418 -20.59 -15.66 -2.11
N PRO P 419 -19.46 -16.35 -2.10
CA PRO P 419 -19.40 -17.69 -2.68
C PRO P 419 -20.20 -18.67 -1.86
N PRO P 420 -20.56 -19.83 -2.44
CA PRO P 420 -21.36 -20.81 -1.70
C PRO P 420 -20.63 -21.27 -0.45
N PRO P 421 -21.37 -21.55 0.63
CA PRO P 421 -20.73 -21.96 1.89
C PRO P 421 -19.99 -23.29 1.81
N THR P 422 -19.35 -23.68 2.92
CA THR P 422 -18.45 -24.82 2.91
C THR P 422 -19.18 -26.15 2.83
N GLU P 423 -20.47 -26.19 3.17
CA GLU P 423 -21.21 -27.44 3.10
C GLU P 423 -21.28 -27.98 1.68
N TYR P 424 -21.40 -27.09 0.70
CA TYR P 424 -21.17 -27.46 -0.69
C TYR P 424 -19.67 -27.51 -0.94
N GLY P 425 -19.28 -28.30 -1.91
CA GLY P 425 -17.86 -28.37 -2.20
C GLY P 425 -17.50 -27.39 -3.30
N LEU P 426 -17.11 -27.93 -4.45
CA LEU P 426 -16.97 -27.15 -5.68
C LEU P 426 -18.18 -27.33 -6.57
N SER P 427 -19.34 -27.63 -6.00
CA SER P 427 -20.54 -27.91 -6.75
C SER P 427 -21.20 -26.63 -7.26
N TRP P 428 -21.82 -26.74 -8.43
CA TRP P 428 -22.57 -25.64 -9.03
C TRP P 428 -24.07 -25.74 -8.80
N ASN P 429 -24.54 -26.80 -8.12
CA ASN P 429 -25.95 -26.94 -7.79
C ASN P 429 -26.24 -26.23 -6.47
N VAL P 430 -26.17 -24.90 -6.53
CA VAL P 430 -26.33 -24.05 -5.36
C VAL P 430 -27.47 -23.08 -5.66
N PRO P 431 -28.27 -22.68 -4.68
CA PRO P 431 -29.31 -21.66 -4.93
C PRO P 431 -28.71 -20.35 -5.37
N TRP P 432 -29.53 -19.54 -6.06
CA TRP P 432 -29.05 -18.28 -6.62
C TRP P 432 -28.65 -17.30 -5.54
N ASP P 433 -29.39 -17.25 -4.45
CA ASP P 433 -29.09 -16.34 -3.35
C ASP P 433 -28.10 -16.92 -2.35
N LYS P 434 -27.52 -18.09 -2.63
CA LYS P 434 -26.52 -18.70 -1.77
C LYS P 434 -25.27 -19.09 -2.53
N GLY P 435 -25.03 -18.53 -3.70
CA GLY P 435 -23.80 -18.81 -4.39
C GLY P 435 -23.84 -18.91 -5.91
N GLY P 436 -25.03 -19.04 -6.50
CA GLY P 436 -25.12 -19.14 -7.95
C GLY P 436 -24.74 -17.86 -8.66
N ALA P 437 -25.17 -16.71 -8.12
CA ALA P 437 -24.83 -15.43 -8.73
C ALA P 437 -23.34 -15.19 -8.73
N TRP P 438 -22.67 -15.55 -7.63
CA TRP P 438 -21.22 -15.38 -7.54
C TRP P 438 -20.52 -16.19 -8.63
N LEU P 439 -20.96 -17.44 -8.84
CA LEU P 439 -20.35 -18.29 -9.85
C LEU P 439 -20.51 -17.71 -11.25
N ALA P 440 -21.73 -17.28 -11.59
CA ALA P 440 -21.95 -16.68 -12.91
C ALA P 440 -21.09 -15.45 -13.12
N ALA P 441 -21.11 -14.52 -12.16
CA ALA P 441 -20.39 -13.27 -12.31
C ALA P 441 -18.89 -13.50 -12.40
N THR P 442 -18.36 -14.44 -11.62
CA THR P 442 -16.93 -14.73 -11.67
C THR P 442 -16.54 -15.32 -13.02
N PHE P 443 -17.37 -16.20 -13.59
CA PHE P 443 -17.07 -16.73 -14.92
C PHE P 443 -16.97 -15.60 -15.95
N PHE P 444 -17.95 -14.68 -15.93
CA PHE P 444 -17.93 -13.60 -16.90
C PHE P 444 -16.72 -12.68 -16.69
N LEU P 445 -16.32 -12.44 -15.44
CA LEU P 445 -15.14 -11.63 -15.17
C LEU P 445 -13.86 -12.29 -15.70
N HIS P 446 -13.75 -13.61 -15.54
CA HIS P 446 -12.63 -14.35 -16.14
C HIS P 446 -12.53 -14.08 -17.63
N ILE P 447 -13.66 -14.23 -18.34
CA ILE P 447 -13.65 -14.03 -19.79
C ILE P 447 -13.23 -12.60 -20.13
N SER P 448 -13.74 -11.62 -19.36
CA SER P 448 -13.41 -10.22 -19.66
C SER P 448 -11.92 -9.93 -19.51
N VAL P 449 -11.29 -10.43 -18.44
CA VAL P 449 -9.87 -10.13 -18.27
C VAL P 449 -9.03 -10.82 -19.34
N LEU P 450 -9.42 -12.04 -19.75
CA LEU P 450 -8.67 -12.70 -20.81
C LEU P 450 -8.74 -11.93 -22.14
N THR P 451 -9.95 -11.47 -22.50
CA THR P 451 -10.08 -10.72 -23.74
C THR P 451 -9.39 -9.36 -23.67
N TRP P 452 -9.30 -8.76 -22.48
CA TRP P 452 -8.53 -7.52 -22.36
C TRP P 452 -7.04 -7.76 -22.61
N TRP P 453 -6.51 -8.88 -22.09
CA TRP P 453 -5.13 -9.23 -22.42
C TRP P 453 -4.94 -9.34 -23.93
N ALA P 454 -5.87 -10.03 -24.60
CA ALA P 454 -5.77 -10.17 -26.05
C ALA P 454 -5.78 -8.82 -26.75
N ARG P 455 -6.62 -7.90 -26.29
CA ARG P 455 -6.66 -6.56 -26.86
C ARG P 455 -5.33 -5.84 -26.73
N LEU P 456 -4.71 -5.90 -25.55
CA LEU P 456 -3.41 -5.27 -25.36
C LEU P 456 -2.37 -5.83 -26.33
N TYR P 457 -2.33 -7.16 -26.44
CA TYR P 457 -1.36 -7.80 -27.33
C TYR P 457 -1.53 -7.36 -28.77
N THR P 458 -2.78 -7.40 -29.27
CA THR P 458 -3.00 -7.11 -30.67
C THR P 458 -2.81 -5.63 -30.99
N ARG P 459 -3.14 -4.73 -30.06
CA ARG P 459 -2.90 -3.33 -30.32
C ARG P 459 -1.43 -2.97 -30.25
N ALA P 460 -0.66 -3.69 -29.42
CA ALA P 460 0.79 -3.50 -29.44
C ALA P 460 1.36 -3.91 -30.78
N LYS P 461 0.88 -5.02 -31.36
CA LYS P 461 1.42 -5.43 -32.65
C LYS P 461 0.92 -4.54 -33.79
N ALA P 462 -0.26 -3.94 -33.67
CA ALA P 462 -0.79 -3.11 -34.76
C ALA P 462 0.05 -1.86 -34.97
N THR P 463 0.49 -1.21 -33.90
CA THR P 463 1.50 -0.17 -33.99
C THR P 463 2.86 -0.86 -34.08
N GLY P 464 3.94 -0.10 -33.92
CA GLY P 464 5.24 -0.71 -34.12
C GLY P 464 5.98 -1.09 -32.85
N VAL P 465 5.29 -1.19 -31.73
CA VAL P 465 5.92 -1.30 -30.44
C VAL P 465 5.96 -2.77 -30.00
N GLY P 466 6.74 -3.05 -28.95
CA GLY P 466 6.85 -4.40 -28.44
C GLY P 466 5.72 -4.77 -27.51
N THR P 467 5.63 -6.06 -27.22
CA THR P 467 4.56 -6.61 -26.39
C THR P 467 5.11 -6.82 -24.98
N GLN P 468 5.30 -5.73 -24.25
CA GLN P 468 5.77 -5.80 -22.87
C GLN P 468 4.68 -5.50 -21.86
N LEU P 469 3.66 -4.74 -22.23
CA LEU P 469 2.53 -4.53 -21.32
C LEU P 469 1.70 -5.79 -21.19
N ALA P 470 1.61 -6.59 -22.25
CA ALA P 470 0.84 -7.83 -22.21
C ALA P 470 1.41 -8.82 -21.22
N TRP P 471 2.73 -8.98 -21.20
CA TRP P 471 3.33 -9.94 -20.28
C TRP P 471 3.34 -9.41 -18.84
N GLY P 472 3.41 -8.10 -18.67
CA GLY P 472 3.21 -7.52 -17.34
C GLY P 472 1.80 -7.78 -16.81
N PHE P 473 0.79 -7.64 -17.68
CA PHE P 473 -0.56 -8.00 -17.28
C PHE P 473 -0.69 -9.49 -17.00
N ALA P 474 0.05 -10.34 -17.72
CA ALA P 474 0.00 -11.77 -17.44
C ALA P 474 0.58 -12.07 -16.06
N SER P 475 1.67 -11.42 -15.69
CA SER P 475 2.22 -11.60 -14.35
C SER P 475 1.25 -11.11 -13.28
N ALA P 476 0.55 -10.01 -13.56
CA ALA P 476 -0.47 -9.55 -12.62
C ALA P 476 -1.64 -10.53 -12.53
N LEU P 477 -2.03 -11.13 -13.65
CA LEU P 477 -3.16 -12.05 -13.68
C LEU P 477 -2.86 -13.39 -13.03
N SER P 478 -1.59 -13.75 -12.88
CA SER P 478 -1.25 -14.97 -12.16
C SER P 478 -1.82 -14.96 -10.74
N LEU P 479 -1.61 -13.86 -10.00
CA LEU P 479 -2.12 -13.75 -8.64
C LEU P 479 -3.65 -13.70 -8.62
N TYR P 480 -4.25 -13.01 -9.59
CA TYR P 480 -5.70 -12.97 -9.69
C TYR P 480 -6.29 -14.37 -9.85
N PHE P 481 -5.70 -15.18 -10.73
CA PHE P 481 -6.23 -16.52 -10.97
C PHE P 481 -5.94 -17.45 -9.81
N VAL P 482 -4.86 -17.23 -9.07
CA VAL P 482 -4.66 -17.98 -7.83
C VAL P 482 -5.74 -17.62 -6.81
N ILE P 483 -6.05 -16.33 -6.67
CA ILE P 483 -7.02 -15.90 -5.67
C ILE P 483 -8.40 -16.43 -5.98
N TYR P 484 -8.82 -16.36 -7.25
CA TYR P 484 -10.21 -16.67 -7.59
C TYR P 484 -10.43 -18.06 -8.14
N LEU P 485 -9.41 -18.74 -8.66
CA LEU P 485 -9.64 -20.04 -9.28
C LEU P 485 -8.86 -21.18 -8.64
N PHE P 486 -7.54 -21.05 -8.49
CA PHE P 486 -6.68 -22.20 -8.19
C PHE P 486 -6.61 -22.54 -6.71
N HIS P 487 -6.51 -21.53 -5.85
CA HIS P 487 -6.51 -21.79 -4.41
C HIS P 487 -7.79 -22.45 -3.93
N PRO P 488 -8.99 -21.98 -4.31
CA PRO P 488 -10.21 -22.75 -3.99
C PRO P 488 -10.21 -24.16 -4.55
N LEU P 489 -9.66 -24.37 -5.76
CA LEU P 489 -9.62 -25.70 -6.36
C LEU P 489 -8.76 -26.65 -5.53
N ALA P 490 -7.58 -26.19 -5.11
CA ALA P 490 -6.70 -27.06 -4.33
C ALA P 490 -7.18 -27.22 -2.90
N LEU P 491 -7.96 -26.27 -2.39
CA LEU P 491 -8.51 -26.41 -1.04
C LEU P 491 -9.83 -27.18 -1.03
N GLY P 492 -10.58 -27.14 -2.12
CA GLY P 492 -11.77 -27.95 -2.26
C GLY P 492 -13.09 -27.28 -1.98
N ASN P 493 -13.14 -25.94 -1.96
CA ASN P 493 -14.40 -25.25 -1.74
C ASN P 493 -14.31 -23.85 -2.34
N TRP P 494 -15.47 -23.32 -2.75
CA TRP P 494 -15.54 -21.98 -3.33
C TRP P 494 -15.51 -20.88 -2.30
N SER P 495 -15.80 -21.17 -1.03
CA SER P 495 -15.85 -20.14 -0.01
C SER P 495 -14.47 -19.65 0.42
N ALA P 496 -13.40 -20.21 -0.14
CA ALA P 496 -12.05 -19.74 0.10
C ALA P 496 -11.71 -18.50 -0.72
N ALA P 497 -12.59 -18.07 -1.62
CA ALA P 497 -12.53 -16.98 -2.58
C ALA P 497 -13.23 -15.74 -2.05
N PRO P 498 -12.84 -14.55 -2.51
CA PRO P 498 -13.44 -13.33 -1.98
C PRO P 498 -14.88 -13.11 -2.46
N GLY P 499 -15.64 -12.40 -1.64
CA GLY P 499 -16.92 -11.90 -2.08
C GLY P 499 -16.76 -10.66 -2.93
N HIS P 500 -17.86 -10.26 -3.58
CA HIS P 500 -17.85 -9.12 -4.50
C HIS P 500 -18.42 -7.90 -3.78
N GLY P 501 -17.56 -7.09 -3.22
CA GLY P 501 -18.01 -5.90 -2.52
C GLY P 501 -16.87 -5.02 -2.09
N PHE P 502 -17.23 -3.83 -1.61
CA PHE P 502 -16.25 -2.84 -1.16
C PHE P 502 -15.58 -3.28 0.14
N ARG P 503 -16.37 -3.72 1.11
CA ARG P 503 -15.86 -4.18 2.39
C ARG P 503 -15.44 -5.64 2.37
N ALA P 504 -15.87 -6.41 1.38
CA ALA P 504 -15.65 -7.85 1.39
C ALA P 504 -14.20 -8.22 1.07
N ILE P 505 -13.46 -7.37 0.34
CA ILE P 505 -12.07 -7.68 0.03
C ILE P 505 -11.19 -7.53 1.27
N LEU P 506 -11.45 -6.49 2.07
CA LEU P 506 -10.74 -6.32 3.34
C LEU P 506 -11.05 -7.47 4.29
N ASP P 507 -12.32 -7.89 4.32
CA ASP P 507 -12.70 -9.03 5.14
C ASP P 507 -12.00 -10.30 4.69
N TRP P 508 -11.90 -10.52 3.38
CA TRP P 508 -11.20 -11.70 2.89
C TRP P 508 -9.74 -11.68 3.32
N THR P 509 -9.09 -10.52 3.21
CA THR P 509 -7.70 -10.40 3.64
C THR P 509 -7.54 -10.78 5.11
N ASN P 510 -8.39 -10.21 5.97
CA ASN P 510 -8.33 -10.50 7.40
C ASN P 510 -8.56 -11.99 7.68
N TYR P 511 -9.61 -12.56 7.08
CA TYR P 511 -9.97 -13.95 7.35
C TYR P 511 -8.90 -14.91 6.89
N VAL P 512 -8.33 -14.68 5.70
CA VAL P 512 -7.32 -15.60 5.19
C VAL P 512 -6.04 -15.52 6.01
N SER P 513 -5.66 -14.33 6.47
CA SER P 513 -4.51 -14.27 7.36
C SER P 513 -4.77 -14.98 8.69
N ILE P 514 -5.97 -14.82 9.24
CA ILE P 514 -6.28 -15.43 10.54
C ILE P 514 -6.35 -16.94 10.44
N HIS P 515 -6.91 -17.46 9.33
CA HIS P 515 -7.12 -18.90 9.19
C HIS P 515 -5.81 -19.67 9.20
N TRP P 516 -4.84 -19.24 8.39
CA TRP P 516 -3.58 -19.96 8.22
C TRP P 516 -2.48 -19.34 9.06
N GLY P 517 -2.61 -19.49 10.38
CA GLY P 517 -1.60 -18.96 11.27
C GLY P 517 -1.52 -17.44 11.18
N ASN P 518 -0.30 -16.95 11.07
CA ASN P 518 -0.04 -15.52 10.93
C ASN P 518 0.69 -15.28 9.61
N PHE P 519 0.18 -14.38 8.78
CA PHE P 519 0.77 -14.14 7.47
C PHE P 519 2.06 -13.35 7.54
N TYR P 520 2.39 -12.74 8.68
CA TYR P 520 3.66 -12.05 8.80
C TYR P 520 4.83 -13.02 8.76
N TYR P 521 4.61 -14.28 9.13
CA TYR P 521 5.66 -15.28 9.12
C TYR P 521 5.65 -16.13 7.86
N ASN P 522 4.93 -15.70 6.85
CA ASN P 522 5.02 -16.28 5.51
C ASN P 522 6.20 -15.64 4.79
N PRO P 523 7.23 -16.41 4.40
CA PRO P 523 8.42 -15.79 3.81
C PRO P 523 8.21 -15.23 2.40
N PHE P 524 7.31 -15.81 1.61
CA PHE P 524 7.01 -15.23 0.32
C PHE P 524 6.13 -13.99 0.45
N HIS P 525 5.38 -13.88 1.55
CA HIS P 525 4.76 -12.61 1.91
C HIS P 525 5.83 -11.55 2.18
N MET P 526 6.91 -11.94 2.86
CA MET P 526 8.02 -11.02 3.08
C MET P 526 8.66 -10.59 1.77
N LEU P 527 8.87 -11.53 0.85
CA LEU P 527 9.42 -11.18 -0.46
C LEU P 527 8.50 -10.24 -1.22
N SER P 528 7.19 -10.50 -1.20
CA SER P 528 6.24 -9.62 -1.88
C SER P 528 6.30 -8.21 -1.32
N ILE P 529 6.38 -8.08 0.01
CA ILE P 529 6.44 -6.76 0.62
C ILE P 529 7.74 -6.06 0.26
N PHE P 530 8.85 -6.81 0.24
CA PHE P 530 10.13 -6.27 -0.24
C PHE P 530 9.97 -5.65 -1.61
N PHE P 531 9.37 -6.39 -2.54
CA PHE P 531 9.29 -5.90 -3.92
C PHE P 531 8.28 -4.75 -4.07
N LEU P 532 7.19 -4.78 -3.30
CA LEU P 532 6.21 -3.68 -3.39
C LEU P 532 6.77 -2.37 -2.87
N LEU P 533 7.42 -2.41 -1.69
CA LEU P 533 8.01 -1.20 -1.15
C LEU P 533 9.19 -0.73 -2.00
N GLY P 534 9.95 -1.67 -2.57
CA GLY P 534 11.01 -1.27 -3.49
C GLY P 534 10.47 -0.62 -4.75
N SER P 535 9.34 -1.11 -5.26
CA SER P 535 8.71 -0.51 -6.42
C SER P 535 8.29 0.93 -6.14
N THR P 536 7.69 1.16 -4.97
CA THR P 536 7.30 2.53 -4.63
C THR P 536 8.52 3.44 -4.45
N LEU P 537 9.55 2.94 -3.79
CA LEU P 537 10.82 3.66 -3.66
C LEU P 537 11.35 4.08 -5.03
N LEU P 538 11.44 3.12 -5.96
CA LEU P 538 12.03 3.36 -7.27
C LEU P 538 11.18 4.32 -8.09
N LEU P 539 9.84 4.19 -8.03
CA LEU P 539 8.98 5.11 -8.75
C LEU P 539 9.17 6.55 -8.29
N ALA P 540 9.19 6.75 -6.97
CA ALA P 540 9.39 8.10 -6.45
C ALA P 540 10.76 8.65 -6.86
N MET P 541 11.80 7.82 -6.75
CA MET P 541 13.14 8.26 -7.13
C MET P 541 13.23 8.68 -8.60
N HIS P 542 12.73 7.82 -9.50
CA HIS P 542 12.83 8.11 -10.93
C HIS P 542 12.03 9.36 -11.28
N GLY P 543 10.80 9.47 -10.77
CA GLY P 543 10.01 10.65 -11.08
C GLY P 543 10.67 11.93 -10.60
N ALA P 544 11.17 11.92 -9.36
CA ALA P 544 11.80 13.13 -8.81
C ALA P 544 13.05 13.51 -9.60
N THR P 545 13.89 12.54 -9.94
CA THR P 545 15.14 12.88 -10.62
C THR P 545 14.91 13.30 -12.07
N ILE P 546 13.84 12.82 -12.71
CA ILE P 546 13.58 13.29 -14.07
C ILE P 546 12.94 14.67 -14.06
N VAL P 547 12.06 14.95 -13.09
CA VAL P 547 11.48 16.29 -13.00
C VAL P 547 12.54 17.31 -12.61
N ALA P 548 13.50 16.92 -11.78
CA ALA P 548 14.52 17.86 -11.31
C ALA P 548 15.44 18.34 -12.43
N THR P 549 15.72 17.50 -13.42
CA THR P 549 16.62 17.83 -14.52
C THR P 549 15.87 18.12 -15.82
N SER P 550 14.64 18.59 -15.74
CA SER P 550 13.80 18.75 -16.92
C SER P 550 14.03 20.05 -17.66
N LYS P 551 14.87 20.95 -17.14
CA LYS P 551 15.24 22.15 -17.88
C LYS P 551 15.98 21.79 -19.16
N TRP P 552 16.72 20.69 -19.15
CA TRP P 552 17.50 20.24 -20.29
C TRP P 552 16.84 19.08 -21.03
N LYS P 553 15.53 18.90 -20.84
CA LYS P 553 14.72 17.96 -21.60
C LYS P 553 15.17 16.51 -21.42
N SER P 554 15.33 16.11 -20.17
CA SER P 554 15.75 14.74 -19.87
C SER P 554 14.61 13.74 -19.95
N GLU P 555 13.36 14.21 -19.92
CA GLU P 555 12.20 13.32 -19.93
C GLU P 555 11.86 12.80 -21.31
N MET P 556 12.47 13.35 -22.36
CA MET P 556 12.29 12.83 -23.72
C MET P 556 13.18 11.60 -23.88
N GLU P 557 12.80 10.53 -23.17
CA GLU P 557 13.64 9.36 -23.02
C GLU P 557 13.80 8.57 -24.31
N PHE P 558 13.00 8.84 -25.34
CA PHE P 558 13.17 8.16 -26.62
C PHE P 558 14.42 8.65 -27.35
N THR P 559 14.63 9.96 -27.38
CA THR P 559 15.81 10.53 -28.03
C THR P 559 17.05 10.52 -27.15
N GLU P 560 16.89 10.33 -25.83
CA GLU P 560 18.03 10.21 -24.94
C GLU P 560 18.69 8.85 -25.04
N MET P 561 17.99 7.83 -25.50
CA MET P 561 18.56 6.51 -25.68
C MET P 561 19.36 6.39 -26.98
N MET P 562 19.47 7.47 -27.73
CA MET P 562 20.34 7.54 -28.90
C MET P 562 21.56 8.43 -28.69
N ALA P 563 21.44 9.50 -27.91
CA ALA P 563 22.58 10.34 -27.54
C ALA P 563 22.18 11.14 -26.32
N GLU P 564 22.94 11.00 -25.23
CA GLU P 564 22.57 11.59 -23.95
C GLU P 564 23.05 13.03 -23.83
N GLY P 565 22.18 13.89 -23.29
CA GLY P 565 22.47 15.29 -23.14
C GLY P 565 22.70 15.69 -21.69
N PRO P 566 22.72 16.99 -21.43
CA PRO P 566 23.12 17.47 -20.09
C PRO P 566 22.24 17.00 -18.94
N GLY P 567 20.93 16.83 -19.15
CA GLY P 567 20.07 16.40 -18.05
C GLY P 567 20.36 14.99 -17.58
N THR P 568 20.53 14.06 -18.52
CA THR P 568 20.86 12.69 -18.16
C THR P 568 22.23 12.61 -17.50
N GLN P 569 23.19 13.38 -18.01
CA GLN P 569 24.51 13.42 -17.40
C GLN P 569 24.44 13.92 -15.96
N ARG P 570 23.64 14.96 -15.71
CA ARG P 570 23.48 15.46 -14.35
C ARG P 570 22.82 14.43 -13.44
N ALA P 571 21.81 13.71 -13.95
CA ALA P 571 21.16 12.68 -13.14
C ALA P 571 22.15 11.56 -12.78
N GLN P 572 22.95 11.14 -13.75
CA GLN P 572 23.97 10.12 -13.50
C GLN P 572 24.98 10.58 -12.45
N LEU P 573 25.45 11.82 -12.56
CA LEU P 573 26.41 12.33 -11.59
C LEU P 573 25.79 12.46 -10.21
N PHE P 574 24.52 12.90 -10.14
CA PHE P 574 23.83 12.98 -8.86
C PHE P 574 23.83 11.63 -8.15
N TRP P 575 23.38 10.59 -8.84
CA TRP P 575 23.26 9.31 -8.14
C TRP P 575 24.61 8.65 -7.91
N ARG P 576 25.62 8.97 -8.72
CA ARG P 576 26.96 8.46 -8.45
C ARG P 576 27.58 9.12 -7.22
N TRP P 577 27.37 10.43 -7.06
CA TRP P 577 27.91 11.12 -5.90
C TRP P 577 27.10 10.86 -4.64
N VAL P 578 25.86 10.39 -4.76
CA VAL P 578 25.08 10.02 -3.58
C VAL P 578 25.35 8.57 -3.17
N MET P 579 25.09 7.62 -4.07
CA MET P 579 25.16 6.20 -3.73
C MET P 579 26.50 5.56 -4.02
N GLY P 580 27.27 6.08 -4.98
CA GLY P 580 28.45 5.40 -5.46
C GLY P 580 28.27 4.63 -6.75
N TRP P 581 27.05 4.56 -7.27
CA TRP P 581 26.79 3.91 -8.55
C TRP P 581 25.50 4.50 -9.12
N ASN P 582 25.39 4.43 -10.45
CA ASN P 582 24.26 5.02 -11.16
C ASN P 582 23.78 4.04 -12.22
N ALA P 583 22.87 4.52 -13.08
CA ALA P 583 22.26 3.72 -14.13
C ALA P 583 22.21 4.56 -15.40
N ASN P 584 21.46 4.08 -16.38
CA ASN P 584 21.34 4.69 -17.70
C ASN P 584 19.94 5.26 -17.88
N SER P 585 19.71 5.89 -19.02
CA SER P 585 18.36 6.22 -19.46
C SER P 585 17.66 5.03 -20.09
N TYR P 586 18.32 3.88 -20.15
CA TYR P 586 17.75 2.67 -20.71
C TYR P 586 17.46 1.61 -19.66
N ASN P 587 18.45 1.22 -18.85
CA ASN P 587 18.27 0.08 -17.95
C ASN P 587 17.57 0.43 -16.65
N ILE P 588 17.35 1.72 -16.38
CA ILE P 588 16.53 2.09 -15.23
C ILE P 588 15.11 1.57 -15.40
N HIS P 589 14.59 1.61 -16.62
CA HIS P 589 13.26 1.09 -16.88
C HIS P 589 13.23 -0.43 -16.88
N ILE P 590 14.37 -1.08 -17.08
CA ILE P 590 14.49 -2.53 -16.86
C ILE P 590 14.31 -2.84 -15.37
N TRP P 591 15.03 -2.11 -14.51
CA TRP P 591 14.83 -2.23 -13.08
C TRP P 591 13.36 -2.06 -12.71
N ALA P 592 12.71 -1.05 -13.29
CA ALA P 592 11.30 -0.80 -13.00
C ALA P 592 10.43 -1.98 -13.37
N TRP P 593 10.58 -2.49 -14.60
CA TRP P 593 9.76 -3.61 -15.06
C TRP P 593 9.92 -4.82 -14.14
N TRP P 594 11.16 -5.18 -13.80
CA TRP P 594 11.33 -6.42 -13.05
C TRP P 594 10.93 -6.27 -11.59
N PHE P 595 11.17 -5.10 -10.99
CA PHE P 595 10.72 -4.90 -9.62
C PHE P 595 9.20 -4.96 -9.52
N ALA P 596 8.50 -4.40 -10.52
CA ALA P 596 7.05 -4.48 -10.49
C ALA P 596 6.56 -5.90 -10.78
N ALA P 597 7.26 -6.66 -11.63
CA ALA P 597 6.79 -7.99 -11.99
C ALA P 597 6.98 -9.00 -10.86
N PHE P 598 8.07 -8.91 -10.10
CA PHE P 598 8.34 -9.93 -9.07
C PHE P 598 7.29 -9.93 -7.96
N THR P 599 6.65 -8.78 -7.72
CA THR P 599 5.67 -8.68 -6.64
C THR P 599 4.54 -9.69 -6.80
N ALA P 600 3.92 -9.70 -7.98
CA ALA P 600 2.77 -10.57 -8.21
C ALA P 600 3.15 -12.04 -8.22
N ILE P 601 4.32 -12.37 -8.76
CA ILE P 601 4.74 -13.76 -8.84
C ILE P 601 5.02 -14.32 -7.45
N THR P 602 5.76 -13.57 -6.64
CA THR P 602 6.01 -14.03 -5.27
C THR P 602 4.72 -14.09 -4.46
N GLY P 603 3.81 -13.14 -4.67
CA GLY P 603 2.53 -13.21 -4.00
C GLY P 603 1.72 -14.43 -4.37
N ALA P 604 1.70 -14.78 -5.65
CA ALA P 604 0.98 -15.97 -6.09
C ALA P 604 1.55 -17.23 -5.45
N ILE P 605 2.88 -17.36 -5.44
CA ILE P 605 3.50 -18.54 -4.85
C ILE P 605 3.18 -18.62 -3.36
N GLY P 606 3.30 -17.50 -2.65
CA GLY P 606 3.06 -17.52 -1.21
C GLY P 606 1.62 -17.87 -0.87
N LEU P 607 0.67 -17.22 -1.54
CA LEU P 607 -0.74 -17.52 -1.26
C LEU P 607 -1.07 -18.97 -1.60
N PHE P 608 -0.56 -19.49 -2.72
CA PHE P 608 -0.88 -20.87 -3.06
C PHE P 608 -0.31 -21.84 -2.03
N LEU P 609 0.92 -21.60 -1.55
CA LEU P 609 1.47 -22.47 -0.52
C LEU P 609 0.77 -22.31 0.81
N SER P 610 0.04 -21.20 1.00
CA SER P 610 -0.45 -20.83 2.33
C SER P 610 -1.33 -21.89 2.96
N GLY P 611 -2.21 -22.52 2.20
CA GLY P 611 -3.12 -23.45 2.85
C GLY P 611 -2.83 -24.91 2.63
N THR P 612 -2.15 -25.21 1.53
CA THR P 612 -2.01 -26.57 1.02
C THR P 612 -0.80 -27.32 1.57
N LEU P 613 0.30 -26.63 1.85
CA LEU P 613 1.50 -27.28 2.39
C LEU P 613 1.81 -26.87 3.82
N VAL P 614 1.60 -25.62 4.18
CA VAL P 614 1.90 -25.12 5.52
C VAL P 614 0.62 -24.56 6.12
N PRO P 615 -0.05 -25.30 7.00
CA PRO P 615 -1.32 -24.84 7.58
C PRO P 615 -1.18 -23.85 8.72
N ASP P 616 0.04 -23.45 9.09
CA ASP P 616 0.25 -22.58 10.24
C ASP P 616 1.64 -21.98 10.09
N TRP P 617 1.70 -20.66 9.92
CA TRP P 617 2.98 -20.03 9.60
C TRP P 617 3.78 -19.66 10.84
N TYR P 618 3.10 -19.35 11.95
CA TYR P 618 3.81 -19.08 13.18
C TYR P 618 4.51 -20.32 13.73
N ALA P 619 3.83 -21.46 13.71
CA ALA P 619 4.45 -22.71 14.16
C ALA P 619 5.61 -23.11 13.25
N TRP P 620 5.45 -22.94 11.94
CA TRP P 620 6.55 -23.20 11.02
C TRP P 620 7.74 -22.30 11.32
N GLY P 621 7.50 -20.99 11.51
CA GLY P 621 8.57 -20.08 11.85
C GLY P 621 9.23 -20.39 13.17
N GLU P 622 8.48 -20.98 14.10
CA GLU P 622 9.08 -21.46 15.35
C GLU P 622 10.00 -22.64 15.14
N THR P 623 9.64 -23.57 14.25
CA THR P 623 10.56 -24.65 13.94
C THR P 623 11.74 -24.22 13.06
N ALA P 624 11.63 -23.10 12.36
CA ALA P 624 12.68 -22.62 11.48
C ALA P 624 13.57 -21.56 12.12
N LYS P 625 13.36 -21.24 13.40
CA LYS P 625 14.23 -20.36 14.17
C LYS P 625 14.22 -18.92 13.65
N ILE P 626 13.03 -18.37 13.43
CA ILE P 626 12.92 -16.98 12.99
C ILE P 626 11.93 -16.21 13.87
N VAL P 627 11.57 -16.77 15.01
CA VAL P 627 10.64 -16.14 15.95
C VAL P 627 11.40 -15.81 17.24
N ALA P 628 11.28 -14.57 17.69
CA ALA P 628 11.94 -14.15 18.92
C ALA P 628 11.19 -14.65 20.15
N PRO P 629 11.91 -14.93 21.25
CA PRO P 629 11.27 -15.55 22.42
C PRO P 629 10.18 -14.74 23.12
N TRP P 630 10.48 -13.52 23.56
CA TRP P 630 9.52 -12.64 24.24
C TRP P 630 8.93 -13.27 25.50
N PRO P 631 9.71 -13.44 26.57
CA PRO P 631 9.19 -14.13 27.76
C PRO P 631 8.46 -13.23 28.75
N ASN P 632 8.76 -11.94 28.78
CA ASN P 632 8.17 -11.00 29.73
C ASN P 632 7.70 -9.73 29.02
N PRO P 633 6.58 -9.82 28.29
CA PRO P 633 6.08 -8.62 27.59
C PRO P 633 5.57 -7.57 28.57
N ASP P 634 5.67 -6.31 28.15
CA ASP P 634 5.10 -5.17 28.87
C ASP P 634 3.75 -4.87 28.22
N TRP P 635 2.70 -5.51 28.72
CA TRP P 635 1.41 -5.47 28.08
C TRP P 635 0.60 -4.22 28.42
N ALA P 636 1.09 -3.38 29.32
CA ALA P 636 0.40 -2.13 29.66
C ALA P 636 0.28 -1.20 28.47
N GLN P 637 1.10 -1.38 27.42
CA GLN P 637 0.95 -0.57 26.22
C GLN P 637 -0.32 -0.93 25.46
N TYR P 638 -0.76 -2.19 25.54
CA TYR P 638 -1.81 -2.69 24.66
C TYR P 638 -3.17 -2.77 25.33
N VAL P 639 -3.33 -2.17 26.51
CA VAL P 639 -4.59 -2.17 27.23
C VAL P 639 -4.96 -0.74 27.58
N PHE P 640 -6.21 -0.37 27.32
CA PHE P 640 -6.71 0.95 27.70
C PHE P 640 -7.00 1.00 29.19
N SER Q 30 27.59 16.97 -33.61
CA SER Q 30 26.64 17.15 -32.53
C SER Q 30 26.94 16.19 -31.38
N ALA Q 31 26.88 14.89 -31.66
CA ALA Q 31 27.11 13.85 -30.68
C ALA Q 31 28.27 12.98 -31.11
N GLU Q 32 29.17 12.66 -30.17
CA GLU Q 32 30.28 11.76 -30.43
C GLU Q 32 30.47 10.88 -29.21
N VAL Q 33 31.50 10.04 -29.25
CA VAL Q 33 31.79 9.11 -28.17
C VAL Q 33 32.64 9.80 -27.11
N ILE Q 34 32.13 9.85 -25.89
CA ILE Q 34 32.81 10.45 -24.75
C ILE Q 34 33.03 9.37 -23.71
N PRO Q 35 34.18 9.30 -23.05
CA PRO Q 35 34.46 8.19 -22.12
C PRO Q 35 34.00 8.39 -20.68
N PHE Q 36 33.16 9.38 -20.39
CA PHE Q 36 32.55 9.59 -19.07
C PHE Q 36 33.53 10.14 -18.03
N SER Q 37 34.81 10.18 -18.36
CA SER Q 37 35.75 10.89 -17.49
C SER Q 37 35.67 12.39 -17.73
N ILE Q 38 35.53 12.79 -19.00
CA ILE Q 38 35.31 14.18 -19.35
C ILE Q 38 34.00 14.67 -18.75
N ILE Q 39 32.97 13.83 -18.76
CA ILE Q 39 31.67 14.20 -18.22
C ILE Q 39 31.79 14.54 -16.74
N GLU Q 40 32.48 13.69 -15.98
CA GLU Q 40 32.61 13.92 -14.55
C GLU Q 40 33.52 15.10 -14.25
N GLU Q 41 34.62 15.23 -15.00
CA GLU Q 41 35.55 16.33 -14.76
C GLU Q 41 34.94 17.69 -15.10
N PHE Q 42 34.00 17.74 -16.04
CA PHE Q 42 33.43 19.03 -16.43
C PHE Q 42 32.56 19.63 -15.34
N TYR Q 43 31.84 18.79 -14.60
CA TYR Q 43 30.77 19.26 -13.71
C TYR Q 43 31.20 19.42 -12.25
N LYS Q 44 32.46 19.17 -11.91
CA LYS Q 44 32.92 19.32 -10.54
C LYS Q 44 33.31 20.77 -10.28
N ARG Q 45 32.62 21.40 -9.33
CA ARG Q 45 32.88 22.77 -8.92
C ARG Q 45 32.98 22.85 -7.41
N PRO Q 46 33.74 23.81 -6.88
CA PRO Q 46 33.80 24.00 -5.43
C PRO Q 46 32.78 24.99 -4.88
N GLY Q 47 32.14 24.59 -3.78
CA GLY Q 47 31.44 25.51 -2.91
C GLY Q 47 30.14 26.14 -3.38
N LYS Q 48 29.08 25.35 -3.52
CA LYS Q 48 27.76 25.91 -3.76
C LYS Q 48 26.72 25.29 -2.83
N THR Q 49 27.15 24.84 -1.65
CA THR Q 49 26.30 24.07 -0.75
C THR Q 49 25.75 24.98 0.35
N LEU Q 50 25.02 24.37 1.29
CA LEU Q 50 24.39 25.14 2.36
C LEU Q 50 25.42 25.67 3.34
N ALA Q 51 26.41 24.86 3.71
CA ALA Q 51 27.45 25.31 4.62
C ALA Q 51 28.29 26.41 4.00
N ALA Q 52 28.50 26.34 2.68
CA ALA Q 52 29.21 27.40 2.00
C ALA Q 52 28.44 28.70 1.97
N ARG Q 53 27.12 28.65 2.10
CA ARG Q 53 26.30 29.85 2.13
C ARG Q 53 26.10 30.39 3.55
N PHE Q 54 26.20 29.53 4.56
CA PHE Q 54 26.07 29.99 5.94
C PHE Q 54 27.40 30.49 6.49
N PHE Q 55 28.42 29.62 6.52
CA PHE Q 55 29.72 29.98 7.08
C PHE Q 55 30.66 30.64 6.08
N GLY Q 56 30.33 30.64 4.80
CA GLY Q 56 31.20 31.15 3.78
C GLY Q 56 32.13 30.12 3.18
N VAL Q 57 32.27 28.95 3.79
CA VAL Q 57 33.13 27.89 3.28
C VAL Q 57 32.63 26.57 3.86
N ASP Q 58 32.75 25.51 3.06
CA ASP Q 58 32.40 24.16 3.52
C ASP Q 58 33.64 23.50 4.09
N PRO Q 59 33.64 23.09 5.37
CA PRO Q 59 34.86 22.49 5.95
C PRO Q 59 35.26 21.17 5.31
N PHE Q 60 34.34 20.43 4.69
CA PHE Q 60 34.62 19.12 4.13
C PHE Q 60 34.30 19.05 2.64
N ASP Q 61 34.58 20.11 1.90
CA ASP Q 61 34.20 20.18 0.49
C ASP Q 61 35.20 19.40 -0.35
N PHE Q 62 35.06 18.08 -0.35
CA PHE Q 62 35.88 17.23 -1.20
C PHE Q 62 35.17 15.91 -1.47
N TRP Q 63 35.83 15.08 -2.27
CA TRP Q 63 35.33 13.77 -2.68
C TRP Q 63 36.24 12.68 -2.13
N ILE Q 64 35.64 11.58 -1.69
CA ILE Q 64 36.38 10.37 -1.33
C ILE Q 64 35.88 9.26 -2.24
N GLY Q 65 36.77 8.74 -3.08
CA GLY Q 65 36.33 7.80 -4.08
C GLY Q 65 35.31 8.44 -5.01
N ARG Q 66 34.15 7.79 -5.14
CA ARG Q 66 33.05 8.35 -5.90
C ARG Q 66 32.15 9.24 -5.07
N PHE Q 67 32.21 9.12 -3.74
CA PHE Q 67 31.28 9.83 -2.88
C PHE Q 67 31.72 11.26 -2.66
N TYR Q 68 30.76 12.16 -2.49
CA TYR Q 68 31.03 13.53 -2.09
C TYR Q 68 30.83 13.65 -0.59
N VAL Q 69 31.86 14.08 0.13
CA VAL Q 69 31.78 14.35 1.55
C VAL Q 69 31.56 15.84 1.74
N GLY Q 70 30.82 16.21 2.77
CA GLY Q 70 30.72 17.59 3.15
C GLY Q 70 30.35 17.69 4.61
N LEU Q 71 29.95 18.89 5.01
CA LEU Q 71 29.14 18.96 6.22
C LEU Q 71 27.85 18.22 5.91
N PHE Q 72 27.31 17.54 6.92
CA PHE Q 72 26.17 16.62 6.82
C PHE Q 72 26.55 15.30 6.18
N GLY Q 73 27.77 15.15 5.68
CA GLY Q 73 28.26 13.86 5.25
C GLY Q 73 29.11 13.25 6.34
N ALA Q 74 29.78 14.11 7.11
CA ALA Q 74 30.49 13.65 8.30
C ALA Q 74 29.52 13.33 9.44
N ILE Q 75 28.52 14.19 9.63
CA ILE Q 75 27.51 13.96 10.67
C ILE Q 75 26.75 12.67 10.39
N SER Q 76 26.36 12.45 9.14
CA SER Q 76 25.64 11.24 8.79
C SER Q 76 26.48 9.99 9.03
N ILE Q 77 27.77 10.02 8.67
CA ILE Q 77 28.60 8.84 8.85
C ILE Q 77 28.83 8.56 10.33
N ILE Q 78 28.96 9.61 11.15
CA ILE Q 78 29.06 9.42 12.60
C ILE Q 78 27.81 8.72 13.12
N GLY Q 79 26.65 9.22 12.72
CA GLY Q 79 25.40 8.61 13.14
C GLY Q 79 25.28 7.15 12.70
N ILE Q 80 25.70 6.85 11.47
CA ILE Q 80 25.60 5.49 10.95
C ILE Q 80 26.45 4.54 11.78
N ILE Q 81 27.72 4.90 12.00
CA ILE Q 81 28.62 4.01 12.72
C ILE Q 81 28.12 3.80 14.15
N LEU Q 82 27.73 4.89 14.81
CA LEU Q 82 27.28 4.77 16.19
C LEU Q 82 25.99 3.95 16.30
N GLY Q 83 25.06 4.15 15.37
CA GLY Q 83 23.82 3.39 15.40
C GLY Q 83 24.05 1.90 15.20
N VAL Q 84 24.91 1.54 14.25
CA VAL Q 84 25.21 0.13 14.04
C VAL Q 84 25.86 -0.48 15.28
N ALA Q 85 26.82 0.23 15.87
CA ALA Q 85 27.50 -0.31 17.05
C ALA Q 85 26.56 -0.47 18.23
N PHE Q 86 25.69 0.51 18.48
CA PHE Q 86 24.74 0.41 19.58
C PHE Q 86 23.73 -0.70 19.35
N TYR Q 87 23.24 -0.85 18.11
CA TYR Q 87 22.31 -1.93 17.79
C TYR Q 87 22.94 -3.29 18.05
N LEU Q 88 24.18 -3.49 17.59
CA LEU Q 88 24.82 -4.78 17.77
C LEU Q 88 25.18 -5.04 19.23
N TYR Q 89 25.54 -4.00 19.98
CA TYR Q 89 25.80 -4.21 21.41
C TYR Q 89 24.54 -4.60 22.15
N GLU Q 90 23.41 -3.94 21.84
CA GLU Q 90 22.15 -4.30 22.48
C GLU Q 90 21.69 -5.70 22.09
N GLY Q 91 21.97 -6.13 20.86
CA GLY Q 91 21.56 -7.45 20.44
C GLY Q 91 22.42 -8.60 20.93
N VAL Q 92 23.73 -8.53 20.68
CA VAL Q 92 24.62 -9.63 21.05
C VAL Q 92 24.84 -9.67 22.56
N VAL Q 93 25.27 -8.56 23.14
CA VAL Q 93 25.32 -8.41 24.59
C VAL Q 93 23.97 -7.86 25.02
N ASN Q 94 23.66 -8.02 26.31
CA ASN Q 94 22.39 -7.61 26.91
C ASN Q 94 21.23 -8.52 26.49
N GLU Q 95 21.47 -9.41 25.53
CA GLU Q 95 20.51 -10.44 25.19
C GLU Q 95 21.13 -11.82 25.01
N GLY Q 96 22.43 -11.91 24.75
CA GLY Q 96 23.12 -13.18 24.67
C GLY Q 96 22.68 -14.06 23.53
N THR Q 97 22.42 -13.49 22.36
CA THR Q 97 22.01 -14.26 21.20
C THR Q 97 22.89 -13.90 20.01
N LEU Q 98 23.32 -14.92 19.28
CA LEU Q 98 24.01 -14.74 18.01
C LEU Q 98 23.08 -14.92 16.81
N ASN Q 99 21.80 -15.16 17.05
CA ASN Q 99 20.81 -15.26 15.99
C ASN Q 99 20.24 -13.88 15.71
N ILE Q 100 20.43 -13.38 14.49
CA ILE Q 100 20.03 -12.03 14.15
C ILE Q 100 18.52 -11.90 13.98
N LEU Q 101 17.81 -13.01 13.81
CA LEU Q 101 16.36 -12.99 13.66
C LEU Q 101 15.63 -13.29 14.97
N ALA Q 102 16.35 -13.39 16.09
CA ALA Q 102 15.75 -13.66 17.37
C ALA Q 102 16.00 -12.53 18.37
N MET Q 103 16.37 -11.35 17.90
CA MET Q 103 16.67 -10.21 18.75
C MET Q 103 15.44 -9.32 18.92
N ARG Q 104 15.31 -8.73 20.11
CA ARG Q 104 14.25 -7.78 20.44
C ARG Q 104 14.91 -6.52 21.00
N ILE Q 105 15.22 -5.56 20.13
CA ILE Q 105 15.83 -4.32 20.60
C ILE Q 105 14.70 -3.39 21.02
N GLU Q 106 14.39 -3.38 22.33
CA GLU Q 106 13.11 -2.87 22.81
C GLU Q 106 13.24 -1.53 23.54
N PRO Q 107 12.20 -0.71 23.49
CA PRO Q 107 12.20 0.56 24.23
C PRO Q 107 11.93 0.33 25.70
N PRO Q 108 12.03 1.36 26.53
CA PRO Q 108 11.71 1.20 27.95
C PRO Q 108 10.22 0.91 28.14
N PRO Q 109 9.81 0.41 29.30
CA PRO Q 109 8.39 0.24 29.57
C PRO Q 109 7.68 1.58 29.64
N VAL Q 110 6.36 1.55 29.41
CA VAL Q 110 5.57 2.78 29.43
C VAL Q 110 5.43 3.34 30.84
N SER Q 111 5.79 2.56 31.86
CA SER Q 111 5.75 3.07 33.23
C SER Q 111 6.86 4.07 33.52
N GLN Q 112 7.89 4.11 32.68
CA GLN Q 112 9.00 5.03 32.88
C GLN Q 112 8.70 6.43 32.36
N GLY Q 113 7.66 6.60 31.57
CA GLY Q 113 7.36 7.90 31.00
C GLY Q 113 8.35 8.28 29.90
N LEU Q 114 8.56 9.58 29.76
CA LEU Q 114 9.51 10.13 28.81
C LEU Q 114 10.89 10.37 29.43
N ASN Q 115 11.27 9.57 30.43
CA ASN Q 115 12.54 9.70 31.10
C ASN Q 115 13.57 8.75 30.52
N VAL Q 116 14.82 9.18 30.52
CA VAL Q 116 15.95 8.40 30.06
C VAL Q 116 16.85 8.13 31.26
N ASP Q 117 17.22 6.87 31.47
CA ASP Q 117 18.08 6.52 32.60
C ASP Q 117 19.12 5.49 32.15
N PRO Q 118 20.41 5.80 32.29
CA PRO Q 118 21.45 4.85 31.87
C PRO Q 118 21.46 3.54 32.64
N ALA Q 119 20.81 3.47 33.81
CA ALA Q 119 20.82 2.27 34.63
C ALA Q 119 19.61 1.38 34.41
N GLN Q 120 18.85 1.59 33.35
CA GLN Q 120 17.60 0.90 33.10
C GLN Q 120 17.65 0.24 31.72
N PRO Q 121 16.85 -0.80 31.50
CA PRO Q 121 17.04 -1.65 30.31
C PRO Q 121 16.93 -0.95 28.96
N GLY Q 122 16.02 0.01 28.79
CA GLY Q 122 15.80 0.51 27.45
C GLY Q 122 16.81 1.50 26.92
N PHE Q 123 17.83 1.85 27.71
CA PHE Q 123 18.68 2.99 27.41
C PHE Q 123 19.33 2.88 26.04
N PHE Q 124 19.93 1.73 25.73
CA PHE Q 124 20.62 1.59 24.46
C PHE Q 124 19.67 1.73 23.29
N TRP Q 125 18.43 1.22 23.40
CA TRP Q 125 17.46 1.47 22.34
C TRP Q 125 17.38 2.96 22.04
N PHE Q 126 17.22 3.78 23.10
CA PHE Q 126 17.15 5.22 22.90
C PHE Q 126 18.35 5.71 22.11
N LEU Q 127 19.56 5.31 22.54
CA LEU Q 127 20.75 5.75 21.84
C LEU Q 127 20.65 5.42 20.35
N THR Q 128 20.36 4.15 20.04
CA THR Q 128 20.26 3.75 18.64
C THR Q 128 19.28 4.64 17.91
N MET Q 129 18.08 4.81 18.49
CA MET Q 129 17.06 5.62 17.84
C MET Q 129 17.61 7.00 17.52
N VAL Q 130 18.20 7.66 18.51
CA VAL Q 130 18.70 9.02 18.30
C VAL Q 130 19.71 9.03 17.17
N ALA Q 131 20.66 8.08 17.21
CA ALA Q 131 21.69 8.06 16.18
C ALA Q 131 21.05 7.94 14.80
N ALA Q 132 20.08 7.04 14.65
CA ALA Q 132 19.47 6.86 13.34
C ALA Q 132 18.86 8.16 12.85
N THR Q 133 18.16 8.87 13.74
CA THR Q 133 17.57 10.14 13.33
C THR Q 133 18.63 11.03 12.72
N ILE Q 134 19.76 11.21 13.42
CA ILE Q 134 20.82 12.06 12.90
C ILE Q 134 21.21 11.60 11.52
N ALA Q 135 21.53 10.31 11.38
CA ALA Q 135 21.92 9.79 10.09
C ALA Q 135 20.89 10.14 9.03
N PHE Q 136 19.62 9.82 9.30
CA PHE Q 136 18.60 10.06 8.29
C PHE Q 136 18.54 11.54 7.93
N VAL Q 137 18.50 12.40 8.94
CA VAL Q 137 18.39 13.82 8.66
C VAL Q 137 19.61 14.29 7.89
N GLY Q 138 20.80 13.83 8.32
CA GLY Q 138 22.00 14.22 7.61
C GLY Q 138 21.92 13.85 6.14
N TRP Q 139 21.48 12.61 5.87
CA TRP Q 139 21.35 12.17 4.48
C TRP Q 139 20.52 13.17 3.68
N LEU Q 140 19.37 13.56 4.22
CA LEU Q 140 18.50 14.50 3.52
C LEU Q 140 19.26 15.76 3.17
N LEU Q 141 19.90 16.38 4.15
CA LEU Q 141 20.58 17.64 3.88
C LEU Q 141 21.68 17.47 2.86
N ARG Q 142 22.39 16.32 2.91
CA ARG Q 142 23.45 16.08 1.95
C ARG Q 142 22.91 16.10 0.54
N GLN Q 143 21.73 15.50 0.32
CA GLN Q 143 21.14 15.51 -1.01
C GLN Q 143 20.93 16.93 -1.49
N ILE Q 144 20.43 17.82 -0.62
CA ILE Q 144 20.24 19.20 -1.02
C ILE Q 144 21.55 19.79 -1.51
N ASP Q 145 22.64 19.54 -0.77
CA ASP Q 145 23.94 20.06 -1.19
C ASP Q 145 24.26 19.64 -2.61
N ILE Q 146 24.08 18.34 -2.90
CA ILE Q 146 24.45 17.85 -4.22
C ILE Q 146 23.53 18.44 -5.27
N SER Q 147 22.25 18.62 -4.94
CA SER Q 147 21.32 19.26 -5.88
C SER Q 147 21.76 20.67 -6.20
N LEU Q 148 22.40 21.34 -5.23
CA LEU Q 148 22.86 22.70 -5.47
C LEU Q 148 24.15 22.72 -6.27
N LYS Q 149 24.91 21.63 -6.26
CA LYS Q 149 26.16 21.62 -7.01
C LYS Q 149 25.92 21.43 -8.51
N LEU Q 150 24.84 20.76 -8.88
CA LEU Q 150 24.54 20.46 -10.28
C LEU Q 150 23.43 21.35 -10.84
N ASP Q 151 22.97 22.35 -10.08
CA ASP Q 151 21.97 23.31 -10.54
C ASP Q 151 20.64 22.65 -10.90
N MET Q 152 20.15 21.78 -10.02
CA MET Q 152 18.93 21.02 -10.24
C MET Q 152 17.79 21.61 -9.41
N GLY Q 153 16.61 21.01 -9.55
CA GLY Q 153 15.50 21.27 -8.67
C GLY Q 153 15.64 20.51 -7.37
N MET Q 154 14.64 20.65 -6.52
CA MET Q 154 14.66 20.08 -5.17
C MET Q 154 13.68 18.94 -5.01
N GLU Q 155 13.45 18.16 -6.07
CA GLU Q 155 12.42 17.14 -6.03
C GLU Q 155 12.83 15.92 -5.20
N VAL Q 156 14.07 15.46 -5.37
CA VAL Q 156 14.53 14.29 -4.61
C VAL Q 156 14.53 14.53 -3.11
N PRO Q 157 15.04 15.67 -2.61
CA PRO Q 157 14.88 15.96 -1.17
C PRO Q 157 13.43 15.96 -0.69
N ILE Q 158 12.49 16.45 -1.50
CA ILE Q 158 11.08 16.43 -1.08
C ILE Q 158 10.56 15.01 -0.96
N ALA Q 159 10.81 14.19 -1.99
CA ALA Q 159 10.32 12.83 -1.98
C ALA Q 159 10.93 12.02 -0.85
N PHE Q 160 12.21 12.27 -0.53
CA PHE Q 160 12.84 11.55 0.58
C PHE Q 160 12.40 12.11 1.93
N GLY Q 161 12.14 13.40 2.01
CA GLY Q 161 11.68 13.98 3.26
C GLY Q 161 10.32 13.47 3.67
N ALA Q 162 9.51 13.04 2.69
CA ALA Q 162 8.25 12.38 3.03
C ALA Q 162 8.46 11.15 3.92
N VAL Q 163 9.39 10.28 3.55
CA VAL Q 163 9.58 9.06 4.33
C VAL Q 163 10.41 9.33 5.59
N VAL Q 164 11.27 10.34 5.57
CA VAL Q 164 11.93 10.76 6.81
C VAL Q 164 10.90 11.26 7.82
N SER Q 165 9.87 11.97 7.35
CA SER Q 165 8.78 12.38 8.22
C SER Q 165 7.96 11.18 8.70
N SER Q 166 7.85 10.13 7.89
CA SER Q 166 7.25 8.89 8.38
C SER Q 166 7.99 8.35 9.59
N TRP Q 167 9.32 8.27 9.50
CA TRP Q 167 10.12 7.79 10.63
C TRP Q 167 9.94 8.69 11.86
N ILE Q 168 9.97 10.01 11.65
CA ILE Q 168 9.84 10.95 12.77
C ILE Q 168 8.48 10.84 13.43
N THR Q 169 7.42 10.69 12.64
CA THR Q 169 6.08 10.51 13.20
C THR Q 169 6.00 9.23 14.02
N LEU Q 170 6.56 8.13 13.51
CA LEU Q 170 6.45 6.87 14.23
C LEU Q 170 7.24 6.87 15.52
N GLN Q 171 8.42 7.49 15.53
CA GLN Q 171 9.33 7.34 16.66
C GLN Q 171 9.44 8.55 17.58
N TRP Q 172 9.03 9.73 17.14
CA TRP Q 172 9.15 10.94 17.97
C TRP Q 172 7.80 11.55 18.34
N LEU Q 173 6.96 11.90 17.36
CA LEU Q 173 5.77 12.69 17.66
C LEU Q 173 4.73 11.87 18.40
N ARG Q 174 4.46 10.66 17.91
CA ARG Q 174 3.42 9.83 18.53
C ARG Q 174 3.77 9.41 19.96
N PRO Q 175 4.98 8.91 20.26
CA PRO Q 175 5.30 8.64 21.68
C PRO Q 175 5.25 9.86 22.59
N ILE Q 176 5.61 11.04 22.09
CA ILE Q 176 5.53 12.24 22.93
C ILE Q 176 4.08 12.61 23.19
N ALA Q 177 3.22 12.51 22.18
CA ALA Q 177 1.80 12.80 22.39
C ALA Q 177 1.15 11.76 23.30
N MET Q 178 1.56 10.50 23.20
CA MET Q 178 1.03 9.45 24.07
C MET Q 178 1.56 9.59 25.49
N GLY Q 179 2.82 9.97 25.64
CA GLY Q 179 3.38 10.26 26.95
C GLY Q 179 4.47 9.33 27.43
N ALA Q 180 4.99 8.46 26.56
CA ALA Q 180 6.01 7.51 26.97
C ALA Q 180 6.88 7.13 25.78
N TRP Q 181 8.16 6.85 26.04
CA TRP Q 181 9.04 6.29 25.03
C TRP Q 181 8.73 4.83 24.73
N GLY Q 182 7.94 4.17 25.56
CA GLY Q 182 7.55 2.79 25.37
C GLY Q 182 6.48 2.57 24.33
N HIS Q 183 6.03 3.62 23.68
CA HIS Q 183 5.09 3.51 22.56
C HIS Q 183 5.76 3.46 21.20
N GLY Q 184 7.11 3.50 21.16
CA GLY Q 184 7.81 3.36 19.89
C GLY Q 184 8.01 1.91 19.50
N PHE Q 185 8.41 1.66 18.26
CA PHE Q 185 8.51 0.27 17.78
C PHE Q 185 9.83 -0.42 18.15
N PRO Q 186 9.81 -1.73 18.50
CA PRO Q 186 11.05 -2.49 18.73
C PRO Q 186 11.85 -2.59 17.42
N LEU Q 187 13.17 -2.69 17.46
CA LEU Q 187 13.96 -2.64 16.20
C LEU Q 187 14.53 -4.00 15.78
N GLY Q 188 13.88 -5.13 16.09
CA GLY Q 188 14.31 -6.46 15.62
C GLY Q 188 13.84 -6.73 14.21
N ILE Q 189 14.48 -7.63 13.47
CA ILE Q 189 14.18 -7.88 12.03
C ILE Q 189 12.82 -8.55 11.86
N THR Q 190 12.46 -9.47 12.73
CA THR Q 190 11.14 -10.13 12.66
C THR Q 190 10.22 -9.56 13.75
N HIS Q 191 10.76 -9.06 14.85
CA HIS Q 191 10.00 -8.53 16.01
C HIS Q 191 9.40 -7.14 15.79
N HIS Q 192 9.88 -6.33 14.85
CA HIS Q 192 9.13 -5.10 14.67
C HIS Q 192 7.78 -5.34 14.03
N LEU Q 193 7.52 -6.56 13.55
CA LEU Q 193 6.24 -6.94 12.97
C LEU Q 193 5.24 -7.40 14.01
N ASP Q 194 5.73 -7.88 15.16
CA ASP Q 194 4.84 -8.17 16.28
C ASP Q 194 4.22 -6.88 16.82
N TRP Q 195 4.98 -5.80 16.85
CA TRP Q 195 4.43 -4.50 17.19
C TRP Q 195 3.35 -4.09 16.21
N VAL Q 196 3.57 -4.30 14.91
CA VAL Q 196 2.58 -3.93 13.91
C VAL Q 196 1.31 -4.73 14.11
N SER Q 197 1.44 -6.04 14.34
CA SER Q 197 0.27 -6.89 14.54
C SER Q 197 -0.52 -6.49 15.78
N ASN Q 198 0.18 -6.29 16.90
CA ASN Q 198 -0.52 -5.96 18.14
C ASN Q 198 -1.15 -4.57 18.11
N ILE Q 199 -0.46 -3.60 17.51
CA ILE Q 199 -1.04 -2.26 17.37
C ILE Q 199 -2.24 -2.29 16.44
N GLY Q 200 -2.15 -3.06 15.34
CA GLY Q 200 -3.25 -3.14 14.40
C GLY Q 200 -4.48 -3.82 14.96
N TYR Q 201 -4.30 -4.82 15.81
CA TYR Q 201 -5.46 -5.47 16.42
C TYR Q 201 -5.91 -4.84 17.72
N GLN Q 202 -5.14 -3.91 18.29
CA GLN Q 202 -5.64 -3.15 19.43
C GLN Q 202 -6.66 -2.11 19.01
N TYR Q 203 -6.54 -1.58 17.79
CA TYR Q 203 -7.46 -0.58 17.26
C TYR Q 203 -8.34 -1.17 16.17
N TYR Q 204 -8.79 -2.40 16.38
CA TYR Q 204 -9.59 -3.14 15.41
C TYR Q 204 -10.88 -2.39 15.08
N ASN Q 205 -11.23 -2.36 13.79
CA ASN Q 205 -10.57 -2.97 12.65
C ASN Q 205 -9.75 -1.93 11.90
N PHE Q 206 -8.45 -2.20 11.72
CA PHE Q 206 -7.57 -1.24 11.10
C PHE Q 206 -7.83 -1.06 9.61
N PHE Q 207 -8.43 -2.06 8.95
CA PHE Q 207 -8.80 -1.90 7.54
C PHE Q 207 -9.83 -0.81 7.35
N TYR Q 208 -10.59 -0.48 8.39
CA TYR Q 208 -11.65 0.52 8.32
C TYR Q 208 -11.14 1.94 8.55
N ASN Q 209 -9.86 2.10 8.79
CA ASN Q 209 -9.23 3.41 8.88
C ASN Q 209 -9.22 4.05 7.49
N PRO Q 210 -9.82 5.23 7.32
CA PRO Q 210 -9.88 5.82 5.96
C PRO Q 210 -8.53 6.24 5.41
N PHE Q 211 -7.64 6.78 6.23
CA PHE Q 211 -6.31 7.15 5.76
C PHE Q 211 -5.48 5.92 5.43
N HIS Q 212 -5.70 4.81 6.15
CA HIS Q 212 -5.08 3.55 5.81
C HIS Q 212 -5.50 3.08 4.41
N ALA Q 213 -6.78 3.18 4.11
CA ALA Q 213 -7.28 2.79 2.80
C ALA Q 213 -6.70 3.67 1.71
N ILE Q 214 -6.61 4.98 1.96
CA ILE Q 214 -6.00 5.88 0.97
C ILE Q 214 -4.54 5.51 0.73
N GLY Q 215 -3.79 5.22 1.79
CA GLY Q 215 -2.41 4.83 1.63
C GLY Q 215 -2.23 3.55 0.84
N ILE Q 216 -3.06 2.54 1.13
CA ILE Q 216 -2.97 1.28 0.38
C ILE Q 216 -3.32 1.49 -1.08
N THR Q 217 -4.35 2.30 -1.34
CA THR Q 217 -4.71 2.63 -2.72
C THR Q 217 -3.54 3.27 -3.45
N LEU Q 218 -2.85 4.22 -2.80
CA LEU Q 218 -1.74 4.90 -3.46
C LEU Q 218 -0.55 3.97 -3.66
N LEU Q 219 -0.31 3.03 -2.75
CA LEU Q 219 0.76 2.04 -2.96
C LEU Q 219 0.47 1.17 -4.18
N PHE Q 220 -0.75 0.63 -4.27
CA PHE Q 220 -1.09 -0.22 -5.40
C PHE Q 220 -1.04 0.56 -6.72
N ALA Q 221 -1.52 1.81 -6.71
CA ALA Q 221 -1.45 2.64 -7.90
C ALA Q 221 0.00 2.94 -8.28
N SER Q 222 0.87 3.13 -7.30
CA SER Q 222 2.27 3.39 -7.58
C SER Q 222 2.92 2.20 -8.28
N THR Q 223 2.66 0.99 -7.80
CA THR Q 223 3.24 -0.18 -8.44
C THR Q 223 2.69 -0.37 -9.85
N LEU Q 224 1.38 -0.14 -10.04
CA LEU Q 224 0.80 -0.24 -11.38
C LEU Q 224 1.43 0.77 -12.34
N PHE Q 225 1.59 2.02 -11.90
CA PHE Q 225 2.19 3.05 -12.74
C PHE Q 225 3.64 2.72 -13.08
N LEU Q 226 4.39 2.19 -12.13
CA LEU Q 226 5.78 1.81 -12.40
C LEU Q 226 5.85 0.72 -13.47
N HIS Q 227 5.00 -0.30 -13.37
CA HIS Q 227 4.99 -1.35 -14.37
C HIS Q 227 4.62 -0.79 -15.74
N MET Q 228 3.62 0.09 -15.79
CA MET Q 228 3.19 0.66 -17.07
C MET Q 228 4.29 1.50 -17.71
N HIS Q 229 4.97 2.34 -16.94
CA HIS Q 229 6.03 3.18 -17.51
C HIS Q 229 7.21 2.33 -17.98
N GLY Q 230 7.61 1.33 -17.20
CA GLY Q 230 8.69 0.47 -17.64
C GLY Q 230 8.37 -0.25 -18.93
N SER Q 231 7.16 -0.82 -19.01
CA SER Q 231 6.74 -1.50 -20.24
C SER Q 231 6.73 -0.55 -21.42
N ALA Q 232 6.19 0.66 -21.23
CA ALA Q 232 6.06 1.61 -22.32
C ALA Q 232 7.41 2.02 -22.88
N VAL Q 233 8.38 2.32 -22.00
CA VAL Q 233 9.67 2.76 -22.50
C VAL Q 233 10.45 1.58 -23.10
N LEU Q 234 10.31 0.38 -22.54
CA LEU Q 234 11.03 -0.76 -23.10
C LEU Q 234 10.46 -1.18 -24.45
N SER Q 235 9.17 -0.96 -24.69
CA SER Q 235 8.53 -1.43 -25.91
C SER Q 235 8.92 -0.64 -27.15
N GLU Q 236 9.63 0.48 -27.00
CA GLU Q 236 10.00 1.32 -28.14
C GLU Q 236 11.50 1.55 -28.25
N ALA Q 237 12.32 0.73 -27.59
CA ALA Q 237 13.72 1.09 -27.39
C ALA Q 237 14.59 0.92 -28.63
N LYS Q 238 14.79 -0.32 -29.10
CA LYS Q 238 15.68 -0.55 -30.24
C LYS Q 238 14.85 -0.84 -31.49
N ARG Q 239 14.22 0.21 -32.02
CA ARG Q 239 13.30 0.07 -33.13
C ARG Q 239 13.39 1.29 -34.04
N ASN Q 240 13.13 1.07 -35.32
CA ASN Q 240 13.13 2.15 -36.31
C ASN Q 240 11.72 2.70 -36.46
N ILE Q 241 11.31 3.44 -35.43
CA ILE Q 241 10.00 4.08 -35.36
C ILE Q 241 10.22 5.52 -34.93
N SER Q 242 9.12 6.27 -34.85
CA SER Q 242 9.17 7.64 -34.34
C SER Q 242 8.72 7.66 -32.89
N ASP Q 243 8.72 8.86 -32.30
CA ASP Q 243 8.32 9.01 -30.91
C ASP Q 243 6.80 9.11 -30.75
N GLN Q 244 6.05 9.11 -31.84
CA GLN Q 244 4.61 9.24 -31.79
C GLN Q 244 3.90 7.90 -31.79
N ASN Q 245 4.61 6.79 -31.96
CA ASN Q 245 3.97 5.47 -31.94
C ASN Q 245 3.42 5.15 -30.57
N ILE Q 246 4.15 5.52 -29.51
CA ILE Q 246 3.72 5.19 -28.16
C ILE Q 246 2.50 6.01 -27.76
N HIS Q 247 2.37 7.24 -28.26
CA HIS Q 247 1.18 8.03 -27.99
C HIS Q 247 -0.05 7.42 -28.67
N VAL Q 248 0.10 6.98 -29.91
CA VAL Q 248 -1.00 6.31 -30.61
C VAL Q 248 -1.38 5.02 -29.90
N PHE Q 249 -0.39 4.28 -29.41
CA PHE Q 249 -0.68 3.06 -28.66
C PHE Q 249 -1.45 3.36 -27.38
N TRP Q 250 -0.97 4.30 -26.58
CA TRP Q 250 -1.63 4.62 -25.31
C TRP Q 250 -2.95 5.35 -25.50
N ARG Q 251 -3.23 5.85 -26.70
CA ARG Q 251 -4.52 6.45 -26.98
C ARG Q 251 -5.51 5.48 -27.62
N ASN Q 252 -5.07 4.39 -28.22
CA ASN Q 252 -5.96 3.37 -28.80
C ASN Q 252 -6.50 2.49 -27.68
N ILE Q 253 -5.72 2.25 -26.64
CA ILE Q 253 -6.07 1.33 -25.51
C ILE Q 253 -6.92 2.03 -24.45
N LEU Q 254 -6.54 3.21 -23.94
CA LEU Q 254 -7.25 3.86 -22.81
C LEU Q 254 -8.02 5.11 -23.23
N GLY Q 255 -7.72 5.68 -24.39
CA GLY Q 255 -8.38 6.90 -24.87
C GLY Q 255 -7.65 8.16 -24.47
N TYR Q 256 -6.62 8.04 -23.66
CA TYR Q 256 -5.82 9.18 -23.21
C TYR Q 256 -4.37 8.80 -23.08
N SER Q 257 -3.49 9.62 -23.62
CA SER Q 257 -2.02 9.49 -23.42
C SER Q 257 -1.54 10.66 -22.56
N ILE Q 258 -0.75 10.46 -21.50
CA ILE Q 258 -0.39 11.55 -20.54
C ILE Q 258 0.76 12.45 -21.02
N GLY Q 259 1.74 11.95 -21.74
CA GLY Q 259 2.90 12.76 -22.10
C GLY Q 259 4.15 12.29 -21.38
N GLU Q 260 5.26 12.99 -21.56
CA GLU Q 260 6.56 12.53 -21.01
C GLU Q 260 6.88 13.28 -19.71
N ILE Q 261 6.52 14.56 -19.60
CA ILE Q 261 6.72 15.29 -18.31
C ILE Q 261 5.64 14.85 -17.31
N GLY Q 262 4.46 14.48 -17.77
CA GLY Q 262 3.36 14.15 -16.84
C GLY Q 262 3.42 12.77 -16.29
N ILE Q 263 4.06 11.82 -16.97
CA ILE Q 263 4.21 10.46 -16.38
C ILE Q 263 5.14 10.56 -15.17
N HIS Q 264 6.22 11.28 -15.31
CA HIS Q 264 7.23 11.38 -14.25
C HIS Q 264 6.75 12.27 -13.10
N ARG Q 265 5.98 13.32 -13.41
CA ARG Q 265 5.34 14.12 -12.36
C ARG Q 265 4.37 13.30 -11.53
N VAL Q 266 3.53 12.50 -12.20
CA VAL Q 266 2.54 11.67 -11.50
C VAL Q 266 3.25 10.65 -10.62
N ALA Q 267 4.34 10.06 -11.12
CA ALA Q 267 5.14 9.14 -10.32
C ALA Q 267 5.63 9.79 -9.04
N PHE Q 268 6.24 10.97 -9.16
CA PHE Q 268 6.75 11.68 -7.99
C PHE Q 268 5.64 11.97 -6.99
N TRP Q 269 4.53 12.55 -7.45
CA TRP Q 269 3.46 12.96 -6.56
C TRP Q 269 2.81 11.78 -5.86
N THR Q 270 2.52 10.70 -6.60
CA THR Q 270 1.87 9.54 -6.01
C THR Q 270 2.77 8.86 -4.98
N GLY Q 271 4.05 8.71 -5.31
CA GLY Q 271 4.98 8.11 -4.36
C GLY Q 271 5.06 8.87 -3.06
N ALA Q 272 5.08 10.20 -3.12
CA ALA Q 272 5.15 10.97 -1.89
C ALA Q 272 3.83 10.89 -1.10
N ALA Q 273 2.70 11.05 -1.79
CA ALA Q 273 1.42 11.10 -1.09
C ALA Q 273 1.10 9.80 -0.39
N SER Q 274 1.61 8.68 -0.90
CA SER Q 274 1.30 7.38 -0.30
C SER Q 274 1.66 7.34 1.18
N VAL Q 275 2.84 7.83 1.55
CA VAL Q 275 3.25 7.83 2.95
C VAL Q 275 2.75 9.08 3.69
N LEU Q 276 2.59 10.20 2.98
CA LEU Q 276 2.06 11.39 3.65
C LEU Q 276 0.67 11.11 4.24
N PHE Q 277 -0.17 10.38 3.52
CA PHE Q 277 -1.49 10.07 4.06
C PHE Q 277 -1.44 8.99 5.14
N SER Q 278 -0.43 8.12 5.12
CA SER Q 278 -0.30 7.08 6.14
C SER Q 278 0.20 7.63 7.47
N ASN Q 279 0.86 8.78 7.47
CA ASN Q 279 1.27 9.37 8.74
C ASN Q 279 0.07 9.65 9.65
N LEU Q 280 -1.00 10.20 9.07
CA LEU Q 280 -2.20 10.52 9.85
C LEU Q 280 -2.85 9.27 10.42
N CYS Q 281 -2.88 8.18 9.65
CA CYS Q 281 -3.57 6.97 10.10
C CYS Q 281 -2.94 6.42 11.37
N ILE Q 282 -1.63 6.48 11.48
CA ILE Q 282 -0.97 5.93 12.66
C ILE Q 282 -0.88 6.96 13.78
N PHE Q 283 -0.83 8.26 13.46
CA PHE Q 283 -0.82 9.24 14.53
C PHE Q 283 -2.17 9.29 15.25
N LEU Q 284 -3.26 9.21 14.51
CA LEU Q 284 -4.60 9.34 15.08
C LEU Q 284 -5.09 8.08 15.77
N SER Q 285 -4.24 7.08 15.96
CA SER Q 285 -4.71 5.82 16.53
C SER Q 285 -4.71 5.87 18.05
N GLY Q 286 -3.59 6.22 18.66
CA GLY Q 286 -3.58 6.31 20.10
C GLY Q 286 -4.18 7.59 20.63
N THR Q 287 -4.24 8.60 19.76
CA THR Q 287 -4.80 9.91 20.09
C THR Q 287 -6.05 10.14 19.25
N PHE Q 288 -7.11 10.62 19.88
CA PHE Q 288 -8.39 10.98 19.28
C PHE Q 288 -9.26 9.80 18.86
N VAL Q 289 -8.72 8.58 18.85
CA VAL Q 289 -9.48 7.41 18.40
C VAL Q 289 -9.06 6.22 19.25
N LYS Q 290 -9.97 5.26 19.43
CA LYS Q 290 -9.66 4.00 20.10
C LYS Q 290 -10.22 2.79 19.41
N ASP Q 291 -11.02 2.95 18.36
CA ASP Q 291 -11.80 1.88 17.77
C ASP Q 291 -12.24 2.35 16.40
N TRP Q 292 -11.87 1.63 15.34
CA TRP Q 292 -12.24 2.06 14.00
C TRP Q 292 -13.54 1.45 13.52
N ASN Q 293 -14.10 0.49 14.24
CA ASN Q 293 -15.45 0.03 13.95
C ASN Q 293 -16.50 1.01 14.46
N ALA Q 294 -16.24 1.65 15.60
CA ALA Q 294 -17.15 2.65 16.14
C ALA Q 294 -17.14 3.95 15.37
N PHE Q 295 -16.04 4.25 14.67
CA PHE Q 295 -15.92 5.50 13.92
C PHE Q 295 -17.06 5.66 12.93
N TRP Q 296 -17.53 4.56 12.36
CA TRP Q 296 -18.56 4.59 11.32
C TRP Q 296 -19.97 4.56 11.88
N GLY Q 297 -20.12 4.55 13.21
CA GLY Q 297 -21.44 4.50 13.80
C GLY Q 297 -22.35 5.66 13.42
N PHE Q 298 -21.76 6.77 12.99
CA PHE Q 298 -22.56 7.93 12.58
C PHE Q 298 -23.27 7.70 11.25
N TRP Q 299 -22.72 6.86 10.38
CA TRP Q 299 -23.16 6.85 8.98
C TRP Q 299 -24.64 6.51 8.85
N ASP Q 300 -25.12 5.52 9.59
CA ASP Q 300 -26.51 5.09 9.48
C ASP Q 300 -27.47 5.98 10.25
N LYS Q 301 -26.97 6.98 10.99
CA LYS Q 301 -27.81 7.82 11.82
C LYS Q 301 -28.08 9.19 11.21
N MET Q 302 -27.75 9.38 9.93
CA MET Q 302 -28.02 10.65 9.27
C MET Q 302 -29.51 10.76 8.92
N PRO Q 303 -30.07 11.98 8.95
CA PRO Q 303 -31.52 12.13 8.82
C PRO Q 303 -32.08 11.70 7.47
N ILE Q 304 -31.24 11.58 6.44
CA ILE Q 304 -31.76 11.30 5.11
C ILE Q 304 -32.30 9.89 5.00
N TRP Q 305 -31.72 8.93 5.72
CA TRP Q 305 -32.08 7.53 5.52
C TRP Q 305 -32.24 6.73 6.81
N ASN Q 306 -32.13 7.36 7.96
CA ASN Q 306 -32.42 6.64 9.20
C ASN Q 306 -33.92 6.50 9.37
N GLY Q 307 -34.35 5.39 9.95
CA GLY Q 307 -35.77 5.15 10.10
C GLY Q 307 -36.55 4.94 8.82
N VAL Q 308 -36.03 4.13 7.90
CA VAL Q 308 -36.71 3.83 6.59
C VAL Q 308 -36.89 2.31 6.37
N GLY Q 309 -36.17 1.41 7.07
CA GLY Q 309 -36.43 -0.02 6.82
C GLY Q 309 -37.14 -0.75 7.95
N GLN Q 310 -37.46 -2.03 7.78
CA GLN Q 310 -38.10 -2.85 8.85
C GLN Q 310 -37.42 -4.22 8.98
N GLY Q 311 -37.22 -4.71 10.20
CA GLY Q 311 -36.62 -6.04 10.43
C GLY Q 311 -35.14 -5.99 10.66
N ALA Q 312 -34.35 -6.74 9.88
CA ALA Q 312 -32.88 -6.65 9.96
C ALA Q 312 -32.42 -5.55 9.02
N LEU Q 313 -33.36 -4.75 8.52
CA LEU Q 313 -33.05 -3.66 7.57
C LEU Q 313 -33.31 -2.30 8.24
N VAL Q 314 -33.36 -2.24 9.57
CA VAL Q 314 -33.48 -1.00 10.31
C VAL Q 314 -32.11 -0.33 10.43
N ALA Q 315 -32.10 0.90 10.95
CA ALA Q 315 -30.91 1.71 11.16
C ALA Q 315 -30.34 2.19 9.85
N ASP R 3 13.58 -19.07 -43.88
CA ASP R 3 14.47 -19.18 -42.73
C ASP R 3 14.20 -20.47 -41.97
N ARG R 4 14.23 -20.41 -40.63
CA ARG R 4 14.09 -21.57 -39.79
C ARG R 4 12.92 -21.41 -38.83
N PRO R 5 12.18 -22.48 -38.55
CA PRO R 5 11.13 -22.41 -37.53
C PRO R 5 11.66 -22.06 -36.15
N PHE R 6 12.85 -22.54 -35.80
CA PHE R 6 13.36 -22.38 -34.44
C PHE R 6 14.87 -22.17 -34.49
N GLU R 7 15.40 -21.68 -33.38
CA GLU R 7 16.83 -21.67 -33.12
C GLU R 7 17.18 -22.83 -32.19
N PHE R 8 18.36 -23.42 -32.40
CA PHE R 8 18.74 -24.58 -31.61
C PHE R 8 19.08 -24.20 -30.17
N ARG R 9 19.67 -23.02 -29.97
CA ARG R 9 20.05 -22.59 -28.63
C ARG R 9 18.85 -22.46 -27.72
N THR R 10 17.75 -21.91 -28.23
CA THR R 10 16.54 -21.77 -27.43
C THR R 10 16.01 -23.13 -27.01
N SER R 11 16.01 -24.10 -27.94
CA SER R 11 15.57 -25.44 -27.60
C SER R 11 16.44 -26.05 -26.51
N VAL R 12 17.76 -25.87 -26.62
CA VAL R 12 18.65 -26.43 -25.61
C VAL R 12 18.38 -25.82 -24.24
N VAL R 13 18.21 -24.50 -24.19
CA VAL R 13 17.99 -23.83 -22.91
C VAL R 13 16.68 -24.27 -22.28
N VAL R 14 15.62 -24.33 -23.10
CA VAL R 14 14.31 -24.74 -22.57
C VAL R 14 14.37 -26.18 -22.07
N SER R 15 15.03 -27.07 -22.83
CA SER R 15 15.12 -28.46 -22.41
C SER R 15 15.88 -28.60 -21.09
N THR R 16 17.00 -27.89 -20.95
CA THR R 16 17.80 -27.99 -19.73
C THR R 16 17.01 -27.49 -18.52
N LEU R 17 16.37 -26.33 -18.65
CA LEU R 17 15.60 -25.79 -17.52
C LEU R 17 14.43 -26.70 -17.17
N LEU R 18 13.74 -27.24 -18.18
CA LEU R 18 12.62 -28.14 -17.92
C LEU R 18 13.09 -29.39 -17.19
N GLY R 19 14.22 -29.97 -17.61
CA GLY R 19 14.73 -31.15 -16.93
C GLY R 19 15.10 -30.88 -15.48
N LEU R 20 15.76 -29.76 -15.22
CA LEU R 20 16.12 -29.43 -13.84
C LEU R 20 14.89 -29.24 -12.97
N VAL R 21 13.91 -28.48 -13.46
CA VAL R 21 12.71 -28.22 -12.67
C VAL R 21 11.95 -29.52 -12.41
N MET R 22 11.84 -30.38 -13.42
CA MET R 22 11.12 -31.64 -13.23
C MET R 22 11.83 -32.54 -12.25
N ALA R 23 13.17 -32.61 -12.31
CA ALA R 23 13.90 -33.43 -11.35
C ALA R 23 13.67 -32.96 -9.92
N LEU R 24 13.79 -31.65 -9.70
CA LEU R 24 13.57 -31.12 -8.35
C LEU R 24 12.16 -31.40 -7.86
N LEU R 25 11.17 -31.16 -8.72
CA LEU R 25 9.78 -31.39 -8.32
C LEU R 25 9.51 -32.84 -7.98
N ILE R 26 9.97 -33.77 -8.82
CA ILE R 26 9.70 -35.18 -8.57
C ILE R 26 10.42 -35.65 -7.32
N HIS R 27 11.65 -35.17 -7.09
CA HIS R 27 12.34 -35.54 -5.85
C HIS R 27 11.58 -35.07 -4.63
N PHE R 28 11.09 -33.81 -4.65
CA PHE R 28 10.33 -33.31 -3.51
C PHE R 28 9.06 -34.12 -3.29
N VAL R 29 8.34 -34.44 -4.37
CA VAL R 29 7.08 -35.15 -4.22
C VAL R 29 7.31 -36.57 -3.68
N VAL R 30 8.29 -37.28 -4.25
CA VAL R 30 8.51 -38.67 -3.87
C VAL R 30 9.10 -38.77 -2.46
N LEU R 31 10.10 -37.95 -2.15
CA LEU R 31 10.79 -38.11 -0.87
C LEU R 31 9.93 -37.72 0.32
N SER R 32 8.97 -36.81 0.13
CA SER R 32 8.15 -36.33 1.22
C SER R 32 6.85 -37.12 1.37
N SER R 33 6.61 -38.13 0.53
CA SER R 33 5.39 -38.92 0.64
C SER R 33 5.43 -39.93 1.78
N GLY R 34 6.62 -40.29 2.26
CA GLY R 34 6.76 -41.25 3.33
C GLY R 34 6.78 -42.70 2.90
N ALA R 35 6.66 -42.98 1.61
CA ALA R 35 6.59 -44.38 1.14
C ALA R 35 7.97 -45.04 1.20
N PHE R 36 9.06 -44.27 1.29
CA PHE R 36 10.44 -44.84 1.22
C PHE R 36 11.23 -44.50 2.48
N ASN R 37 11.91 -45.51 3.05
CA ASN R 37 12.76 -45.30 4.26
C ASN R 37 14.10 -44.68 3.86
N TRP R 38 14.20 -43.35 3.88
CA TRP R 38 15.44 -42.65 3.44
C TRP R 38 15.83 -41.63 4.51
N LEU R 39 17.13 -41.37 4.73
CA LEU R 39 17.64 -40.37 5.72
C LEU R 39 16.68 -40.36 6.91
N ARG R 40 16.45 -41.52 7.50
CA ARG R 40 15.58 -41.71 8.66
C ARG R 40 16.45 -41.95 9.89
N ALA R 41 16.19 -41.19 10.94
CA ALA R 41 16.98 -41.26 12.16
C ALA R 41 16.92 -42.63 12.81
N ASP S 3 29.16 -18.82 -36.24
CA ASP S 3 28.82 -18.18 -34.97
C ASP S 3 28.36 -19.24 -33.97
N ARG S 4 29.06 -19.30 -32.84
CA ARG S 4 28.76 -20.33 -31.85
C ARG S 4 27.40 -20.08 -31.20
N PRO S 5 26.63 -21.14 -30.92
CA PRO S 5 25.37 -20.94 -30.20
C PRO S 5 25.55 -20.53 -28.75
N PHE S 6 26.57 -21.06 -28.07
CA PHE S 6 26.80 -20.80 -26.65
C PHE S 6 28.21 -20.27 -26.45
N GLU S 7 28.42 -19.64 -25.30
CA GLU S 7 29.72 -19.18 -24.85
C GLU S 7 30.22 -20.10 -23.74
N PHE S 8 31.54 -20.31 -23.71
CA PHE S 8 32.12 -21.18 -22.69
C PHE S 8 32.02 -20.56 -21.30
N ARG S 9 32.13 -19.23 -21.22
CA ARG S 9 32.08 -18.55 -19.94
C ARG S 9 30.74 -18.77 -19.25
N THR S 10 29.64 -18.69 -20.00
CA THR S 10 28.33 -18.91 -19.42
C THR S 10 28.20 -20.31 -18.85
N SER S 11 28.69 -21.31 -19.59
CA SER S 11 28.65 -22.68 -19.11
C SER S 11 29.43 -22.83 -17.80
N VAL S 12 30.63 -22.25 -17.74
CA VAL S 12 31.45 -22.38 -16.54
C VAL S 12 30.75 -21.73 -15.34
N VAL S 13 30.22 -20.52 -15.54
CA VAL S 13 29.60 -19.79 -14.44
C VAL S 13 28.36 -20.52 -13.93
N VAL S 14 27.51 -20.98 -14.86
CA VAL S 14 26.29 -21.68 -14.46
C VAL S 14 26.62 -22.97 -13.71
N SER S 15 27.59 -23.74 -14.23
CA SER S 15 27.96 -24.98 -13.56
C SER S 15 28.48 -24.71 -12.15
N THR S 16 29.35 -23.71 -12.00
CA THR S 16 29.92 -23.43 -10.68
C THR S 16 28.84 -23.01 -9.68
N LEU S 17 27.95 -22.11 -10.09
CA LEU S 17 26.91 -21.63 -9.19
C LEU S 17 25.97 -22.76 -8.79
N LEU S 18 25.54 -23.56 -9.77
CA LEU S 18 24.63 -24.66 -9.49
C LEU S 18 25.26 -25.68 -8.55
N GLY S 19 26.53 -26.02 -8.78
CA GLY S 19 27.20 -26.97 -7.90
C GLY S 19 27.33 -26.46 -6.48
N LEU S 20 27.69 -25.19 -6.31
CA LEU S 20 27.84 -24.66 -4.96
C LEU S 20 26.51 -24.66 -4.21
N VAL S 21 25.44 -24.22 -4.87
CA VAL S 21 24.13 -24.18 -4.21
C VAL S 21 23.69 -25.60 -3.84
N MET S 22 23.87 -26.55 -4.75
CA MET S 22 23.48 -27.93 -4.48
C MET S 22 24.25 -28.49 -3.30
N ALA S 23 25.56 -28.25 -3.24
CA ALA S 23 26.37 -28.78 -2.15
C ALA S 23 25.95 -28.21 -0.79
N LEU S 24 25.73 -26.89 -0.73
CA LEU S 24 25.29 -26.30 0.53
C LEU S 24 23.95 -26.85 0.97
N LEU S 25 23.00 -26.97 0.04
CA LEU S 25 21.69 -27.50 0.39
C LEU S 25 21.77 -28.92 0.91
N ILE S 26 22.53 -29.79 0.24
CA ILE S 26 22.60 -31.17 0.67
C ILE S 26 23.25 -31.28 2.04
N HIS S 27 24.34 -30.52 2.27
CA HIS S 27 24.98 -30.54 3.58
C HIS S 27 24.02 -30.13 4.69
N PHE S 28 23.25 -29.06 4.48
CA PHE S 28 22.38 -28.58 5.54
C PHE S 28 21.14 -29.46 5.71
N VAL S 29 20.69 -30.12 4.65
CA VAL S 29 19.57 -31.05 4.78
C VAL S 29 20.01 -32.29 5.56
N VAL S 30 21.21 -32.79 5.28
CA VAL S 30 21.71 -33.97 6.00
C VAL S 30 22.02 -33.64 7.46
N LEU S 31 22.50 -32.41 7.72
CA LEU S 31 22.88 -32.04 9.07
C LEU S 31 21.70 -32.07 10.04
N SER S 32 20.55 -31.58 9.60
CA SER S 32 19.39 -31.45 10.47
C SER S 32 18.47 -32.66 10.44
N SER S 33 18.82 -33.72 9.71
CA SER S 33 18.00 -34.92 9.68
C SER S 33 18.14 -35.75 10.94
N GLY S 34 19.31 -35.73 11.57
CA GLY S 34 19.56 -36.59 12.72
C GLY S 34 19.94 -38.01 12.37
N ALA S 35 20.15 -38.32 11.09
CA ALA S 35 20.48 -39.67 10.67
C ALA S 35 21.92 -40.03 11.04
N PHE S 36 22.85 -39.11 10.84
CA PHE S 36 24.25 -39.32 11.16
C PHE S 36 24.60 -38.62 12.46
N ASN S 37 25.60 -39.14 13.15
CA ASN S 37 26.04 -38.53 14.41
C ASN S 37 26.58 -37.13 14.16
N TRP S 38 27.70 -37.03 13.45
CA TRP S 38 28.27 -35.75 13.03
C TRP S 38 28.40 -34.78 14.20
N LEU S 39 28.00 -33.52 14.03
CA LEU S 39 28.25 -32.47 15.01
C LEU S 39 27.18 -32.51 16.09
N ARG S 40 27.21 -33.58 16.89
CA ARG S 40 26.20 -33.83 17.91
C ARG S 40 26.79 -33.53 19.28
N ALA S 41 26.08 -32.70 20.05
CA ALA S 41 26.53 -32.31 21.38
C ALA S 41 26.65 -33.50 22.32
N ASP T 3 40.97 -12.63 -27.11
CA ASP T 3 39.90 -12.36 -26.16
C ASP T 3 39.81 -13.47 -25.12
N ARG T 4 40.29 -13.19 -23.91
CA ARG T 4 40.24 -14.16 -22.84
C ARG T 4 38.80 -14.37 -22.40
N PRO T 5 38.44 -15.57 -21.95
CA PRO T 5 37.09 -15.78 -21.40
C PRO T 5 36.95 -15.15 -20.03
N PHE T 6 37.99 -15.23 -19.22
CA PHE T 6 37.97 -14.72 -17.85
C PHE T 6 39.13 -13.77 -17.64
N GLU T 7 38.89 -12.78 -16.78
CA GLU T 7 39.94 -11.91 -16.28
C GLU T 7 40.43 -12.44 -14.94
N PHE T 8 41.72 -12.22 -14.67
CA PHE T 8 42.30 -12.69 -13.42
C PHE T 8 41.75 -11.93 -12.22
N ARG T 9 41.44 -10.65 -12.39
CA ARG T 9 40.98 -9.83 -11.28
C ARG T 9 39.64 -10.32 -10.73
N THR T 10 38.70 -10.67 -11.61
CA THR T 10 37.41 -11.17 -11.15
C THR T 10 37.57 -12.51 -10.43
N SER T 11 38.44 -13.38 -10.95
CA SER T 11 38.69 -14.64 -10.29
C SER T 11 39.23 -14.42 -8.88
N VAL T 12 40.17 -13.48 -8.73
CA VAL T 12 40.73 -13.22 -7.41
C VAL T 12 39.66 -12.69 -6.46
N VAL T 13 38.86 -11.74 -6.92
CA VAL T 13 37.85 -11.14 -6.04
C VAL T 13 36.82 -12.18 -5.62
N VAL T 14 36.35 -12.97 -6.57
CA VAL T 14 35.33 -13.98 -6.26
C VAL T 14 35.89 -15.02 -5.29
N SER T 15 37.12 -15.49 -5.53
CA SER T 15 37.71 -16.49 -4.64
C SER T 15 37.89 -15.94 -3.23
N THR T 16 38.36 -14.71 -3.11
CA THR T 16 38.59 -14.12 -1.79
C THR T 16 37.29 -13.97 -1.02
N LEU T 17 36.25 -13.43 -1.67
CA LEU T 17 34.97 -13.26 -0.98
C LEU T 17 34.37 -14.61 -0.60
N LEU T 18 34.46 -15.60 -1.49
CA LEU T 18 33.94 -16.93 -1.18
C LEU T 18 34.66 -17.54 0.02
N GLY T 19 35.99 -17.40 0.06
CA GLY T 19 36.73 -17.95 1.18
C GLY T 19 36.38 -17.31 2.50
N LEU T 20 36.27 -15.98 2.52
CA LEU T 20 35.90 -15.29 3.76
C LEU T 20 34.51 -15.69 4.23
N VAL T 21 33.54 -15.73 3.31
CA VAL T 21 32.18 -16.09 3.70
C VAL T 21 32.12 -17.52 4.20
N MET T 22 32.84 -18.44 3.56
CA MET T 22 32.84 -19.83 4.01
C MET T 22 33.46 -19.97 5.39
N ALA T 23 34.58 -19.26 5.64
CA ALA T 23 35.20 -19.32 6.95
C ALA T 23 34.24 -18.84 8.03
N LEU T 24 33.57 -17.70 7.79
CA LEU T 24 32.63 -17.18 8.78
C LEU T 24 31.47 -18.14 9.00
N LEU T 25 30.94 -18.73 7.93
CA LEU T 25 29.80 -19.63 8.06
C LEU T 25 30.17 -20.88 8.84
N ILE T 26 31.32 -21.47 8.55
CA ILE T 26 31.71 -22.70 9.24
C ILE T 26 32.01 -22.41 10.71
N HIS T 27 32.63 -21.26 11.01
CA HIS T 27 32.84 -20.91 12.41
C HIS T 27 31.53 -20.74 13.16
N PHE T 28 30.56 -20.06 12.53
CA PHE T 28 29.27 -19.86 13.18
C PHE T 28 28.56 -21.18 13.43
N VAL T 29 28.57 -22.08 12.44
CA VAL T 29 27.89 -23.37 12.61
C VAL T 29 28.56 -24.21 13.69
N VAL T 30 29.89 -24.27 13.68
CA VAL T 30 30.58 -25.07 14.68
C VAL T 30 30.37 -24.50 16.08
N LEU T 31 30.37 -23.17 16.21
CA LEU T 31 30.15 -22.55 17.52
C LEU T 31 28.74 -22.84 18.03
N SER T 32 27.72 -22.85 17.17
CA SER T 32 26.29 -23.00 17.55
C SER T 32 25.81 -24.45 17.61
N SER T 33 26.70 -25.43 17.78
CA SER T 33 26.36 -26.87 17.83
C SER T 33 26.46 -27.37 19.27
N GLY T 34 27.43 -26.89 20.04
CA GLY T 34 27.62 -27.28 21.43
C GLY T 34 28.44 -28.53 21.58
N ALA T 35 29.17 -28.93 20.53
CA ALA T 35 29.93 -30.20 20.53
C ALA T 35 31.32 -30.03 21.13
N PHE T 36 31.85 -28.80 21.16
CA PHE T 36 33.24 -28.55 21.66
C PHE T 36 33.18 -27.64 22.90
N ASN T 37 34.06 -27.85 23.86
CA ASN T 37 34.15 -26.96 25.05
C ASN T 37 34.93 -25.72 24.64
N TRP T 38 34.31 -24.87 23.82
CA TRP T 38 34.97 -23.64 23.32
C TRP T 38 34.07 -22.48 23.70
N LEU T 39 34.59 -21.55 24.49
CA LEU T 39 33.85 -20.35 24.94
C LEU T 39 32.70 -20.73 25.87
N ARG T 40 32.63 -21.98 26.36
CA ARG T 40 31.68 -22.21 27.44
C ARG T 40 32.13 -21.54 28.73
N ALA T 41 31.16 -21.06 29.50
CA ALA T 41 31.43 -20.44 30.78
C ALA T 41 31.78 -21.48 31.83
N ASP U 3 46.25 -0.66 -16.82
CA ASP U 3 47.68 -0.62 -16.56
C ASP U 3 48.09 -1.78 -15.65
N ARG U 4 47.51 -1.83 -14.46
CA ARG U 4 47.75 -2.92 -13.54
C ARG U 4 46.43 -3.49 -13.04
N PRO U 5 46.37 -4.80 -12.80
CA PRO U 5 45.09 -5.41 -12.38
C PRO U 5 44.59 -4.90 -11.04
N PHE U 6 45.47 -4.58 -10.11
CA PHE U 6 45.09 -4.20 -8.76
C PHE U 6 45.80 -2.91 -8.36
N GLU U 7 45.12 -2.14 -7.52
CA GLU U 7 45.66 -0.91 -6.95
C GLU U 7 46.02 -1.14 -5.48
N PHE U 8 47.09 -0.47 -5.05
CA PHE U 8 47.53 -0.60 -3.67
C PHE U 8 46.53 0.04 -2.70
N ARG U 9 45.94 1.17 -3.11
CA ARG U 9 45.04 1.92 -2.23
C ARG U 9 43.80 1.11 -1.89
N THR U 10 43.23 0.43 -2.88
CA THR U 10 42.03 -0.36 -2.63
C THR U 10 42.32 -1.48 -1.65
N SER U 11 43.48 -2.14 -1.79
CA SER U 11 43.86 -3.19 -0.86
C SER U 11 44.00 -2.66 0.55
N VAL U 12 44.64 -1.48 0.70
CA VAL U 12 44.79 -0.91 2.04
C VAL U 12 43.43 -0.60 2.66
N VAL U 13 42.53 -0.01 1.87
CA VAL U 13 41.22 0.38 2.39
C VAL U 13 40.41 -0.85 2.80
N VAL U 14 40.39 -1.87 1.94
CA VAL U 14 39.61 -3.07 2.24
C VAL U 14 40.17 -3.78 3.47
N SER U 15 41.50 -3.88 3.57
CA SER U 15 42.10 -4.53 4.73
C SER U 15 41.76 -3.80 6.01
N THR U 16 41.83 -2.46 5.99
CA THR U 16 41.54 -1.69 7.19
C THR U 16 40.08 -1.87 7.62
N LEU U 17 39.15 -1.78 6.67
CA LEU U 17 37.75 -1.94 7.00
C LEU U 17 37.46 -3.33 7.58
N LEU U 18 37.98 -4.36 6.92
CA LEU U 18 37.74 -5.73 7.39
C LEU U 18 38.31 -5.94 8.78
N GLY U 19 39.53 -5.46 9.02
CA GLY U 19 40.14 -5.63 10.34
C GLY U 19 39.37 -4.93 11.44
N LEU U 20 38.91 -3.70 11.18
CA LEU U 20 38.13 -2.97 12.16
C LEU U 20 36.84 -3.71 12.51
N VAL U 21 36.11 -4.15 11.48
CA VAL U 21 34.84 -4.84 11.71
C VAL U 21 35.07 -6.13 12.48
N MET U 22 36.10 -6.88 12.11
CA MET U 22 36.38 -8.15 12.78
C MET U 22 36.76 -7.93 14.24
N ALA U 23 37.57 -6.91 14.52
CA ALA U 23 37.94 -6.63 15.90
C ALA U 23 36.72 -6.32 16.76
N LEU U 24 35.84 -5.44 16.26
CA LEU U 24 34.65 -5.10 17.03
C LEU U 24 33.76 -6.33 17.25
N LEU U 25 33.56 -7.13 16.20
CA LEU U 25 32.68 -8.30 16.32
C LEU U 25 33.24 -9.32 17.31
N ILE U 26 34.54 -9.61 17.24
CA ILE U 26 35.11 -10.59 18.15
C ILE U 26 35.04 -10.08 19.59
N HIS U 27 35.28 -8.79 19.81
CA HIS U 27 35.17 -8.26 21.17
C HIS U 27 33.76 -8.43 21.71
N PHE U 28 32.75 -8.11 20.89
CA PHE U 28 31.36 -8.26 21.35
C PHE U 28 31.01 -9.72 21.64
N VAL U 29 31.44 -10.64 20.77
CA VAL U 29 31.13 -12.06 20.97
C VAL U 29 31.79 -12.59 22.23
N VAL U 30 33.08 -12.28 22.44
CA VAL U 30 33.78 -12.78 23.60
C VAL U 30 33.20 -12.17 24.88
N LEU U 31 32.77 -10.92 24.83
CA LEU U 31 32.12 -10.32 26.00
C LEU U 31 30.77 -10.98 26.28
N SER U 32 30.02 -11.32 25.23
CA SER U 32 28.72 -11.95 25.43
C SER U 32 28.81 -13.40 25.89
N SER U 33 29.92 -14.09 25.58
CA SER U 33 30.00 -15.51 25.89
C SER U 33 29.94 -15.76 27.39
N GLY U 34 30.52 -14.88 28.19
CA GLY U 34 30.54 -15.05 29.62
C GLY U 34 31.66 -15.90 30.16
N ALA U 35 32.60 -16.32 29.31
CA ALA U 35 33.69 -17.20 29.73
C ALA U 35 34.76 -16.48 30.53
N PHE U 36 34.91 -15.16 30.35
CA PHE U 36 35.92 -14.38 31.04
C PHE U 36 35.25 -13.43 32.03
N ASN U 37 35.94 -13.19 33.14
CA ASN U 37 35.49 -12.24 34.17
C ASN U 37 35.99 -10.84 33.81
N TRP U 38 35.33 -10.24 32.81
CA TRP U 38 35.85 -9.05 32.15
C TRP U 38 35.15 -7.77 32.58
N LEU U 39 33.83 -7.68 32.45
CA LEU U 39 33.11 -6.47 32.88
C LEU U 39 31.88 -6.90 33.67
N ARG U 40 32.06 -7.10 34.97
CA ARG U 40 31.01 -7.60 35.84
C ARG U 40 30.83 -6.66 37.02
N ALA U 41 29.57 -6.44 37.39
CA ALA U 41 29.24 -5.59 38.53
C ALA U 41 29.53 -6.31 39.84
N ASP V 3 52.92 9.70 -8.06
CA ASP V 3 51.64 10.16 -7.52
C ASP V 3 51.30 9.39 -6.25
N ARG V 4 51.13 10.13 -5.14
CA ARG V 4 50.91 9.50 -3.86
C ARG V 4 49.55 8.81 -3.83
N PRO V 5 49.44 7.67 -3.13
CA PRO V 5 48.17 6.94 -3.12
C PRO V 5 47.08 7.60 -2.29
N PHE V 6 47.44 8.37 -1.27
CA PHE V 6 46.47 8.98 -0.37
C PHE V 6 46.71 10.47 -0.26
N GLU V 7 45.67 11.20 0.14
CA GLU V 7 45.77 12.60 0.49
C GLU V 7 45.90 12.74 1.99
N PHE V 8 46.73 13.68 2.43
CA PHE V 8 47.01 13.81 3.86
C PHE V 8 45.80 14.37 4.61
N ARG V 9 45.09 15.33 4.02
CA ARG V 9 43.96 15.94 4.71
C ARG V 9 42.85 14.92 4.96
N THR V 10 42.56 14.07 3.97
CA THR V 10 41.52 13.06 4.15
C THR V 10 41.91 12.05 5.22
N SER V 11 43.19 11.67 5.26
CA SER V 11 43.64 10.74 6.29
C SER V 11 43.52 11.35 7.69
N VAL V 12 43.84 12.63 7.82
CA VAL V 12 43.67 13.31 9.11
C VAL V 12 42.20 13.33 9.51
N VAL V 13 41.31 13.66 8.57
CA VAL V 13 39.88 13.71 8.87
C VAL V 13 39.37 12.34 9.29
N VAL V 14 39.76 11.29 8.57
CA VAL V 14 39.30 9.95 8.88
C VAL V 14 39.79 9.50 10.25
N SER V 15 41.07 9.77 10.56
CA SER V 15 41.61 9.38 11.85
C SER V 15 40.89 10.11 13.00
N THR V 16 40.63 11.40 12.83
CA THR V 16 39.93 12.15 13.88
C THR V 16 38.51 11.62 14.08
N LEU V 17 37.81 11.33 13.00
CA LEU V 17 36.45 10.79 13.09
C LEU V 17 36.44 9.45 13.81
N LEU V 18 37.39 8.58 13.47
CA LEU V 18 37.46 7.27 14.10
C LEU V 18 37.74 7.40 15.59
N GLY V 19 38.66 8.27 15.97
CA GLY V 19 38.96 8.45 17.39
C GLY V 19 37.77 8.95 18.18
N LEU V 20 37.04 9.92 17.63
CA LEU V 20 35.87 10.44 18.32
C LEU V 20 34.80 9.37 18.50
N VAL V 21 34.52 8.61 17.43
CA VAL V 21 33.50 7.56 17.52
C VAL V 21 33.90 6.53 18.55
N MET V 22 35.16 6.12 18.56
CA MET V 22 35.63 5.12 19.51
C MET V 22 35.49 5.61 20.95
N ALA V 23 35.88 6.85 21.21
CA ALA V 23 35.77 7.38 22.56
C ALA V 23 34.32 7.39 23.04
N LEU V 24 33.41 7.86 22.18
CA LEU V 24 32.00 7.91 22.58
C LEU V 24 31.44 6.52 22.86
N LEU V 25 31.74 5.56 21.99
CA LEU V 25 31.25 4.20 22.19
C LEU V 25 31.75 3.61 23.50
N ILE V 26 33.05 3.74 23.78
CA ILE V 26 33.60 3.13 24.98
C ILE V 26 33.02 3.79 26.23
N HIS V 27 32.88 5.12 26.22
CA HIS V 27 32.31 5.80 27.38
C HIS V 27 30.87 5.37 27.65
N PHE V 28 30.05 5.28 26.59
CA PHE V 28 28.66 4.89 26.80
C PHE V 28 28.53 3.43 27.23
N VAL V 29 29.42 2.56 26.75
CA VAL V 29 29.37 1.16 27.18
C VAL V 29 29.79 1.04 28.64
N VAL V 30 30.83 1.76 29.06
CA VAL V 30 31.30 1.65 30.43
C VAL V 30 30.29 2.27 31.41
N LEU V 31 29.62 3.35 31.00
CA LEU V 31 28.73 4.05 31.92
C LEU V 31 27.57 3.18 32.38
N SER V 32 26.97 2.42 31.47
CA SER V 32 25.77 1.67 31.79
C SER V 32 26.04 0.26 32.30
N SER V 33 27.29 -0.21 32.26
CA SER V 33 27.59 -1.56 32.70
C SER V 33 27.41 -1.73 34.20
N GLY V 34 27.56 -0.65 34.97
CA GLY V 34 27.45 -0.73 36.41
C GLY V 34 28.67 -1.27 37.11
N ALA V 35 29.79 -1.43 36.40
CA ALA V 35 31.02 -1.94 36.99
C ALA V 35 31.76 -0.91 37.83
N PHE V 36 31.60 0.37 37.53
CA PHE V 36 32.24 1.45 38.26
C PHE V 36 31.19 2.29 38.97
N ASN V 37 31.54 2.81 40.15
CA ASN V 37 30.65 3.66 40.92
C ASN V 37 30.79 5.11 40.45
N TRP V 38 30.30 5.34 39.24
CA TRP V 38 30.48 6.61 38.54
C TRP V 38 29.13 7.11 38.06
N LEU V 39 28.78 8.35 38.45
CA LEU V 39 27.52 8.99 38.07
C LEU V 39 26.31 8.15 38.49
N ARG V 40 26.37 7.59 39.70
CA ARG V 40 25.28 6.81 40.25
C ARG V 40 24.28 7.71 40.97
N ALA V 41 23.00 7.46 40.75
CA ALA V 41 21.96 8.23 41.41
C ALA V 41 21.92 7.92 42.91
N ARG W 4 45.81 26.61 0.24
CA ARG W 4 44.54 26.03 -0.17
C ARG W 4 44.05 24.92 0.78
N PRO W 5 44.90 23.95 1.15
CA PRO W 5 44.50 22.98 2.16
C PRO W 5 44.85 23.46 3.56
N PHE W 6 44.13 22.91 4.54
CA PHE W 6 44.30 23.28 5.94
C PHE W 6 44.15 24.78 6.13
N GLU W 7 43.13 25.35 5.49
CA GLU W 7 42.78 26.74 5.68
C GLU W 7 42.31 26.98 7.10
N PHE W 8 42.62 28.15 7.65
CA PHE W 8 42.38 28.41 9.07
C PHE W 8 40.88 28.55 9.38
N ARG W 9 40.12 29.15 8.46
CA ARG W 9 38.70 29.40 8.71
C ARG W 9 37.93 28.09 8.90
N THR W 10 38.25 27.08 8.08
CA THR W 10 37.58 25.79 8.22
C THR W 10 37.88 25.15 9.56
N SER W 11 39.13 25.26 10.02
CA SER W 11 39.49 24.71 11.32
C SER W 11 38.74 25.42 12.45
N VAL W 12 38.58 26.74 12.32
CA VAL W 12 37.81 27.48 13.33
C VAL W 12 36.36 26.99 13.37
N VAL W 13 35.76 26.82 12.19
CA VAL W 13 34.36 26.37 12.13
C VAL W 13 34.21 24.98 12.73
N VAL W 14 35.12 24.07 12.39
CA VAL W 14 35.04 22.70 12.90
C VAL W 14 35.20 22.69 14.41
N SER W 15 36.17 23.43 14.93
CA SER W 15 36.40 23.46 16.37
C SER W 15 35.19 24.00 17.11
N THR W 16 34.60 25.09 16.61
CA THR W 16 33.44 25.67 17.29
C THR W 16 32.25 24.71 17.30
N LEU W 17 31.97 24.08 16.16
CA LEU W 17 30.85 23.14 16.11
C LEU W 17 31.07 21.95 17.03
N LEU W 18 32.28 21.40 17.05
CA LEU W 18 32.56 20.25 17.89
C LEU W 18 32.45 20.59 19.37
N GLY W 19 32.98 21.75 19.76
CA GLY W 19 32.86 22.15 21.16
C GLY W 19 31.43 22.34 21.60
N LEU W 20 30.62 22.99 20.76
CA LEU W 20 29.21 23.19 21.11
C LEU W 20 28.46 21.87 21.24
N VAL W 21 28.67 20.96 20.29
CA VAL W 21 27.97 19.67 20.34
C VAL W 21 28.39 18.89 21.57
N MET W 22 29.68 18.88 21.90
CA MET W 22 30.13 18.13 23.07
C MET W 22 29.56 18.71 24.36
N ALA W 23 29.50 20.05 24.45
CA ALA W 23 28.91 20.67 25.64
C ALA W 23 27.46 20.27 25.83
N LEU W 24 26.67 20.32 24.74
CA LEU W 24 25.27 19.92 24.83
C LEU W 24 25.14 18.45 25.24
N LEU W 25 25.97 17.58 24.65
CA LEU W 25 25.89 16.16 24.96
C LEU W 25 26.20 15.90 26.44
N ILE W 26 27.25 16.53 26.97
CA ILE W 26 27.62 16.27 28.35
C ILE W 26 26.57 16.82 29.31
N HIS W 27 26.01 18.00 29.00
CA HIS W 27 24.94 18.53 29.85
C HIS W 27 23.74 17.59 29.88
N PHE W 28 23.33 17.08 28.71
CA PHE W 28 22.19 16.17 28.68
C PHE W 28 22.47 14.88 29.45
N VAL W 29 23.67 14.32 29.30
CA VAL W 29 24.00 13.08 29.99
C VAL W 29 24.00 13.28 31.50
N VAL W 30 24.62 14.37 31.97
CA VAL W 30 24.68 14.61 33.41
C VAL W 30 23.29 14.89 33.97
N LEU W 31 22.45 15.60 33.22
CA LEU W 31 21.10 15.85 33.70
C LEU W 31 20.28 14.58 33.78
N SER W 32 20.40 13.70 32.78
CA SER W 32 19.60 12.47 32.79
C SER W 32 20.17 11.41 33.73
N SER W 33 21.42 11.54 34.17
CA SER W 33 21.97 10.57 35.10
C SER W 33 21.25 10.60 36.44
N GLY W 34 20.78 11.77 36.86
CA GLY W 34 20.08 11.88 38.13
C GLY W 34 20.98 11.88 39.34
N ALA W 35 22.28 12.14 39.17
CA ALA W 35 23.24 12.09 40.26
C ALA W 35 23.34 13.39 41.04
N PHE W 36 23.01 14.53 40.43
CA PHE W 36 23.08 15.83 41.07
C PHE W 36 21.67 16.33 41.37
N ASN W 37 21.56 17.16 42.40
CA ASN W 37 20.28 17.74 42.81
C ASN W 37 20.07 19.08 42.09
N TRP W 38 19.84 18.98 40.79
CA TRP W 38 19.80 20.13 39.90
C TRP W 38 18.56 20.06 39.02
N LEU W 39 17.68 21.06 39.13
CA LEU W 39 16.39 21.15 38.40
C LEU W 39 15.46 20.00 38.81
N ARG W 40 15.46 19.60 40.08
CA ARG W 40 14.62 18.49 40.59
C ARG W 40 13.37 19.09 41.24
N ALA W 41 12.32 18.29 41.41
CA ALA W 41 11.03 18.79 41.93
C ALA W 41 11.07 18.89 43.46
N ARG X 4 39.27 37.10 0.67
CA ARG X 4 38.45 37.53 -0.45
C ARG X 4 36.95 37.22 -0.25
N PRO X 5 36.60 36.01 0.20
CA PRO X 5 35.19 35.75 0.54
C PRO X 5 34.83 35.92 2.01
N PHE X 6 35.75 36.36 2.86
CA PHE X 6 35.45 36.53 4.27
C PHE X 6 34.95 37.95 4.54
N GLU X 7 34.02 38.07 5.48
CA GLU X 7 33.47 39.35 5.86
C GLU X 7 32.94 39.28 7.28
N PHE X 8 32.80 40.45 7.92
CA PHE X 8 32.32 40.53 9.29
C PHE X 8 30.83 40.21 9.37
N ARG X 9 30.10 40.46 8.29
CA ARG X 9 28.67 40.18 8.27
C ARG X 9 28.39 38.70 8.52
N THR X 10 29.24 37.82 7.99
CA THR X 10 29.05 36.39 8.20
C THR X 10 29.13 36.04 9.67
N SER X 11 30.14 36.55 10.38
CA SER X 11 30.29 36.25 11.80
C SER X 11 29.13 36.82 12.59
N VAL X 12 28.69 38.03 12.27
CA VAL X 12 27.56 38.62 12.99
C VAL X 12 26.31 37.76 12.82
N VAL X 13 26.02 37.35 11.59
CA VAL X 13 24.83 36.55 11.31
C VAL X 13 24.90 35.21 12.02
N VAL X 14 26.05 34.54 11.94
CA VAL X 14 26.20 33.22 12.55
C VAL X 14 25.99 33.30 14.06
N SER X 15 26.64 34.28 14.71
CA SER X 15 26.52 34.39 16.15
C SER X 15 25.10 34.74 16.57
N THR X 16 24.42 35.62 15.81
CA THR X 16 23.04 35.96 16.15
C THR X 16 22.12 34.75 16.07
N LEU X 17 22.20 33.99 14.97
CA LEU X 17 21.36 32.81 14.84
C LEU X 17 21.66 31.77 15.92
N LEU X 18 22.94 31.57 16.22
CA LEU X 18 23.31 30.62 17.27
C LEU X 18 22.74 31.02 18.61
N GLY X 19 22.86 32.32 18.97
CA GLY X 19 22.31 32.77 20.23
C GLY X 19 20.81 32.59 20.31
N LEU X 20 20.11 32.87 19.21
CA LEU X 20 18.65 32.69 19.21
C LEU X 20 18.28 31.22 19.42
N VAL X 21 18.96 30.32 18.73
CA VAL X 21 18.65 28.90 18.86
C VAL X 21 18.92 28.41 20.28
N MET X 22 20.05 28.84 20.86
CA MET X 22 20.37 28.40 22.21
C MET X 22 19.38 28.95 23.24
N ALA X 23 18.94 30.20 23.06
CA ALA X 23 17.93 30.74 23.96
C ALA X 23 16.63 29.94 23.90
N LEU X 24 16.18 29.61 22.69
CA LEU X 24 14.97 28.80 22.56
C LEU X 24 15.13 27.45 23.24
N LEU X 25 16.26 26.78 23.01
CA LEU X 25 16.48 25.47 23.58
C LEU X 25 16.53 25.52 25.12
N ILE X 26 17.18 26.53 25.67
CA ILE X 26 17.28 26.62 27.13
C ILE X 26 15.93 26.93 27.76
N HIS X 27 15.14 27.80 27.12
CA HIS X 27 13.79 28.04 27.61
C HIS X 27 12.98 26.75 27.63
N PHE X 28 13.03 25.99 26.53
CA PHE X 28 12.25 24.75 26.47
C PHE X 28 12.72 23.74 27.51
N VAL X 29 14.03 23.62 27.71
CA VAL X 29 14.55 22.65 28.67
C VAL X 29 14.18 23.03 30.10
N VAL X 30 14.30 24.32 30.43
CA VAL X 30 14.03 24.75 31.80
C VAL X 30 12.54 24.67 32.12
N LEU X 31 11.68 25.09 31.20
CA LEU X 31 10.24 25.09 31.48
C LEU X 31 9.71 23.69 31.68
N SER X 32 10.17 22.72 30.87
CA SER X 32 9.69 21.35 30.94
C SER X 32 10.63 20.54 31.82
N SER X 33 10.49 20.70 33.13
CA SER X 33 11.36 20.03 34.08
C SER X 33 10.61 19.90 35.40
N GLY X 34 11.25 19.22 36.36
CA GLY X 34 10.66 19.07 37.67
C GLY X 34 10.48 20.39 38.38
N ALA X 35 11.47 21.27 38.29
CA ALA X 35 11.33 22.63 38.76
C ALA X 35 10.65 23.48 37.70
N PHE X 36 9.82 24.42 38.14
CA PHE X 36 9.04 25.35 37.33
C PHE X 36 7.87 24.64 36.64
N ASN X 37 7.87 23.30 36.63
CA ASN X 37 6.72 22.45 36.32
C ASN X 37 5.80 23.06 35.25
N TRP X 38 6.41 23.53 34.15
CA TRP X 38 5.68 24.20 33.08
C TRP X 38 4.87 25.39 33.60
N LEU X 39 5.43 26.11 34.57
CA LEU X 39 4.83 27.28 35.21
C LEU X 39 3.50 26.98 35.89
N ARG X 40 3.12 25.71 36.02
CA ARG X 40 1.84 25.39 36.66
C ARG X 40 1.82 25.81 38.12
N ALA X 41 2.90 25.51 38.85
CA ALA X 41 3.00 25.84 40.27
C ALA X 41 1.82 25.29 41.08
N ARG Y 4 3.28 38.20 -11.39
CA ARG Y 4 2.47 38.74 -10.29
C ARG Y 4 2.89 38.12 -8.97
N PRO Y 5 3.16 38.96 -7.97
CA PRO Y 5 3.57 38.43 -6.66
C PRO Y 5 2.49 37.56 -6.03
N PHE Y 6 2.93 36.50 -5.36
CA PHE Y 6 2.03 35.54 -4.74
C PHE Y 6 1.88 35.75 -3.23
N GLU Y 7 2.58 36.72 -2.65
CA GLU Y 7 2.61 36.85 -1.21
C GLU Y 7 1.28 37.35 -0.65
N PHE Y 8 0.71 38.39 -1.25
CA PHE Y 8 -0.45 39.05 -0.67
C PHE Y 8 -1.69 38.15 -0.72
N ARG Y 9 -1.95 37.55 -1.87
CA ARG Y 9 -3.11 36.68 -2.02
C ARG Y 9 -2.99 35.46 -1.10
N THR Y 10 -1.79 34.87 -1.03
CA THR Y 10 -1.59 33.75 -0.13
C THR Y 10 -1.83 34.14 1.32
N SER Y 11 -1.34 35.32 1.72
CA SER Y 11 -1.50 35.75 3.10
C SER Y 11 -2.97 35.97 3.44
N VAL Y 12 -3.71 36.62 2.54
CA VAL Y 12 -5.11 36.90 2.85
C VAL Y 12 -5.94 35.61 2.84
N VAL Y 13 -5.62 34.67 1.93
CA VAL Y 13 -6.34 33.40 1.89
C VAL Y 13 -6.09 32.61 3.17
N VAL Y 14 -4.84 32.52 3.60
CA VAL Y 14 -4.55 31.76 4.82
C VAL Y 14 -5.15 32.44 6.04
N SER Y 15 -5.16 33.78 6.06
CA SER Y 15 -5.79 34.48 7.18
C SER Y 15 -7.28 34.20 7.25
N THR Y 16 -7.97 34.26 6.12
CA THR Y 16 -9.41 33.99 6.10
C THR Y 16 -9.71 32.56 6.53
N LEU Y 17 -8.91 31.60 6.03
CA LEU Y 17 -9.14 30.20 6.42
C LEU Y 17 -8.92 30.01 7.93
N LEU Y 18 -7.86 30.61 8.47
CA LEU Y 18 -7.60 30.50 9.90
C LEU Y 18 -8.74 31.09 10.72
N GLY Y 19 -9.22 32.27 10.33
CA GLY Y 19 -10.29 32.90 11.07
C GLY Y 19 -11.56 32.07 11.06
N LEU Y 20 -11.93 31.55 9.88
CA LEU Y 20 -13.14 30.75 9.79
C LEU Y 20 -13.04 29.48 10.63
N VAL Y 21 -11.91 28.78 10.53
CA VAL Y 21 -11.74 27.53 11.28
C VAL Y 21 -11.77 27.80 12.77
N MET Y 22 -11.08 28.85 13.21
CA MET Y 22 -11.06 29.16 14.64
C MET Y 22 -12.44 29.52 15.16
N ALA Y 23 -13.20 30.30 14.40
CA ALA Y 23 -14.55 30.65 14.83
C ALA Y 23 -15.43 29.42 14.96
N LEU Y 24 -15.38 28.53 13.97
CA LEU Y 24 -16.18 27.31 14.04
C LEU Y 24 -15.80 26.46 15.24
N LEU Y 25 -14.49 26.29 15.47
CA LEU Y 25 -14.04 25.46 16.59
C LEU Y 25 -14.48 26.03 17.93
N ILE Y 26 -14.34 27.35 18.12
CA ILE Y 26 -14.71 27.95 19.39
C ILE Y 26 -16.22 27.86 19.60
N HIS Y 27 -17.01 28.06 18.54
CA HIS Y 27 -18.45 27.96 18.69
C HIS Y 27 -18.88 26.55 19.09
N PHE Y 28 -18.31 25.53 18.46
CA PHE Y 28 -18.67 24.17 18.85
C PHE Y 28 -18.22 23.84 20.26
N VAL Y 29 -17.03 24.30 20.66
CA VAL Y 29 -16.55 24.05 22.01
C VAL Y 29 -17.46 24.68 23.04
N VAL Y 30 -17.89 25.92 22.79
CA VAL Y 30 -18.79 26.59 23.75
C VAL Y 30 -20.16 25.90 23.76
N LEU Y 31 -20.65 25.48 22.59
CA LEU Y 31 -21.97 24.85 22.55
C LEU Y 31 -21.99 23.54 23.31
N SER Y 32 -20.95 22.73 23.17
CA SER Y 32 -20.95 21.40 23.76
C SER Y 32 -20.57 21.38 25.24
N SER Y 33 -20.42 22.54 25.87
CA SER Y 33 -19.98 22.60 27.26
C SER Y 33 -21.12 22.77 28.25
N GLY Y 34 -22.22 23.42 27.86
CA GLY Y 34 -23.34 23.60 28.75
C GLY Y 34 -23.22 24.75 29.73
N ALA Y 35 -22.19 25.57 29.62
CA ALA Y 35 -22.02 26.70 30.53
C ALA Y 35 -23.14 27.73 30.34
N PHE Y 36 -23.50 28.03 29.10
CA PHE Y 36 -24.56 28.97 28.78
C PHE Y 36 -25.83 28.23 28.42
N ASN Y 37 -26.96 28.92 28.52
CA ASN Y 37 -28.24 28.31 28.17
C ASN Y 37 -28.27 27.95 26.69
N TRP Y 38 -28.26 28.95 25.83
CA TRP Y 38 -28.19 28.80 24.37
C TRP Y 38 -29.24 27.76 23.94
N LEU Y 39 -28.89 26.79 23.09
CA LEU Y 39 -29.86 25.85 22.53
C LEU Y 39 -30.05 24.69 23.50
N ARG Y 40 -31.01 24.83 24.41
CA ARG Y 40 -31.36 23.77 25.33
C ARG Y 40 -32.78 23.30 25.08
N ALA Y 41 -33.03 22.03 25.35
CA ALA Y 41 -34.35 21.43 25.17
C ALA Y 41 -35.37 22.07 26.09
N ASP Z 3 -3.34 41.00 -13.42
CA ASP Z 3 -2.94 42.19 -12.70
C ASP Z 3 -3.68 42.33 -11.37
N ARG Z 4 -5.00 42.15 -11.41
CA ARG Z 4 -5.81 42.31 -10.21
C ARG Z 4 -5.42 41.25 -9.18
N PRO Z 5 -5.43 41.61 -7.89
CA PRO Z 5 -5.18 40.59 -6.86
C PRO Z 5 -6.20 39.45 -6.86
N PHE Z 6 -7.46 39.74 -7.17
CA PHE Z 6 -8.51 38.74 -7.17
C PHE Z 6 -9.47 38.97 -8.33
N GLU Z 7 -9.82 37.88 -9.00
CA GLU Z 7 -10.88 37.92 -10.01
C GLU Z 7 -12.24 37.95 -9.33
N PHE Z 8 -13.19 38.63 -9.96
CA PHE Z 8 -14.53 38.73 -9.40
C PHE Z 8 -15.24 37.38 -9.41
N ARG Z 9 -14.98 36.57 -10.44
CA ARG Z 9 -15.61 35.27 -10.56
C ARG Z 9 -15.26 34.36 -9.39
N THR Z 10 -13.98 34.32 -9.01
CA THR Z 10 -13.58 33.47 -7.89
C THR Z 10 -14.21 33.91 -6.59
N SER Z 11 -14.29 35.23 -6.35
CA SER Z 11 -14.91 35.73 -5.14
C SER Z 11 -16.39 35.36 -5.09
N VAL Z 12 -17.10 35.49 -6.23
CA VAL Z 12 -18.51 35.14 -6.26
C VAL Z 12 -18.71 33.66 -5.99
N VAL Z 13 -17.89 32.82 -6.63
CA VAL Z 13 -18.02 31.37 -6.46
C VAL Z 13 -17.76 30.97 -5.01
N VAL Z 14 -16.69 31.50 -4.43
CA VAL Z 14 -16.33 31.15 -3.06
C VAL Z 14 -17.41 31.61 -2.09
N SER Z 15 -17.92 32.84 -2.26
CA SER Z 15 -18.94 33.34 -1.36
C SER Z 15 -20.22 32.51 -1.46
N THR Z 16 -20.63 32.15 -2.68
CA THR Z 16 -21.83 31.34 -2.84
C THR Z 16 -21.68 29.97 -2.18
N LEU Z 17 -20.54 29.31 -2.42
CA LEU Z 17 -20.33 27.99 -1.84
C LEU Z 17 -20.30 28.06 -0.32
N LEU Z 18 -19.61 29.06 0.23
CA LEU Z 18 -19.52 29.20 1.68
C LEU Z 18 -20.90 29.46 2.29
N GLY Z 19 -21.70 30.32 1.65
CA GLY Z 19 -23.03 30.60 2.16
C GLY Z 19 -23.92 29.37 2.17
N LEU Z 20 -23.88 28.59 1.09
CA LEU Z 20 -24.69 27.37 1.03
C LEU Z 20 -24.25 26.37 2.10
N VAL Z 21 -22.95 26.17 2.25
CA VAL Z 21 -22.46 25.21 3.24
C VAL Z 21 -22.85 25.65 4.65
N MET Z 22 -22.70 26.95 4.94
CA MET Z 22 -23.04 27.44 6.27
C MET Z 22 -24.53 27.32 6.55
N ALA Z 23 -25.38 27.60 5.56
CA ALA Z 23 -26.81 27.44 5.76
C ALA Z 23 -27.16 26.01 6.09
N LEU Z 24 -26.60 25.05 5.34
CA LEU Z 24 -26.86 23.64 5.62
C LEU Z 24 -26.37 23.25 7.01
N LEU Z 25 -25.17 23.70 7.39
CA LEU Z 25 -24.61 23.34 8.69
C LEU Z 25 -25.47 23.88 9.83
N ILE Z 26 -25.89 25.14 9.74
CA ILE Z 26 -26.71 25.71 10.80
C ILE Z 26 -28.05 25.01 10.88
N HIS Z 27 -28.67 24.71 9.74
CA HIS Z 27 -29.95 24.02 9.76
C HIS Z 27 -29.83 22.66 10.43
N PHE Z 28 -28.79 21.90 10.10
CA PHE Z 28 -28.65 20.57 10.69
C PHE Z 28 -28.33 20.65 12.18
N VAL Z 29 -27.50 21.59 12.60
CA VAL Z 29 -27.18 21.73 14.02
C VAL Z 29 -28.44 22.08 14.81
N VAL Z 30 -29.22 23.04 14.32
CA VAL Z 30 -30.42 23.47 15.04
C VAL Z 30 -31.47 22.36 15.04
N LEU Z 31 -31.62 21.63 13.93
CA LEU Z 31 -32.56 20.52 13.89
C LEU Z 31 -32.16 19.43 14.88
N SER Z 32 -30.88 19.12 14.97
CA SER Z 32 -30.41 18.06 15.85
C SER Z 32 -30.43 18.46 17.31
N SER Z 33 -30.39 19.75 17.62
CA SER Z 33 -30.34 20.18 19.01
C SER Z 33 -31.57 19.74 19.79
N GLY Z 34 -32.75 19.89 19.20
CA GLY Z 34 -33.99 19.56 19.88
C GLY Z 34 -34.64 20.70 20.62
N ALA Z 35 -34.19 21.94 20.41
CA ALA Z 35 -34.77 23.08 21.12
C ALA Z 35 -36.12 23.48 20.53
N PHE Z 36 -36.35 23.21 19.24
CA PHE Z 36 -37.60 23.57 18.57
C PHE Z 36 -38.38 22.31 18.21
N ASN Z 37 -39.69 22.45 18.07
CA ASN Z 37 -40.54 21.32 17.69
C ASN Z 37 -40.21 20.78 16.31
N TRP Z 38 -40.47 21.57 15.27
CA TRP Z 38 -40.15 21.22 13.88
C TRP Z 38 -40.82 19.88 13.55
N LEU Z 39 -40.17 18.99 12.80
CA LEU Z 39 -40.81 17.79 12.26
C LEU Z 39 -40.82 16.69 13.31
N ARG Z 40 -41.74 16.83 14.27
CA ARG Z 40 -41.86 15.84 15.33
C ARG Z 40 -42.72 14.67 14.87
N ALA Z 41 -43.14 13.82 15.81
CA ALA Z 41 -43.94 12.64 15.52
C ALA Z 41 -43.25 11.71 14.54
N ASP AA 3 -13.86 40.25 -20.36
CA ASP AA 3 -15.22 40.29 -20.87
C ASP AA 3 -16.22 39.83 -19.82
N ARG AA 4 -17.13 38.95 -20.22
CA ARG AA 4 -18.13 38.43 -19.30
C ARG AA 4 -17.46 37.56 -18.24
N PRO AA 5 -17.71 37.80 -16.96
CA PRO AA 5 -17.15 36.92 -15.93
C PRO AA 5 -17.72 35.51 -15.96
N PHE AA 6 -19.01 35.37 -16.27
CA PHE AA 6 -19.68 34.08 -16.25
C PHE AA 6 -20.37 33.84 -17.59
N GLU AA 7 -20.57 32.56 -17.89
CA GLU AA 7 -21.37 32.15 -19.04
C GLU AA 7 -22.76 31.76 -18.56
N PHE AA 8 -23.76 32.04 -19.40
CA PHE AA 8 -25.13 31.72 -19.03
C PHE AA 8 -25.33 30.21 -18.89
N ARG AA 9 -24.68 29.43 -19.75
CA ARG AA 9 -24.84 27.98 -19.72
C ARG AA 9 -24.39 27.39 -18.39
N THR AA 10 -23.25 27.87 -17.87
CA THR AA 10 -22.75 27.34 -16.61
C THR AA 10 -23.71 27.64 -15.47
N SER AA 11 -24.24 28.86 -15.41
CA SER AA 11 -25.19 29.21 -14.36
C SER AA 11 -26.46 28.37 -14.46
N VAL AA 12 -26.94 28.13 -15.68
CA VAL AA 12 -28.15 27.31 -15.86
C VAL AA 12 -27.89 25.89 -15.35
N VAL AA 13 -26.75 25.32 -15.73
CA VAL AA 13 -26.43 23.95 -15.32
C VAL AA 13 -26.32 23.85 -13.80
N VAL AA 14 -25.62 24.80 -13.18
CA VAL AA 14 -25.43 24.78 -11.73
C VAL AA 14 -26.76 24.92 -11.01
N SER AA 15 -27.62 25.84 -11.48
CA SER AA 15 -28.91 26.03 -10.84
C SER AA 15 -29.77 24.77 -10.95
N THR AA 16 -29.80 24.14 -12.12
CA THR AA 16 -30.61 22.93 -12.30
C THR AA 16 -30.12 21.82 -11.38
N LEU AA 17 -28.80 21.60 -11.34
CA LEU AA 17 -28.26 20.54 -10.50
C LEU AA 17 -28.55 20.79 -9.02
N LEU AA 18 -28.36 22.03 -8.57
CA LEU AA 18 -28.61 22.36 -7.18
C LEU AA 18 -30.08 22.16 -6.82
N GLY AA 19 -30.99 22.60 -7.67
CA GLY AA 19 -32.41 22.41 -7.39
C GLY AA 19 -32.80 20.95 -7.31
N LEU AA 20 -32.28 20.14 -8.23
CA LEU AA 20 -32.62 18.71 -8.22
C LEU AA 20 -32.11 18.04 -6.95
N VAL AA 21 -30.86 18.32 -6.58
CA VAL AA 21 -30.29 17.71 -5.38
C VAL AA 21 -31.06 18.15 -4.13
N MET AA 22 -31.41 19.44 -4.05
CA MET AA 22 -32.14 19.93 -2.89
C MET AA 22 -33.52 19.27 -2.79
N ALA AA 23 -34.23 19.15 -3.91
CA ALA AA 23 -35.54 18.52 -3.88
C ALA AA 23 -35.46 17.08 -3.40
N LEU AA 24 -34.48 16.32 -3.93
CA LEU AA 24 -34.34 14.92 -3.50
C LEU AA 24 -34.01 14.83 -2.01
N LEU AA 25 -33.10 15.69 -1.53
CA LEU AA 25 -32.71 15.66 -0.13
C LEU AA 25 -33.89 15.95 0.78
N ILE AA 26 -34.69 16.98 0.45
CA ILE AA 26 -35.81 17.33 1.32
C ILE AA 26 -36.87 16.24 1.30
N HIS AA 27 -37.15 15.67 0.13
CA HIS AA 27 -38.11 14.57 0.07
C HIS AA 27 -37.67 13.38 0.92
N PHE AA 28 -36.38 13.04 0.86
CA PHE AA 28 -35.87 11.92 1.66
C PHE AA 28 -35.99 12.21 3.16
N VAL AA 29 -35.62 13.43 3.57
CA VAL AA 29 -35.69 13.76 5.00
C VAL AA 29 -37.13 13.69 5.48
N VAL AA 30 -38.07 14.24 4.71
CA VAL AA 30 -39.46 14.25 5.13
C VAL AA 30 -40.02 12.83 5.18
N LEU AA 31 -39.67 11.99 4.20
CA LEU AA 31 -40.15 10.61 4.22
C LEU AA 31 -39.62 9.84 5.42
N SER AA 32 -38.35 10.06 5.76
CA SER AA 32 -37.75 9.34 6.87
C SER AA 32 -38.15 9.88 8.24
N SER AA 33 -38.64 11.12 8.31
CA SER AA 33 -38.98 11.69 9.61
C SER AA 33 -40.15 10.97 10.28
N GLY AA 34 -41.16 10.60 9.50
CA GLY AA 34 -42.35 9.96 10.05
C GLY AA 34 -43.43 10.92 10.51
N ALA AA 35 -43.33 12.21 10.19
CA ALA AA 35 -44.30 13.19 10.65
C ALA AA 35 -45.61 13.12 9.86
N PHE AA 36 -45.53 12.91 8.56
CA PHE AA 36 -46.71 12.85 7.69
C PHE AA 36 -47.08 11.41 7.43
N ASN AA 37 -48.37 11.18 7.17
CA ASN AA 37 -48.84 9.84 6.87
C ASN AA 37 -48.20 9.33 5.58
N TRP AA 38 -48.55 9.92 4.44
CA TRP AA 38 -47.93 9.61 3.16
C TRP AA 38 -47.95 8.11 2.86
N LEU AA 39 -46.78 7.53 2.57
CA LEU AA 39 -46.68 6.16 2.08
C LEU AA 39 -46.55 5.21 3.27
N ARG AA 40 -47.68 4.73 3.78
CA ARG AA 40 -47.70 3.82 4.92
C ARG AA 40 -48.31 2.49 4.51
N ALA AA 41 -47.82 1.42 5.13
CA ALA AA 41 -48.35 0.08 4.88
C ALA AA 41 -49.81 -0.02 5.30
N ASP BA 3 -21.64 31.88 -29.85
CA ASP BA 3 -22.73 31.58 -30.76
C ASP BA 3 -23.96 31.11 -30.01
N ARG BA 4 -24.13 29.79 -29.93
CA ARG BA 4 -25.30 29.20 -29.32
C ARG BA 4 -25.00 28.78 -27.89
N PRO BA 5 -25.82 29.16 -26.92
CA PRO BA 5 -25.56 28.75 -25.53
C PRO BA 5 -25.64 27.26 -25.34
N PHE BA 6 -26.76 26.65 -25.70
CA PHE BA 6 -27.00 25.23 -25.51
C PHE BA 6 -27.18 24.55 -26.85
N GLU BA 7 -26.62 23.34 -26.96
CA GLU BA 7 -26.88 22.47 -28.10
C GLU BA 7 -28.10 21.62 -27.83
N PHE BA 8 -28.94 21.44 -28.84
CA PHE BA 8 -30.21 20.75 -28.66
C PHE BA 8 -30.00 19.28 -28.33
N ARG BA 9 -28.99 18.65 -28.93
CA ARG BA 9 -28.78 17.22 -28.74
C ARG BA 9 -28.46 16.89 -27.28
N THR BA 10 -27.63 17.70 -26.64
CA THR BA 10 -27.29 17.46 -25.25
C THR BA 10 -28.49 17.61 -24.35
N SER BA 11 -29.35 18.60 -24.64
CA SER BA 11 -30.57 18.77 -23.85
C SER BA 11 -31.49 17.57 -24.00
N VAL BA 12 -31.63 17.05 -25.22
CA VAL BA 12 -32.46 15.86 -25.43
C VAL BA 12 -31.91 14.67 -24.66
N VAL BA 13 -30.60 14.46 -24.72
CA VAL BA 13 -29.99 13.33 -24.03
C VAL BA 13 -30.16 13.45 -22.52
N VAL BA 14 -29.91 14.64 -21.98
CA VAL BA 14 -30.02 14.83 -20.53
C VAL BA 14 -31.47 14.64 -20.07
N SER BA 15 -32.43 15.19 -20.81
CA SER BA 15 -33.83 15.01 -20.44
C SER BA 15 -34.23 13.55 -20.47
N THR BA 16 -33.81 12.81 -21.49
CA THR BA 16 -34.15 11.39 -21.58
C THR BA 16 -33.58 10.60 -20.40
N LEU BA 17 -32.30 10.80 -20.10
CA LEU BA 17 -31.69 10.06 -18.99
C LEU BA 17 -32.33 10.42 -17.67
N LEU BA 18 -32.60 11.71 -17.44
CA LEU BA 18 -33.21 12.13 -16.19
C LEU BA 18 -34.60 11.56 -16.01
N GLY BA 19 -35.42 11.57 -17.07
CA GLY BA 19 -36.74 10.99 -16.99
C GLY BA 19 -36.71 9.50 -16.69
N LEU BA 20 -35.80 8.77 -17.34
CA LEU BA 20 -35.68 7.34 -17.08
C LEU BA 20 -35.28 7.07 -15.63
N VAL BA 21 -34.30 7.81 -15.12
CA VAL BA 21 -33.84 7.61 -13.75
C VAL BA 21 -34.96 7.90 -12.75
N MET BA 22 -35.71 8.98 -12.97
CA MET BA 22 -36.80 9.31 -12.06
C MET BA 22 -37.90 8.25 -12.11
N ALA BA 23 -38.22 7.74 -13.30
CA ALA BA 23 -39.22 6.68 -13.40
C ALA BA 23 -38.81 5.46 -12.59
N LEU BA 24 -37.56 5.02 -12.75
CA LEU BA 24 -37.07 3.86 -12.00
C LEU BA 24 -37.12 4.12 -10.50
N LEU BA 25 -36.66 5.29 -10.07
CA LEU BA 25 -36.62 5.59 -8.64
C LEU BA 25 -38.00 5.58 -8.02
N ILE BA 26 -38.97 6.22 -8.67
CA ILE BA 26 -40.31 6.28 -8.10
C ILE BA 26 -40.98 4.90 -8.11
N HIS BA 27 -40.78 4.13 -9.18
CA HIS BA 27 -41.36 2.79 -9.21
C HIS BA 27 -40.81 1.93 -8.08
N PHE BA 28 -39.50 1.99 -7.82
CA PHE BA 28 -38.93 1.18 -6.76
C PHE BA 28 -39.35 1.67 -5.37
N VAL BA 29 -39.45 2.98 -5.19
CA VAL BA 29 -39.93 3.51 -3.91
C VAL BA 29 -41.34 3.03 -3.61
N VAL BA 30 -42.23 3.12 -4.60
CA VAL BA 30 -43.61 2.70 -4.39
C VAL BA 30 -43.71 1.18 -4.21
N LEU BA 31 -42.88 0.42 -4.94
CA LEU BA 31 -42.91 -1.03 -4.80
C LEU BA 31 -42.47 -1.48 -3.41
N SER BA 32 -41.39 -0.90 -2.90
CA SER BA 32 -40.86 -1.35 -1.62
C SER BA 32 -41.56 -0.71 -0.42
N SER BA 33 -42.35 0.35 -0.63
CA SER BA 33 -43.04 0.98 0.50
C SER BA 33 -44.04 0.03 1.14
N GLY BA 34 -44.70 -0.80 0.34
CA GLY BA 34 -45.71 -1.71 0.85
C GLY BA 34 -47.09 -1.12 0.99
N ALA BA 35 -47.31 0.10 0.50
CA ALA BA 35 -48.62 0.73 0.62
C ALA BA 35 -49.64 0.08 -0.32
N PHE BA 36 -49.25 -0.17 -1.56
CA PHE BA 36 -50.14 -0.77 -2.55
C PHE BA 36 -49.96 -2.28 -2.56
N ASN BA 37 -51.01 -2.98 -2.99
CA ASN BA 37 -50.95 -4.43 -3.03
C ASN BA 37 -49.90 -4.89 -4.04
N TRP BA 38 -50.13 -4.64 -5.32
CA TRP BA 38 -49.15 -4.88 -6.40
C TRP BA 38 -48.61 -6.31 -6.28
N LEU BA 39 -47.30 -6.53 -6.37
CA LEU BA 39 -46.72 -7.87 -6.45
C LEU BA 39 -46.52 -8.43 -5.04
N ARG BA 40 -47.50 -9.18 -4.55
CA ARG BA 40 -47.45 -9.71 -3.18
C ARG BA 40 -47.62 -11.22 -3.19
N ALA BA 41 -46.68 -11.90 -2.52
CA ALA BA 41 -46.82 -13.31 -2.15
C ALA BA 41 -47.36 -14.22 -3.25
N ARG CA 4 -24.92 15.77 -39.75
CA ARG CA 4 -26.21 15.82 -39.08
C ARG CA 4 -26.04 15.93 -37.58
N PRO CA 5 -26.90 16.73 -36.94
CA PRO CA 5 -26.87 16.80 -35.47
C PRO CA 5 -27.17 15.47 -34.80
N PHE CA 6 -28.03 14.65 -35.41
CA PHE CA 6 -28.40 13.35 -34.86
C PHE CA 6 -27.91 12.26 -35.79
N GLU CA 7 -27.31 11.22 -35.22
CA GLU CA 7 -26.90 10.03 -35.95
C GLU CA 7 -27.88 8.91 -35.67
N PHE CA 8 -28.35 8.26 -36.73
CA PHE CA 8 -29.34 7.20 -36.57
C PHE CA 8 -28.72 5.97 -35.90
N ARG CA 9 -27.45 5.68 -36.18
CA ARG CA 9 -26.79 4.53 -35.60
C ARG CA 9 -26.74 4.62 -34.08
N THR CA 10 -26.42 5.80 -33.55
CA THR CA 10 -26.35 5.97 -32.11
C THR CA 10 -27.69 5.74 -31.45
N SER CA 11 -28.77 6.28 -32.03
CA SER CA 11 -30.09 6.09 -31.47
C SER CA 11 -30.49 4.62 -31.50
N VAL CA 12 -30.18 3.92 -32.58
CA VAL CA 12 -30.51 2.49 -32.67
C VAL CA 12 -29.77 1.71 -31.59
N VAL CA 13 -28.47 1.96 -31.44
CA VAL CA 13 -27.68 1.22 -30.46
C VAL CA 13 -28.19 1.49 -29.05
N VAL CA 14 -28.45 2.76 -28.73
CA VAL CA 14 -28.93 3.11 -27.40
C VAL CA 14 -30.28 2.46 -27.11
N SER CA 15 -31.19 2.48 -28.10
CA SER CA 15 -32.50 1.88 -27.89
C SER CA 15 -32.40 0.38 -27.66
N THR CA 16 -31.56 -0.31 -28.45
CA THR CA 16 -31.44 -1.75 -28.30
C THR CA 16 -30.85 -2.13 -26.94
N LEU CA 17 -29.79 -1.44 -26.53
CA LEU CA 17 -29.18 -1.72 -25.23
C LEU CA 17 -30.15 -1.44 -24.09
N LEU CA 18 -30.85 -0.32 -24.16
CA LEU CA 18 -31.80 0.05 -23.09
C LEU CA 18 -32.96 -0.94 -23.03
N GLY CA 19 -33.48 -1.42 -24.16
CA GLY CA 19 -34.54 -2.42 -24.13
C GLY CA 19 -34.09 -3.73 -23.53
N LEU CA 20 -32.90 -4.19 -23.90
CA LEU CA 20 -32.41 -5.45 -23.32
C LEU CA 20 -32.21 -5.33 -21.82
N VAL CA 21 -31.62 -4.22 -21.37
CA VAL CA 21 -31.37 -4.05 -19.94
C VAL CA 21 -32.68 -4.00 -19.16
N MET CA 22 -33.68 -3.27 -19.69
CA MET CA 22 -34.96 -3.17 -19.00
C MET CA 22 -35.67 -4.50 -18.93
N ALA CA 23 -35.64 -5.28 -20.02
CA ALA CA 23 -36.28 -6.59 -20.01
C ALA CA 23 -35.65 -7.51 -18.97
N LEU CA 24 -34.31 -7.54 -18.92
CA LEU CA 24 -33.64 -8.37 -17.92
C LEU CA 24 -34.00 -7.93 -16.51
N LEU CA 25 -33.99 -6.62 -16.25
CA LEU CA 25 -34.30 -6.12 -14.92
C LEU CA 25 -35.71 -6.48 -14.49
N ILE CA 26 -36.69 -6.31 -15.38
CA ILE CA 26 -38.07 -6.64 -15.04
C ILE CA 26 -38.21 -8.13 -14.76
N HIS CA 27 -37.56 -8.97 -15.57
CA HIS CA 27 -37.63 -10.41 -15.33
C HIS CA 27 -37.06 -10.78 -13.96
N PHE CA 28 -35.91 -10.21 -13.60
CA PHE CA 28 -35.30 -10.53 -12.32
C PHE CA 28 -36.18 -10.07 -11.16
N VAL CA 29 -36.73 -8.86 -11.22
CA VAL CA 29 -37.59 -8.37 -10.15
C VAL CA 29 -38.83 -9.26 -10.02
N VAL CA 30 -39.45 -9.60 -11.14
CA VAL CA 30 -40.70 -10.37 -11.09
C VAL CA 30 -40.45 -11.78 -10.57
N LEU CA 31 -39.35 -12.42 -10.98
CA LEU CA 31 -39.08 -13.76 -10.43
C LEU CA 31 -38.72 -13.71 -8.96
N SER CA 32 -37.94 -12.72 -8.53
CA SER CA 32 -37.58 -12.63 -7.12
C SER CA 32 -38.77 -12.24 -6.24
N SER CA 33 -39.83 -11.69 -6.83
CA SER CA 33 -40.98 -11.26 -6.02
C SER CA 33 -41.64 -12.44 -5.32
N GLY CA 34 -41.75 -13.58 -5.98
CA GLY CA 34 -42.43 -14.73 -5.42
C GLY CA 34 -43.92 -14.74 -5.63
N ALA CA 35 -44.46 -13.83 -6.45
CA ALA CA 35 -45.90 -13.76 -6.67
C ALA CA 35 -46.40 -14.83 -7.62
N PHE CA 36 -45.57 -15.28 -8.55
CA PHE CA 36 -45.96 -16.26 -9.56
C PHE CA 36 -45.35 -17.63 -9.23
N ASN CA 37 -46.06 -18.68 -9.64
CA ASN CA 37 -45.59 -20.06 -9.46
C ASN CA 37 -44.75 -20.44 -10.67
N TRP CA 38 -43.49 -19.98 -10.66
CA TRP CA 38 -42.60 -20.08 -11.80
C TRP CA 38 -41.27 -20.64 -11.34
N LEU CA 39 -40.92 -21.83 -11.84
CA LEU CA 39 -39.65 -22.52 -11.55
C LEU CA 39 -39.48 -22.74 -10.04
N ARG CA 40 -40.41 -23.52 -9.48
CA ARG CA 40 -40.35 -23.89 -8.07
C ARG CA 40 -39.90 -25.34 -7.94
N ALA CA 41 -39.00 -25.59 -7.01
CA ALA CA 41 -38.47 -26.92 -6.78
C ALA CA 41 -39.56 -27.88 -6.29
N ARG DA 4 -21.29 4.32 -45.94
CA ARG DA 4 -22.17 3.28 -45.41
C ARG DA 4 -22.30 3.42 -43.90
N PRO DA 5 -23.50 3.77 -43.44
CA PRO DA 5 -23.68 4.03 -42.00
C PRO DA 5 -23.57 2.78 -41.15
N PHE DA 6 -24.19 1.68 -41.59
CA PHE DA 6 -24.25 0.45 -40.82
C PHE DA 6 -23.33 -0.60 -41.42
N GLU DA 7 -22.56 -1.26 -40.57
CA GLU DA 7 -21.66 -2.33 -40.97
C GLU DA 7 -22.27 -3.66 -40.58
N PHE DA 8 -22.21 -4.63 -41.50
CA PHE DA 8 -22.81 -5.94 -41.24
C PHE DA 8 -22.00 -6.71 -40.21
N ARG DA 9 -20.68 -6.56 -40.22
CA ARG DA 9 -19.83 -7.32 -39.30
C ARG DA 9 -20.11 -6.97 -37.86
N THR DA 10 -20.34 -5.68 -37.57
CA THR DA 10 -20.67 -5.28 -36.21
C THR DA 10 -21.95 -5.93 -35.74
N SER DA 11 -22.98 -5.96 -36.61
CA SER DA 11 -24.24 -6.60 -36.25
C SER DA 11 -24.04 -8.07 -35.95
N VAL DA 12 -23.26 -8.76 -36.80
CA VAL DA 12 -23.04 -10.19 -36.61
C VAL DA 12 -22.34 -10.46 -35.28
N VAL DA 13 -21.27 -9.70 -35.02
CA VAL DA 13 -20.49 -9.94 -33.80
C VAL DA 13 -21.33 -9.68 -32.56
N VAL DA 14 -22.04 -8.55 -32.54
CA VAL DA 14 -22.81 -8.19 -31.35
C VAL DA 14 -23.93 -9.19 -31.11
N SER DA 15 -24.67 -9.58 -32.16
CA SER DA 15 -25.77 -10.51 -31.98
C SER DA 15 -25.28 -11.88 -31.53
N THR DA 16 -24.18 -12.37 -32.10
CA THR DA 16 -23.65 -13.67 -31.71
C THR DA 16 -23.22 -13.66 -30.24
N LEU DA 17 -22.51 -12.61 -29.83
CA LEU DA 17 -22.05 -12.53 -28.45
C LEU DA 17 -23.22 -12.44 -27.47
N LEU DA 18 -24.24 -11.63 -27.80
CA LEU DA 18 -25.40 -11.52 -26.93
C LEU DA 18 -26.14 -12.84 -26.80
N GLY DA 19 -26.30 -13.57 -27.92
CA GLY DA 19 -26.95 -14.87 -27.85
C GLY DA 19 -26.21 -15.85 -26.97
N LEU DA 20 -24.89 -15.92 -27.10
CA LEU DA 20 -24.11 -16.82 -26.26
C LEU DA 20 -24.21 -16.45 -24.78
N VAL DA 21 -24.12 -15.15 -24.47
CA VAL DA 21 -24.23 -14.71 -23.08
C VAL DA 21 -25.59 -15.08 -22.51
N MET DA 22 -26.66 -14.87 -23.27
CA MET DA 22 -27.99 -15.19 -22.77
C MET DA 22 -28.17 -16.68 -22.55
N ALA DA 23 -27.66 -17.50 -23.48
CA ALA DA 23 -27.77 -18.95 -23.30
C ALA DA 23 -27.05 -19.41 -22.04
N LEU DA 24 -25.83 -18.92 -21.82
CA LEU DA 24 -25.10 -19.29 -20.61
C LEU DA 24 -25.84 -18.85 -19.35
N LEU DA 25 -26.37 -17.63 -19.35
CA LEU DA 25 -27.07 -17.12 -18.16
C LEU DA 25 -28.31 -17.95 -17.86
N ILE DA 26 -29.10 -18.29 -18.88
CA ILE DA 26 -30.30 -19.09 -18.65
C ILE DA 26 -29.95 -20.47 -18.14
N HIS DA 27 -28.90 -21.08 -18.68
CA HIS DA 27 -28.49 -22.40 -18.19
C HIS DA 27 -28.06 -22.33 -16.72
N PHE DA 28 -27.30 -21.30 -16.35
CA PHE DA 28 -26.91 -21.15 -14.95
C PHE DA 28 -28.12 -20.99 -14.04
N VAL DA 29 -29.08 -20.15 -14.44
CA VAL DA 29 -30.24 -19.90 -13.59
C VAL DA 29 -31.08 -21.16 -13.43
N VAL DA 30 -31.31 -21.89 -14.53
CA VAL DA 30 -32.13 -23.10 -14.43
C VAL DA 30 -31.41 -24.18 -13.62
N LEU DA 31 -30.09 -24.27 -13.73
CA LEU DA 31 -29.37 -25.23 -12.90
C LEU DA 31 -29.46 -24.88 -11.42
N SER DA 32 -29.38 -23.58 -11.10
CA SER DA 32 -29.46 -23.18 -9.69
C SER DA 32 -30.88 -23.32 -9.13
N SER DA 33 -31.90 -23.25 -9.98
CA SER DA 33 -33.27 -23.27 -9.48
C SER DA 33 -33.59 -24.57 -8.77
N GLY DA 34 -33.15 -25.71 -9.31
CA GLY DA 34 -33.46 -26.99 -8.73
C GLY DA 34 -34.81 -27.56 -9.11
N ALA DA 35 -35.50 -26.94 -10.06
CA ALA DA 35 -36.83 -27.41 -10.44
C ALA DA 35 -36.78 -28.71 -11.21
N PHE DA 36 -35.88 -28.82 -12.18
CA PHE DA 36 -35.69 -30.04 -12.96
C PHE DA 36 -34.71 -30.96 -12.25
N ASN DA 37 -34.84 -32.26 -12.50
CA ASN DA 37 -33.93 -33.22 -11.90
C ASN DA 37 -32.50 -32.96 -12.36
N TRP DA 38 -32.23 -33.20 -13.63
CA TRP DA 38 -30.96 -32.86 -14.30
C TRP DA 38 -29.81 -33.45 -13.49
N LEU DA 39 -28.79 -32.67 -13.12
CA LEU DA 39 -27.55 -33.21 -12.55
C LEU DA 39 -27.67 -33.30 -11.02
N ARG DA 40 -28.59 -34.16 -10.59
CA ARG DA 40 -28.96 -34.25 -9.18
C ARG DA 40 -28.44 -35.54 -8.59
N ALA DA 41 -27.52 -35.42 -7.62
CA ALA DA 41 -27.06 -36.51 -6.77
C ALA DA 41 -26.85 -37.84 -7.51
N ASP EA 3 -9.98 -4.45 -46.22
CA ASP EA 3 -10.54 -4.73 -47.54
C ASP EA 3 -11.63 -5.80 -47.43
N ARG EA 4 -11.26 -6.99 -46.97
CA ARG EA 4 -12.21 -8.06 -46.78
C ARG EA 4 -13.07 -7.79 -45.55
N PRO EA 5 -14.40 -7.84 -45.65
CA PRO EA 5 -15.24 -7.60 -44.47
C PRO EA 5 -15.02 -8.61 -43.35
N PHE EA 6 -14.71 -9.87 -43.67
CA PHE EA 6 -14.53 -10.92 -42.68
C PHE EA 6 -13.18 -11.59 -42.88
N GLU EA 7 -12.52 -11.92 -41.77
CA GLU EA 7 -11.23 -12.57 -41.78
C GLU EA 7 -11.38 -14.01 -41.29
N PHE EA 8 -10.76 -14.95 -42.00
CA PHE EA 8 -10.85 -16.35 -41.65
C PHE EA 8 -9.97 -16.70 -40.45
N ARG EA 9 -8.79 -16.11 -40.36
CA ARG EA 9 -7.86 -16.39 -39.28
C ARG EA 9 -8.45 -16.00 -37.93
N THR EA 10 -9.10 -14.83 -37.86
CA THR EA 10 -9.72 -14.40 -36.61
C THR EA 10 -10.82 -15.36 -36.18
N SER EA 11 -11.65 -15.80 -37.14
CA SER EA 11 -12.74 -16.71 -36.80
C SER EA 11 -12.21 -18.05 -36.32
N VAL EA 12 -11.12 -18.52 -36.92
CA VAL EA 12 -10.52 -19.78 -36.48
C VAL EA 12 -10.02 -19.66 -35.04
N VAL EA 13 -9.31 -18.57 -34.74
CA VAL EA 13 -8.78 -18.39 -33.39
C VAL EA 13 -9.92 -18.31 -32.38
N VAL EA 14 -10.96 -17.54 -32.70
CA VAL EA 14 -12.10 -17.38 -31.79
C VAL EA 14 -12.80 -18.72 -31.56
N SER EA 15 -13.00 -19.50 -32.63
CA SER EA 15 -13.66 -20.79 -32.48
C SER EA 15 -12.86 -21.75 -31.61
N THR EA 16 -11.54 -21.80 -31.80
CA THR EA 16 -10.72 -22.70 -31.00
C THR EA 16 -10.76 -22.30 -29.52
N LEU EA 17 -10.63 -21.01 -29.23
CA LEU EA 17 -10.68 -20.56 -27.85
C LEU EA 17 -12.03 -20.85 -27.21
N LEU EA 18 -13.12 -20.60 -27.94
CA LEU EA 18 -14.45 -20.85 -27.41
C LEU EA 18 -14.66 -22.33 -27.12
N GLY EA 19 -14.22 -23.20 -28.02
CA GLY EA 19 -14.36 -24.64 -27.79
C GLY EA 19 -13.59 -25.11 -26.57
N LEU EA 20 -12.35 -24.62 -26.41
CA LEU EA 20 -11.56 -25.01 -25.25
C LEU EA 20 -12.23 -24.56 -23.94
N VAL EA 21 -12.68 -23.30 -23.90
CA VAL EA 21 -13.31 -22.77 -22.69
C VAL EA 21 -14.57 -23.55 -22.34
N MET EA 22 -15.40 -23.83 -23.36
CA MET EA 22 -16.63 -24.58 -23.11
C MET EA 22 -16.33 -25.99 -22.61
N ALA EA 23 -15.33 -26.66 -23.19
CA ALA EA 23 -15.00 -28.01 -22.74
C ALA EA 23 -14.57 -28.02 -21.28
N LEU EA 24 -13.70 -27.08 -20.90
CA LEU EA 24 -13.26 -27.02 -19.50
C LEU EA 24 -14.43 -26.73 -18.57
N LEU EA 25 -15.28 -25.77 -18.92
CA LEU EA 25 -16.40 -25.43 -18.06
C LEU EA 25 -17.36 -26.61 -17.89
N ILE EA 26 -17.70 -27.28 -18.98
CA ILE EA 26 -18.65 -28.38 -18.89
C ILE EA 26 -18.06 -29.54 -18.10
N HIS EA 27 -16.78 -29.86 -18.31
CA HIS EA 27 -16.17 -30.92 -17.50
C HIS EA 27 -16.20 -30.58 -16.02
N PHE EA 28 -15.86 -29.34 -15.66
CA PHE EA 28 -15.87 -28.99 -14.24
C PHE EA 28 -17.27 -29.03 -13.66
N VAL EA 29 -18.26 -28.50 -14.39
CA VAL EA 29 -19.63 -28.48 -13.88
C VAL EA 29 -20.18 -29.89 -13.72
N VAL EA 30 -19.92 -30.77 -14.69
CA VAL EA 30 -20.46 -32.12 -14.64
C VAL EA 30 -19.78 -32.95 -13.56
N LEU EA 31 -18.45 -32.84 -13.42
CA LEU EA 31 -17.74 -33.74 -12.53
C LEU EA 31 -17.83 -33.34 -11.05
N SER EA 32 -18.18 -32.08 -10.75
CA SER EA 32 -18.31 -31.65 -9.37
C SER EA 32 -19.72 -31.76 -8.83
N SER EA 33 -20.67 -32.22 -9.65
CA SER EA 33 -22.05 -32.34 -9.19
C SER EA 33 -22.25 -33.51 -8.25
N GLY EA 34 -21.46 -34.57 -8.39
CA GLY EA 34 -21.64 -35.78 -7.62
C GLY EA 34 -22.62 -36.77 -8.20
N ALA EA 35 -23.08 -36.56 -9.44
CA ALA EA 35 -24.06 -37.45 -10.05
C ALA EA 35 -23.42 -38.65 -10.75
N PHE EA 36 -22.11 -38.66 -10.92
CA PHE EA 36 -21.41 -39.74 -11.61
C PHE EA 36 -20.37 -40.35 -10.68
N ASN EA 37 -20.08 -41.62 -10.90
CA ASN EA 37 -19.13 -42.36 -10.07
C ASN EA 37 -17.76 -42.33 -10.73
N TRP EA 38 -17.04 -41.24 -10.51
CA TRP EA 38 -15.77 -40.98 -11.16
C TRP EA 38 -14.72 -40.71 -10.09
N LEU EA 39 -13.64 -41.50 -10.12
CA LEU EA 39 -12.49 -41.35 -9.22
C LEU EA 39 -12.93 -41.30 -7.76
N ARG EA 40 -13.54 -42.39 -7.30
CA ARG EA 40 -14.00 -42.53 -5.93
C ARG EA 40 -13.07 -43.50 -5.19
N ALA EA 41 -12.58 -43.06 -4.03
CA ALA EA 41 -11.68 -43.88 -3.23
C ALA EA 41 -12.35 -45.17 -2.77
N ARG FA 4 -1.21 -16.82 -46.45
CA ARG FA 4 -0.63 -17.67 -45.41
C ARG FA 4 -1.13 -17.22 -44.05
N PRO FA 5 -2.19 -17.86 -43.57
CA PRO FA 5 -2.84 -17.40 -42.34
C PRO FA 5 -2.00 -17.58 -41.08
N PHE FA 6 -1.48 -18.79 -40.87
CA PHE FA 6 -0.85 -19.15 -39.60
C PHE FA 6 0.61 -19.51 -39.79
N GLU FA 7 1.40 -19.26 -38.74
CA GLU FA 7 2.81 -19.61 -38.71
C GLU FA 7 2.99 -20.91 -37.94
N PHE FA 8 3.86 -21.77 -38.45
CA PHE FA 8 4.06 -23.09 -37.87
C PHE FA 8 4.67 -23.01 -36.46
N ARG FA 9 5.61 -22.08 -36.26
CA ARG FA 9 6.31 -21.98 -34.98
C ARG FA 9 5.35 -21.67 -33.83
N THR FA 10 4.41 -20.75 -34.07
CA THR FA 10 3.45 -20.39 -33.04
C THR FA 10 2.58 -21.58 -32.65
N SER FA 11 2.10 -22.34 -33.64
CA SER FA 11 1.27 -23.49 -33.36
C SER FA 11 2.05 -24.54 -32.58
N VAL FA 12 3.31 -24.78 -32.94
CA VAL FA 12 4.11 -25.77 -32.21
C VAL FA 12 4.29 -25.34 -30.76
N VAL FA 13 4.61 -24.07 -30.53
CA VAL FA 13 4.83 -23.59 -29.16
C VAL FA 13 3.56 -23.72 -28.34
N VAL FA 14 2.42 -23.29 -28.90
CA VAL FA 14 1.16 -23.32 -28.17
C VAL FA 14 0.78 -24.76 -27.83
N SER FA 15 0.92 -25.66 -28.80
CA SER FA 15 0.58 -27.06 -28.56
C SER FA 15 1.44 -27.67 -27.47
N THR FA 16 2.74 -27.40 -27.51
CA THR FA 16 3.65 -27.97 -26.51
C THR FA 16 3.31 -27.48 -25.11
N LEU FA 17 3.08 -26.16 -24.97
CA LEU FA 17 2.74 -25.63 -23.65
C LEU FA 17 1.43 -26.21 -23.13
N LEU FA 18 0.41 -26.29 -24.00
CA LEU FA 18 -0.87 -26.83 -23.58
C LEU FA 18 -0.73 -28.28 -23.14
N GLY FA 19 0.02 -29.09 -23.89
CA GLY FA 19 0.20 -30.48 -23.51
C GLY FA 19 0.91 -30.65 -22.18
N LEU FA 20 1.97 -29.88 -21.95
CA LEU FA 20 2.69 -29.98 -20.68
C LEU FA 20 1.80 -29.59 -19.50
N VAL FA 21 1.09 -28.46 -19.63
CA VAL FA 21 0.24 -28.00 -18.55
C VAL FA 21 -0.87 -29.01 -18.26
N MET FA 22 -1.47 -29.56 -19.32
CA MET FA 22 -2.53 -30.55 -19.14
C MET FA 22 -2.01 -31.80 -18.44
N ALA FA 23 -0.83 -32.28 -18.83
CA ALA FA 23 -0.27 -33.46 -18.20
C ALA FA 23 -0.03 -33.24 -16.72
N LEU FA 24 0.58 -32.10 -16.35
CA LEU FA 24 0.82 -31.83 -14.94
C LEU FA 24 -0.48 -31.75 -14.16
N LEU FA 25 -1.48 -31.06 -14.70
CA LEU FA 25 -2.75 -30.91 -14.01
C LEU FA 25 -3.42 -32.26 -13.78
N ILE FA 26 -3.48 -33.09 -14.81
CA ILE FA 26 -4.14 -34.39 -14.66
C ILE FA 26 -3.40 -35.26 -13.67
N HIS FA 27 -2.06 -35.25 -13.71
CA HIS FA 27 -1.30 -36.06 -12.75
C HIS FA 27 -1.60 -35.63 -11.32
N PHE FA 28 -1.65 -34.33 -11.05
CA PHE FA 28 -1.88 -33.90 -9.68
C PHE FA 28 -3.31 -34.18 -9.24
N VAL FA 29 -4.29 -34.03 -10.14
CA VAL FA 29 -5.67 -34.35 -9.79
C VAL FA 29 -5.81 -35.83 -9.42
N VAL FA 30 -5.24 -36.70 -10.26
CA VAL FA 30 -5.35 -38.14 -10.00
C VAL FA 30 -4.58 -38.53 -8.75
N LEU FA 31 -3.43 -37.87 -8.49
CA LEU FA 31 -2.67 -38.16 -7.29
C LEU FA 31 -3.44 -37.79 -6.04
N SER FA 32 -4.09 -36.63 -6.04
CA SER FA 32 -4.80 -36.19 -4.85
C SER FA 32 -6.17 -36.85 -4.68
N SER FA 33 -6.70 -37.49 -5.72
CA SER FA 33 -7.99 -38.15 -5.59
C SER FA 33 -7.96 -39.26 -4.55
N GLY FA 34 -6.91 -40.07 -4.55
CA GLY FA 34 -6.83 -41.23 -3.68
C GLY FA 34 -7.46 -42.49 -4.21
N ALA FA 35 -7.84 -42.52 -5.48
CA ALA FA 35 -8.50 -43.70 -6.04
C ALA FA 35 -7.50 -44.84 -6.26
N PHE FA 36 -6.31 -44.54 -6.75
CA PHE FA 36 -5.27 -45.53 -6.95
C PHE FA 36 -4.35 -45.58 -5.74
N ASN FA 37 -3.74 -46.76 -5.52
CA ASN FA 37 -2.81 -46.90 -4.41
C ASN FA 37 -1.63 -45.95 -4.58
N TRP FA 38 -0.79 -46.22 -5.58
CA TRP FA 38 0.33 -45.33 -5.95
C TRP FA 38 1.20 -45.09 -4.71
N LEU FA 39 1.53 -43.84 -4.36
CA LEU FA 39 2.53 -43.56 -3.32
C LEU FA 39 1.88 -43.56 -1.96
N ARG FA 40 1.69 -44.73 -1.38
CA ARG FA 40 1.06 -44.88 -0.07
C ARG FA 40 2.11 -45.17 0.98
N ALA FA 41 2.05 -44.45 2.09
CA ALA FA 41 3.00 -44.60 3.19
C ALA FA 41 3.03 -46.01 3.73
N MET GA 1 -4.08 12.04 28.61
CA MET GA 1 -3.73 12.81 27.42
C MET GA 1 -3.61 14.29 27.76
N ASN GA 2 -2.54 14.92 27.26
CA ASN GA 2 -2.32 16.33 27.54
C ASN GA 2 -3.26 17.22 26.73
N TRP GA 3 -3.47 16.87 25.46
CA TRP GA 3 -4.34 17.57 24.51
C TRP GA 3 -3.77 18.88 24.03
N ILE GA 4 -2.69 19.36 24.64
CA ILE GA 4 -1.97 20.52 24.15
C ILE GA 4 -0.70 20.10 23.43
N VAL GA 5 0.00 19.10 23.97
CA VAL GA 5 1.12 18.50 23.25
C VAL GA 5 0.63 17.74 22.03
N ALA GA 6 -0.49 17.03 22.18
CA ALA GA 6 -1.03 16.26 21.05
C ALA GA 6 -1.40 17.17 19.89
N THR GA 7 -1.89 18.37 20.18
CA THR GA 7 -2.25 19.29 19.10
C THR GA 7 -1.03 19.83 18.37
N PHE GA 8 0.05 20.13 19.11
CA PHE GA 8 1.29 20.55 18.45
C PHE GA 8 1.87 19.43 17.60
N MET GA 9 1.83 18.19 18.09
CA MET GA 9 2.31 17.07 17.29
C MET GA 9 1.46 16.87 16.05
N LEU GA 10 0.14 17.06 16.16
CA LEU GA 10 -0.74 17.00 15.00
C LEU GA 10 -0.39 18.08 14.00
N MET GA 11 -0.06 19.28 14.48
CA MET GA 11 0.33 20.37 13.58
C MET GA 11 1.62 20.05 12.85
N PHE GA 12 2.56 19.39 13.53
CA PHE GA 12 3.78 18.95 12.84
C PHE GA 12 3.47 17.90 11.77
N VAL GA 13 2.61 16.94 12.10
CA VAL GA 13 2.21 15.94 11.12
C VAL GA 13 1.57 16.60 9.91
N LEU GA 14 0.78 17.64 10.14
CA LEU GA 14 0.12 18.32 9.03
C LEU GA 14 1.11 19.15 8.21
N VAL GA 15 2.01 19.88 8.87
CA VAL GA 15 3.01 20.67 8.16
C VAL GA 15 4.01 19.81 7.40
N ALA GA 16 4.06 18.51 7.68
CA ALA GA 16 4.83 17.61 6.82
C ALA GA 16 4.28 17.52 5.40
N PHE GA 17 3.03 17.97 5.17
CA PHE GA 17 2.41 17.94 3.85
C PHE GA 17 2.86 19.09 2.95
N LEU GA 18 3.52 20.11 3.50
CA LEU GA 18 3.69 21.38 2.80
C LEU GA 18 4.55 21.30 1.53
N PRO GA 19 5.72 20.64 1.52
CA PRO GA 19 6.53 20.66 0.30
C PRO GA 19 5.84 20.10 -0.94
N LEU GA 20 5.02 19.05 -0.80
CA LEU GA 20 4.31 18.51 -1.96
C LEU GA 20 3.28 19.51 -2.48
N VAL GA 21 2.59 20.19 -1.58
CA VAL GA 21 1.62 21.21 -1.99
C VAL GA 21 2.32 22.35 -2.71
N VAL GA 22 3.48 22.76 -2.21
CA VAL GA 22 4.24 23.82 -2.88
C VAL GA 22 4.71 23.34 -4.25
N SER GA 23 5.07 22.05 -4.37
CA SER GA 23 5.45 21.51 -5.67
C SER GA 23 4.30 21.57 -6.67
N LEU GA 24 3.10 21.19 -6.23
CA LEU GA 24 1.93 21.27 -7.11
C LEU GA 24 1.62 22.71 -7.51
N ALA GA 25 1.68 23.63 -6.54
CA ALA GA 25 1.40 25.03 -6.84
C ALA GA 25 2.45 25.63 -7.77
N TYR GA 26 3.72 25.27 -7.59
CA TYR GA 26 4.78 25.71 -8.48
C TYR GA 26 4.55 25.21 -9.90
N THR GA 27 4.17 23.94 -10.04
CA THR GA 27 3.89 23.39 -11.36
C THR GA 27 2.72 24.11 -12.02
N TRP GA 28 1.67 24.42 -11.25
CA TRP GA 28 0.53 25.12 -11.82
C TRP GA 28 0.89 26.54 -12.24
N VAL GA 29 1.65 27.25 -11.41
CA VAL GA 29 1.96 28.66 -11.68
C VAL GA 29 2.93 28.79 -12.85
N THR GA 30 3.92 27.91 -12.93
CA THR GA 30 5.00 28.09 -13.91
C THR GA 30 4.63 27.56 -15.28
N ASN GA 31 3.46 26.95 -15.45
CA ASN GA 31 3.02 26.40 -16.73
C ASN GA 31 1.67 26.99 -17.08
N PRO GA 32 1.62 28.25 -17.53
CA PRO GA 32 0.36 28.90 -17.90
C PRO GA 32 -0.16 28.42 -19.25
N SER HA 12 18.23 -30.78 18.85
CA SER HA 12 19.03 -30.18 17.78
C SER HA 12 18.85 -28.67 17.74
N PRO HA 13 19.95 -27.95 17.59
CA PRO HA 13 19.88 -26.50 17.43
C PRO HA 13 19.62 -26.06 16.00
N TRP HA 14 19.18 -26.99 15.14
CA TRP HA 14 19.12 -26.69 13.73
C TRP HA 14 17.68 -26.45 13.27
N PRO HA 15 17.48 -25.58 12.29
CA PRO HA 15 16.15 -25.45 11.69
C PRO HA 15 15.76 -26.70 10.92
N VAL HA 16 14.50 -26.70 10.44
CA VAL HA 16 14.05 -27.77 9.58
C VAL HA 16 14.47 -27.51 8.14
N TRP HA 17 14.46 -28.57 7.33
CA TRP HA 17 14.96 -28.47 5.96
C TRP HA 17 14.17 -27.45 5.14
N SER HA 18 12.86 -27.35 5.38
CA SER HA 18 12.06 -26.34 4.70
C SER HA 18 12.42 -24.94 5.17
N GLY HA 19 13.05 -24.82 6.34
CA GLY HA 19 13.58 -23.53 6.74
C GLY HA 19 14.70 -23.06 5.84
N TYR HA 20 15.55 -23.98 5.40
CA TYR HA 20 16.59 -23.64 4.44
C TYR HA 20 16.01 -23.43 3.05
N ALA HA 21 15.05 -24.28 2.66
CA ALA HA 21 14.50 -24.20 1.31
C ALA HA 21 13.65 -22.95 1.10
N LEU HA 22 12.91 -22.52 2.13
CA LEU HA 22 11.94 -21.44 1.97
C LEU HA 22 12.42 -20.09 2.47
N CYS HA 23 13.44 -20.03 3.33
CA CYS HA 23 13.84 -18.77 3.95
C CYS HA 23 15.24 -18.34 3.56
N PHE HA 24 16.26 -19.19 3.76
CA PHE HA 24 17.63 -18.72 3.68
C PHE HA 24 18.17 -18.74 2.26
N VAL HA 25 17.80 -19.75 1.46
CA VAL HA 25 18.20 -19.76 0.05
C VAL HA 25 17.59 -18.60 -0.72
N PRO HA 26 16.29 -18.28 -0.61
CA PRO HA 26 15.79 -17.06 -1.25
C PRO HA 26 16.45 -15.79 -0.76
N LEU HA 27 16.80 -15.70 0.52
CA LEU HA 27 17.47 -14.53 1.04
C LEU HA 27 18.85 -14.34 0.40
N ALA HA 28 19.65 -15.42 0.37
CA ALA HA 28 20.95 -15.34 -0.26
C ALA HA 28 20.82 -15.04 -1.76
N ALA HA 29 19.83 -15.64 -2.42
CA ALA HA 29 19.63 -15.39 -3.84
C ALA HA 29 19.29 -13.93 -4.10
N VAL HA 30 18.43 -13.34 -3.26
CA VAL HA 30 18.06 -11.94 -3.44
C VAL HA 30 19.28 -11.04 -3.27
N ILE HA 31 20.06 -11.27 -2.21
CA ILE HA 31 21.22 -10.42 -1.95
C ILE HA 31 22.24 -10.53 -3.09
N LEU HA 32 22.56 -11.75 -3.48
CA LEU HA 32 23.54 -11.96 -4.54
C LEU HA 32 23.07 -11.39 -5.88
N GLY HA 33 21.80 -11.61 -6.21
CA GLY HA 33 21.27 -11.08 -7.44
C GLY HA 33 21.25 -9.57 -7.47
N PHE HA 34 20.96 -8.94 -6.34
CA PHE HA 34 21.02 -7.48 -6.29
C PHE HA 34 22.44 -6.99 -6.53
N ILE HA 35 23.43 -7.63 -5.89
CA ILE HA 35 24.82 -7.21 -6.09
C ILE HA 35 25.23 -7.35 -7.55
N ILE HA 36 24.89 -8.48 -8.17
CA ILE HA 36 25.31 -8.74 -9.54
C ILE HA 36 24.61 -7.80 -10.51
N ALA HA 37 23.31 -7.59 -10.33
CA ALA HA 37 22.58 -6.67 -11.20
C ALA HA 37 23.10 -5.25 -11.08
N ALA HA 38 23.44 -4.81 -9.86
CA ALA HA 38 24.01 -3.49 -9.67
C ALA HA 38 25.37 -3.37 -10.35
N ARG HA 39 26.20 -4.40 -10.25
CA ARG HA 39 27.51 -4.38 -10.89
C ARG HA 39 27.37 -4.24 -12.41
N PHE HA 40 26.47 -5.01 -13.01
CA PHE HA 40 26.32 -4.94 -14.46
C PHE HA 40 25.67 -3.64 -14.92
N THR HA 41 24.72 -3.12 -14.14
CA THR HA 41 24.11 -1.83 -14.44
C THR HA 41 25.15 -0.72 -14.44
N ASP HA 42 26.01 -0.70 -13.43
CA ASP HA 42 27.02 0.35 -13.34
C ASP HA 42 28.08 0.18 -14.42
N LYS HA 43 28.42 -1.07 -14.75
CA LYS HA 43 29.38 -1.29 -15.84
C LYS HA 43 28.82 -0.77 -17.17
N GLN HA 44 27.54 -1.01 -17.43
CA GLN HA 44 26.94 -0.52 -18.67
C GLN HA 44 26.85 1.00 -18.68
N ALA HA 45 26.50 1.61 -17.56
CA ALA HA 45 26.20 3.04 -17.55
C ALA HA 45 27.45 3.92 -17.67
N THR HA 46 28.60 3.47 -17.17
CA THR HA 46 29.81 4.28 -17.16
C THR HA 46 30.77 3.96 -18.30
N SER HA 47 30.27 3.44 -19.41
CA SER HA 47 31.12 3.12 -20.55
C SER HA 47 31.13 4.30 -21.53
N ALA HA 48 31.76 4.12 -22.69
CA ALA HA 48 31.90 5.16 -23.70
C ALA HA 48 30.91 4.92 -24.82
N TYR HA 49 30.03 5.88 -25.06
CA TYR HA 49 29.06 5.81 -26.12
C TYR HA 49 28.67 7.23 -26.52
N LEU HA 50 27.67 7.36 -27.38
CA LEU HA 50 27.33 8.66 -27.96
C LEU HA 50 26.75 9.58 -26.90
N ARG HA 51 27.40 10.73 -26.69
CA ARG HA 51 26.93 11.75 -25.78
C ARG HA 51 27.09 13.11 -26.44
N LEU HA 52 26.27 14.07 -26.03
CA LEU HA 52 26.47 15.44 -26.45
C LEU HA 52 27.62 16.06 -25.66
N ASP HA 53 28.35 16.96 -26.32
CA ASP HA 53 29.53 17.56 -25.71
C ASP HA 53 29.10 18.49 -24.57
N PRO HA 54 29.56 18.26 -23.34
CA PRO HA 54 29.15 19.14 -22.24
C PRO HA 54 29.58 20.58 -22.43
N ALA HA 55 30.71 20.83 -23.09
CA ALA HA 55 31.19 22.20 -23.27
C ALA HA 55 30.28 22.98 -24.21
N LYS HA 56 29.92 22.39 -25.35
CA LYS HA 56 29.04 23.09 -26.29
C LYS HA 56 27.60 23.11 -25.79
N ALA HA 57 27.10 21.99 -25.28
CA ALA HA 57 25.68 21.88 -24.95
C ALA HA 57 25.28 22.78 -23.78
N ASN HA 58 26.22 23.16 -22.93
CA ASN HA 58 25.92 24.01 -21.80
C ASN HA 58 26.19 25.48 -22.12
N THR IA 13 17.53 41.25 3.04
CA THR IA 13 18.06 42.05 4.14
C THR IA 13 17.93 43.54 3.83
N ASN IA 14 18.44 43.94 2.67
CA ASN IA 14 18.38 45.33 2.25
C ASN IA 14 17.09 45.66 1.51
N THR IA 15 16.58 44.74 0.71
CA THR IA 15 15.32 44.94 0.01
C THR IA 15 14.14 44.80 0.98
N VAL IA 16 12.97 45.22 0.52
CA VAL IA 16 11.77 45.06 1.32
C VAL IA 16 11.28 43.62 1.28
N ARG IA 17 11.63 42.87 0.23
CA ARG IA 17 11.13 41.52 0.07
C ARG IA 17 11.61 40.62 1.20
N GLY IA 18 12.90 40.65 1.51
CA GLY IA 18 13.43 39.79 2.55
C GLY IA 18 12.91 40.13 3.94
N ARG IA 19 12.83 41.44 4.24
CA ARG IA 19 12.26 41.87 5.51
C ARG IA 19 10.81 41.41 5.63
N PHE IA 20 10.04 41.53 4.54
CA PHE IA 20 8.66 41.07 4.57
C PHE IA 20 8.59 39.57 4.80
N TYR IA 21 9.47 38.80 4.15
CA TYR IA 21 9.46 37.35 4.32
C TYR IA 21 9.74 36.96 5.76
N ILE IA 22 10.74 37.61 6.37
CA ILE IA 22 11.08 37.31 7.76
C ILE IA 22 9.92 37.67 8.69
N VAL IA 23 9.35 38.85 8.50
CA VAL IA 23 8.25 39.29 9.36
C VAL IA 23 7.03 38.40 9.18
N ALA IA 24 6.74 38.01 7.94
CA ALA IA 24 5.61 37.11 7.69
C ALA IA 24 5.81 35.77 8.36
N GLY IA 25 7.03 35.21 8.29
CA GLY IA 25 7.28 33.95 8.94
C GLY IA 25 7.10 34.01 10.44
N ILE IA 26 7.67 35.05 11.07
CA ILE IA 26 7.55 35.15 12.52
C ILE IA 26 6.09 35.40 12.93
N ILE IA 27 5.37 36.23 12.15
CA ILE IA 27 3.97 36.50 12.46
C ILE IA 27 3.15 35.22 12.34
N SER IA 28 3.38 34.42 11.29
CA SER IA 28 2.62 33.20 11.12
C SER IA 28 2.87 32.22 12.27
N VAL IA 29 4.13 32.07 12.67
CA VAL IA 29 4.44 31.13 13.75
C VAL IA 29 3.78 31.59 15.06
N VAL IA 30 3.93 32.88 15.38
CA VAL IA 30 3.38 33.36 16.65
C VAL IA 30 1.85 33.31 16.63
N MET IA 31 1.24 33.60 15.47
CA MET IA 31 -0.21 33.51 15.38
C MET IA 31 -0.70 32.09 15.57
N ALA IA 32 0.00 31.11 14.99
CA ALA IA 32 -0.41 29.72 15.18
C ALA IA 32 -0.33 29.32 16.65
N VAL IA 33 0.81 29.61 17.30
CA VAL IA 33 0.95 29.18 18.69
C VAL IA 33 -0.04 29.92 19.59
N ALA IA 34 -0.29 31.20 19.31
CA ALA IA 34 -1.23 31.96 20.13
C ALA IA 34 -2.66 31.49 19.91
N SER IA 35 -3.01 31.11 18.68
CA SER IA 35 -4.33 30.56 18.42
C SER IA 35 -4.55 29.29 19.22
N ILE IA 36 -3.56 28.39 19.21
CA ILE IA 36 -3.70 27.16 20.01
C ILE IA 36 -3.80 27.50 21.50
N ALA IA 37 -3.00 28.46 21.96
CA ALA IA 37 -2.99 28.82 23.37
C ALA IA 37 -4.36 29.35 23.82
N ILE IA 38 -4.92 30.28 23.05
CA ILE IA 38 -6.21 30.87 23.44
C ILE IA 38 -7.32 29.84 23.31
N PHE IA 39 -7.27 28.98 22.29
CA PHE IA 39 -8.25 27.90 22.19
C PHE IA 39 -8.26 27.06 23.46
N TRP IA 40 -7.08 26.64 23.91
CA TRP IA 40 -7.06 25.74 25.07
C TRP IA 40 -7.33 26.47 26.38
N TRP IA 41 -6.99 27.76 26.46
CA TRP IA 41 -7.39 28.54 27.63
C TRP IA 41 -8.91 28.61 27.75
N ILE IA 42 -9.60 28.96 26.65
CA ILE IA 42 -11.05 29.01 26.68
C ILE IA 42 -11.63 27.63 27.00
N PHE IA 43 -11.10 26.59 26.35
CA PHE IA 43 -11.61 25.24 26.57
C PHE IA 43 -11.54 24.85 28.04
N TYR IA 44 -10.36 25.00 28.66
CA TYR IA 44 -10.23 24.60 30.05
C TYR IA 44 -10.96 25.55 31.00
N THR IA 45 -11.24 26.78 30.57
CA THR IA 45 -12.00 27.69 31.42
C THR IA 45 -13.47 27.30 31.50
N ILE IA 46 -14.10 26.99 30.37
CA ILE IA 46 -15.55 26.81 30.41
C ILE IA 46 -15.96 25.35 30.57
N THR IA 47 -15.10 24.42 30.19
CA THR IA 47 -15.48 23.01 30.21
C THR IA 47 -15.42 22.45 31.63
N PRO IA 48 -16.51 21.87 32.12
CA PRO IA 48 -16.49 21.32 33.48
C PRO IA 48 -15.64 20.06 33.58
N ALA IA 49 -15.11 19.83 34.77
CA ALA IA 49 -14.33 18.63 35.02
C ALA IA 49 -15.25 17.41 35.11
N PRO IA 50 -14.79 16.25 34.66
CA PRO IA 50 -15.63 15.05 34.71
C PRO IA 50 -15.94 14.62 36.14
N ALA IA 51 -17.09 14.00 36.30
CA ALA IA 51 -17.53 13.55 37.62
C ALA IA 51 -16.78 12.29 38.03
N PRO IA 52 -16.32 12.20 39.27
CA PRO IA 52 -15.66 10.98 39.71
C PRO IA 52 -16.66 9.84 39.83
N PRO IA 53 -16.21 8.60 39.66
CA PRO IA 53 -17.13 7.46 39.72
C PRO IA 53 -17.68 7.26 41.14
N LEU IA 54 -18.75 6.48 41.22
CA LEU IA 54 -19.48 6.32 42.47
C LEU IA 54 -18.60 5.69 43.54
N GLN IA 55 -18.84 6.09 44.79
CA GLN IA 55 -18.17 5.53 45.96
C GLN IA 55 -19.15 4.77 46.84
N ASN IA 56 -20.11 4.09 46.22
CA ASN IA 56 -21.07 3.30 46.97
C ASN IA 56 -20.34 2.14 47.68
N PRO IA 57 -20.67 1.87 48.93
CA PRO IA 57 -20.03 0.76 49.65
C PRO IA 57 -20.50 -0.63 49.25
N ILE IA 58 -21.47 -0.74 48.33
CA ILE IA 58 -21.99 -2.04 47.89
C ILE IA 58 -21.58 -2.33 46.45
N TYR IA 59 -21.87 -1.42 45.54
CA TYR IA 59 -21.73 -1.67 44.12
C TYR IA 59 -20.44 -1.09 43.58
N VAL IA 60 -19.99 -1.65 42.46
CA VAL IA 60 -18.77 -1.18 41.82
C VAL IA 60 -18.96 0.23 41.25
N ASN IA 61 -19.90 0.38 40.32
CA ASN IA 61 -20.19 1.67 39.68
C ASN IA 61 -21.68 1.88 39.53
N TYR IA 62 -22.46 1.55 40.56
CA TYR IA 62 -23.90 1.64 40.51
C TYR IA 62 -24.41 2.19 41.84
N THR IA 63 -25.49 2.96 41.81
CA THR IA 63 -26.15 3.51 43.03
C THR IA 63 -27.66 3.21 43.06
N GLN IA 64 -28.16 2.83 44.24
CA GLN IA 64 -29.58 2.58 44.53
C GLN IA 64 -30.35 3.90 44.73
N GLU IA 65 -29.65 4.99 45.07
CA GLU IA 65 -30.20 6.26 45.58
C GLU IA 65 -30.33 7.28 44.45
N PRO IA 66 -31.39 8.12 44.35
CA PRO IA 66 -32.39 8.36 45.40
C PRO IA 66 -33.52 7.31 45.52
N THR IA 67 -33.93 6.99 46.74
CA THR IA 67 -34.84 5.85 46.99
C THR IA 67 -36.30 6.33 46.95
N ASP IA 68 -36.64 7.07 45.89
CA ASP IA 68 -37.89 7.85 45.74
C ASP IA 68 -39.01 6.94 45.29
N TYR IA 69 -38.65 5.79 44.70
CA TYR IA 69 -39.58 4.76 44.27
C TYR IA 69 -40.17 3.97 45.43
N ILE IA 70 -39.72 4.21 46.65
CA ILE IA 70 -40.27 3.59 47.86
C ILE IA 70 -41.08 4.62 48.60
N SER IA 71 -42.38 4.36 48.77
CA SER IA 71 -43.27 5.32 49.37
C SER IA 71 -43.09 5.36 50.89
N ALA IA 72 -43.83 6.27 51.54
CA ALA IA 72 -43.75 6.42 52.99
C ALA IA 72 -44.49 5.31 53.72
N GLU IA 73 -45.63 4.87 53.19
CA GLU IA 73 -46.38 3.80 53.82
C GLU IA 73 -45.59 2.50 53.81
N SER IA 74 -44.81 2.26 52.75
CA SER IA 74 -43.97 1.07 52.70
C SER IA 74 -42.94 1.08 53.82
N LEU IA 75 -42.28 2.23 54.04
CA LEU IA 75 -41.29 2.33 55.10
C LEU IA 75 -41.95 2.18 56.48
N ALA IA 76 -43.12 2.78 56.65
CA ALA IA 76 -43.82 2.66 57.93
C ALA IA 76 -44.20 1.22 58.22
N ALA IA 77 -44.71 0.50 57.22
CA ALA IA 77 -45.03 -0.91 57.40
C ALA IA 77 -43.78 -1.74 57.67
N MET IA 78 -42.67 -1.41 57.00
CA MET IA 78 -41.42 -2.12 57.25
C MET IA 78 -40.97 -1.95 58.70
N ASN IA 79 -41.03 -0.72 59.20
CA ASN IA 79 -40.63 -0.47 60.58
C ASN IA 79 -41.55 -1.18 61.56
N ALA IA 80 -42.86 -1.16 61.30
CA ALA IA 80 -43.80 -1.85 62.17
C ALA IA 80 -43.53 -3.35 62.18
N TYR IA 81 -43.27 -3.94 61.01
CA TYR IA 81 -42.99 -5.37 60.95
C TYR IA 81 -41.70 -5.72 61.66
N ILE IA 82 -40.67 -4.90 61.51
CA ILE IA 82 -39.42 -5.14 62.23
C ILE IA 82 -39.63 -5.07 63.73
N GLN IA 83 -40.41 -4.09 64.19
CA GLN IA 83 -40.69 -3.96 65.62
C GLN IA 83 -41.47 -5.15 66.15
N ALA IA 84 -42.44 -5.65 65.37
CA ALA IA 84 -43.30 -6.73 65.83
C ALA IA 84 -42.75 -8.12 65.56
N ASN IA 85 -41.66 -8.25 64.80
CA ASN IA 85 -41.10 -9.55 64.45
C ASN IA 85 -39.59 -9.48 64.44
N PRO IA 86 -38.86 -9.74 65.57
CA PRO IA 86 -37.40 -9.74 65.55
C PRO IA 86 -36.81 -10.77 64.58
N GLN IA 87 -37.52 -11.86 64.30
CA GLN IA 87 -36.98 -12.90 63.44
C GLN IA 87 -37.91 -13.14 62.25
N PRO IA 88 -37.37 -13.60 61.12
CA PRO IA 88 -38.23 -13.88 59.97
C PRO IA 88 -39.22 -14.99 60.25
N GLN IA 89 -40.39 -14.91 59.60
CA GLN IA 89 -41.50 -15.80 59.88
C GLN IA 89 -41.66 -16.90 58.83
N ALA IA 90 -41.41 -16.61 57.56
CA ALA IA 90 -41.50 -17.63 56.51
C ALA IA 90 -40.44 -17.33 55.45
N VAL IA 91 -39.27 -17.94 55.61
CA VAL IA 91 -38.16 -17.80 54.67
C VAL IA 91 -37.69 -19.18 54.27
N GLN IA 92 -37.50 -19.39 52.96
CA GLN IA 92 -37.02 -20.66 52.44
C GLN IA 92 -35.63 -20.58 51.85
N VAL IA 93 -35.11 -19.38 51.58
CA VAL IA 93 -33.77 -19.20 51.02
C VAL IA 93 -32.86 -18.42 51.95
N LEU IA 94 -33.30 -17.24 52.40
CA LEU IA 94 -32.47 -16.35 53.20
C LEU IA 94 -32.44 -16.87 54.63
N LYS IA 95 -31.39 -17.60 54.97
CA LYS IA 95 -31.24 -18.22 56.27
C LYS IA 95 -30.16 -17.52 57.08
N GLY IA 96 -30.27 -17.62 58.39
CA GLY IA 96 -29.31 -16.99 59.29
C GLY IA 96 -29.32 -15.49 59.27
N MET IA 97 -30.47 -14.87 59.05
CA MET IA 97 -30.61 -13.42 59.06
C MET IA 97 -31.83 -13.02 59.86
N THR IA 98 -31.70 -11.94 60.62
CA THR IA 98 -32.82 -11.39 61.36
C THR IA 98 -33.68 -10.53 60.43
N THR IA 99 -34.83 -10.10 60.93
CA THR IA 99 -35.73 -9.28 60.11
C THR IA 99 -35.07 -7.96 59.73
N ALA IA 100 -34.26 -7.39 60.63
CA ALA IA 100 -33.58 -6.15 60.31
C ALA IA 100 -32.61 -6.33 59.14
N GLN IA 101 -31.83 -7.40 59.16
CA GLN IA 101 -30.87 -7.65 58.08
C GLN IA 101 -31.59 -7.98 56.77
N ILE IA 102 -32.68 -8.78 56.85
CA ILE IA 102 -33.44 -9.10 55.66
C ILE IA 102 -34.03 -7.83 55.05
N SER IA 103 -34.56 -6.94 55.88
CA SER IA 103 -35.15 -5.70 55.37
C SER IA 103 -34.08 -4.78 54.79
N ALA IA 104 -32.91 -4.73 55.40
CA ALA IA 104 -31.82 -3.93 54.83
C ALA IA 104 -31.41 -4.47 53.47
N TYR IA 105 -31.32 -5.79 53.33
CA TYR IA 105 -31.02 -6.40 52.04
C TYR IA 105 -32.12 -6.12 51.02
N MET IA 106 -33.37 -6.14 51.46
CA MET IA 106 -34.50 -5.94 50.53
C MET IA 106 -34.63 -4.48 50.17
N VAL IA 107 -34.03 -3.56 50.93
CA VAL IA 107 -34.04 -2.16 50.53
C VAL IA 107 -32.86 -1.82 49.63
N ALA IA 108 -31.65 -2.26 50.02
CA ALA IA 108 -30.45 -1.87 49.28
C ALA IA 108 -30.33 -2.61 47.95
N GLN IA 109 -30.59 -3.92 47.94
CA GLN IA 109 -30.27 -4.76 46.79
C GLN IA 109 -31.49 -5.25 46.03
N VAL IA 110 -32.46 -5.85 46.71
CA VAL IA 110 -33.77 -6.05 46.09
C VAL IA 110 -34.47 -4.71 46.09
N SER IA 111 -35.30 -4.46 45.08
CA SER IA 111 -36.07 -3.22 45.00
C SER IA 111 -35.17 -1.99 44.87
N GLY IA 112 -33.86 -2.19 44.88
CA GLY IA 112 -32.90 -1.14 44.63
C GLY IA 112 -32.06 -1.53 43.43
N GLY IA 113 -32.12 -2.81 43.07
CA GLY IA 113 -31.53 -3.30 41.85
C GLY IA 113 -32.57 -3.38 40.76
N LEU IA 114 -33.85 -3.34 41.14
CA LEU IA 114 -34.96 -3.25 40.19
C LEU IA 114 -35.63 -1.89 40.21
N LYS IA 115 -35.39 -1.08 41.23
CA LYS IA 115 -35.97 0.27 41.37
C LYS IA 115 -37.49 0.23 41.36
N VAL IA 116 -38.05 -0.64 42.20
CA VAL IA 116 -39.50 -0.78 42.33
C VAL IA 116 -39.87 -0.59 43.79
N ASP IA 117 -41.15 -0.65 44.10
CA ASP IA 117 -41.64 -0.48 45.46
C ASP IA 117 -41.83 -1.83 46.13
N CYS IA 118 -41.91 -1.82 47.47
CA CYS IA 118 -42.10 -3.04 48.23
C CYS IA 118 -43.38 -3.76 47.85
N SER IA 119 -44.38 -3.04 47.33
CA SER IA 119 -45.64 -3.61 46.92
C SER IA 119 -45.59 -4.25 45.54
N TYR IA 120 -44.44 -4.17 44.86
CA TYR IA 120 -44.29 -4.86 43.58
C TYR IA 120 -44.40 -6.36 43.75
N CYS IA 121 -43.82 -6.89 44.83
CA CYS IA 121 -43.83 -8.32 45.10
C CYS IA 121 -44.57 -8.70 46.38
N HIS IA 122 -44.61 -7.82 47.37
CA HIS IA 122 -45.12 -8.15 48.69
C HIS IA 122 -46.54 -7.61 48.88
N ASN IA 123 -47.15 -8.02 49.99
CA ASN IA 123 -48.37 -7.42 50.51
C ASN IA 123 -47.99 -6.61 51.73
N ILE IA 124 -48.26 -5.31 51.68
CA ILE IA 124 -47.75 -4.39 52.70
C ILE IA 124 -48.30 -4.73 54.07
N ALA IA 125 -49.56 -5.14 54.15
CA ALA IA 125 -50.17 -5.44 55.45
C ALA IA 125 -49.46 -6.58 56.16
N ASN IA 126 -49.04 -7.59 55.41
CA ASN IA 126 -48.35 -8.75 55.97
C ASN IA 126 -47.23 -9.16 55.02
N PHE IA 127 -45.98 -8.93 55.43
CA PHE IA 127 -44.85 -9.28 54.58
C PHE IA 127 -44.61 -10.78 54.49
N ALA IA 128 -45.20 -11.56 55.38
CA ALA IA 128 -45.04 -13.01 55.36
C ALA IA 128 -46.11 -13.73 54.55
N GLN IA 129 -47.07 -13.00 53.99
CA GLN IA 129 -48.14 -13.62 53.23
C GLN IA 129 -47.62 -14.15 51.90
N GLN IA 130 -48.12 -15.33 51.51
CA GLN IA 130 -47.64 -16.02 50.31
C GLN IA 130 -48.59 -15.91 49.13
N ASP IA 131 -49.90 -15.98 49.36
CA ASP IA 131 -50.86 -15.89 48.27
C ASP IA 131 -52.16 -15.28 48.79
N GLY IA 132 -52.95 -14.77 47.86
CA GLY IA 132 -54.18 -14.08 48.21
C GLY IA 132 -54.25 -12.68 47.64
N TYR IA 133 -53.15 -12.24 47.04
CA TYR IA 133 -53.01 -10.93 46.43
C TYR IA 133 -52.48 -11.11 45.01
N PRO IA 134 -52.74 -10.16 44.12
CA PRO IA 134 -52.44 -10.37 42.70
C PRO IA 134 -50.98 -10.24 42.32
N ASN IA 135 -50.04 -10.22 43.26
CA ASN IA 135 -48.63 -10.09 42.94
C ASN IA 135 -47.79 -11.21 43.53
N ALA IA 136 -48.35 -12.41 43.65
CA ALA IA 136 -47.61 -13.53 44.21
C ALA IA 136 -46.63 -14.13 43.22
N ALA IA 137 -46.96 -14.10 41.93
CA ALA IA 137 -46.06 -14.65 40.91
C ALA IA 137 -44.74 -13.88 40.88
N LYS IA 138 -44.78 -12.57 41.14
CA LYS IA 138 -43.55 -11.80 41.23
C LYS IA 138 -42.66 -12.31 42.35
N LYS IA 139 -43.24 -12.61 43.50
CA LYS IA 139 -42.46 -13.11 44.63
C LYS IA 139 -41.89 -14.50 44.34
N VAL IA 140 -42.67 -15.34 43.65
CA VAL IA 140 -42.16 -16.66 43.26
C VAL IA 140 -40.95 -16.52 42.34
N THR IA 141 -41.08 -15.67 41.31
CA THR IA 141 -39.96 -15.47 40.39
C THR IA 141 -38.77 -14.86 41.09
N ALA IA 142 -39.00 -13.99 42.08
CA ALA IA 142 -37.90 -13.40 42.82
C ALA IA 142 -37.13 -14.46 43.62
N ARG IA 143 -37.85 -15.38 44.26
CA ARG IA 143 -37.17 -16.44 44.99
C ARG IA 143 -36.36 -17.33 44.04
N LYS IA 144 -36.92 -17.65 42.88
CA LYS IA 144 -36.17 -18.43 41.90
C LYS IA 144 -34.93 -17.70 41.41
N MET IA 145 -34.99 -16.38 41.30
CA MET IA 145 -33.85 -15.57 40.84
C MET IA 145 -32.81 -15.44 41.94
N MET IA 146 -33.20 -15.53 43.22
CA MET IA 146 -32.23 -15.64 44.31
C MET IA 146 -31.48 -16.96 44.24
N LEU IA 147 -32.21 -18.05 44.01
CA LEU IA 147 -31.54 -19.36 43.90
C LEU IA 147 -30.59 -19.40 42.71
N MET IA 148 -31.01 -18.82 41.57
CA MET IA 148 -30.14 -18.77 40.41
C MET IA 148 -28.87 -17.99 40.69
N SER IA 149 -28.98 -16.83 41.36
CA SER IA 149 -27.79 -16.04 41.66
C SER IA 149 -26.85 -16.80 42.59
N ALA IA 150 -27.41 -17.47 43.60
CA ALA IA 150 -26.59 -18.29 44.49
C ALA IA 150 -25.81 -19.33 43.70
N ASP IA 151 -26.49 -20.08 42.83
CA ASP IA 151 -25.81 -21.10 42.03
C ASP IA 151 -24.74 -20.48 41.13
N LEU IA 152 -25.07 -19.37 40.48
CA LEU IA 152 -24.18 -18.74 39.50
C LEU IA 152 -22.88 -18.32 40.15
N ASN IA 153 -22.95 -17.56 41.24
CA ASN IA 153 -21.69 -17.13 41.84
C ASN IA 153 -21.14 -18.14 42.85
N GLN IA 154 -21.81 -19.27 43.04
CA GLN IA 154 -21.25 -20.33 43.86
C GLN IA 154 -20.37 -21.29 43.07
N ASN IA 155 -20.71 -21.60 41.82
CA ASN IA 155 -19.84 -22.50 41.08
C ASN IA 155 -19.41 -21.96 39.72
N TYR IA 156 -19.46 -20.65 39.51
CA TYR IA 156 -18.84 -20.14 38.29
C TYR IA 156 -17.88 -18.97 38.52
N THR IA 157 -18.21 -18.06 39.42
CA THR IA 157 -17.28 -16.98 39.73
C THR IA 157 -16.35 -17.32 40.89
N ALA IA 158 -16.57 -18.46 41.54
CA ALA IA 158 -15.64 -18.95 42.55
C ALA IA 158 -14.44 -19.67 41.93
N LYS IA 159 -14.44 -19.89 40.61
CA LYS IA 159 -13.32 -20.49 39.92
C LYS IA 159 -12.29 -19.47 39.46
N LEU IA 160 -12.61 -18.19 39.49
CA LEU IA 160 -11.65 -17.17 39.11
C LEU IA 160 -10.69 -16.90 40.26
N PRO IA 161 -9.47 -16.46 39.96
CA PRO IA 161 -8.50 -16.18 41.02
C PRO IA 161 -8.90 -14.96 41.85
N ALA IA 162 -8.12 -14.72 42.89
CA ALA IA 162 -8.36 -13.58 43.77
C ALA IA 162 -7.85 -12.27 43.20
N SER IA 163 -7.12 -12.34 42.09
CA SER IA 163 -6.48 -11.15 41.47
C SER IA 163 -7.50 -10.35 40.66
N VAL IA 164 -8.71 -10.87 40.52
CA VAL IA 164 -9.78 -10.19 39.74
C VAL IA 164 -10.55 -9.29 40.71
N GLY IA 165 -10.66 -9.68 41.98
CA GLY IA 165 -11.27 -8.78 42.97
C GLY IA 165 -12.25 -9.43 43.91
N GLY IA 166 -12.86 -10.54 43.52
CA GLY IA 166 -13.88 -11.21 44.31
C GLY IA 166 -15.23 -10.53 44.36
N TYR IA 167 -15.72 -10.03 43.23
CA TYR IA 167 -17.04 -9.41 43.18
C TYR IA 167 -18.12 -10.45 42.99
N GLN IA 168 -19.33 -10.10 43.42
CA GLN IA 168 -20.45 -11.03 43.46
C GLN IA 168 -21.53 -10.62 42.47
N ILE IA 169 -22.32 -11.60 42.05
CA ILE IA 169 -23.47 -11.38 41.19
C ILE IA 169 -24.68 -11.13 42.07
N THR IA 170 -25.33 -9.98 41.88
CA THR IA 170 -26.52 -9.64 42.65
C THR IA 170 -27.64 -9.24 41.71
N CYS IA 171 -28.73 -8.70 42.26
CA CYS IA 171 -29.89 -8.34 41.45
C CYS IA 171 -29.59 -7.20 40.50
N ALA IA 172 -28.79 -6.21 40.93
CA ALA IA 172 -28.51 -5.05 40.08
C ALA IA 172 -27.69 -5.41 38.87
N THR IA 173 -26.85 -6.44 38.95
CA THR IA 173 -26.31 -7.08 37.76
C THR IA 173 -27.47 -7.73 37.01
N CYS IA 174 -27.43 -7.63 35.69
CA CYS IA 174 -28.47 -8.17 34.80
C CYS IA 174 -29.75 -7.36 34.82
N HIS IA 175 -29.87 -6.36 35.71
CA HIS IA 175 -31.07 -5.54 35.77
C HIS IA 175 -30.78 -4.06 35.61
N ASN IA 176 -29.80 -3.54 36.33
CA ASN IA 176 -29.34 -2.15 36.18
C ASN IA 176 -30.48 -1.16 36.42
N GLY IA 177 -31.34 -1.46 37.38
CA GLY IA 177 -32.40 -0.56 37.75
C GLY IA 177 -33.67 -0.64 36.96
N LYS IA 178 -33.94 -1.78 36.32
CA LYS IA 178 -35.19 -2.00 35.60
C LYS IA 178 -35.75 -3.36 35.98
N ALA IA 179 -37.07 -3.45 36.04
CA ALA IA 179 -37.71 -4.71 36.41
C ALA IA 179 -37.96 -5.60 35.19
N ALA IA 180 -38.66 -5.08 34.20
CA ALA IA 180 -38.91 -5.78 32.96
C ALA IA 180 -38.41 -4.94 31.78
N GLY IA 181 -38.52 -5.51 30.59
CA GLY IA 181 -38.02 -4.83 29.41
C GLY IA 181 -36.51 -4.85 29.26
N LEU IA 182 -35.84 -5.88 29.78
CA LEU IA 182 -34.36 -5.93 29.71
C LEU IA 182 -33.92 -6.29 28.28
N GLU IA 183 -32.90 -5.63 27.76
CA GLU IA 183 -32.42 -5.84 26.36
C GLU IA 183 -30.99 -6.41 26.37
N PRO IA 184 -30.81 -7.73 26.18
CA PRO IA 184 -29.47 -8.32 26.14
C PRO IA 184 -28.63 -7.86 24.94
N TYR IA 185 -29.28 -7.60 23.81
CA TYR IA 185 -28.69 -7.22 22.50
C TYR IA 185 -29.35 -5.93 22.00
N PRO IA 186 -29.10 -4.75 22.62
CA PRO IA 186 -29.56 -3.45 22.09
C PRO IA 186 -29.09 -3.11 20.66
N ILE IA 187 -29.71 -2.14 19.99
CA ILE IA 187 -29.38 -1.78 18.57
C ILE IA 187 -28.10 -0.95 18.55
N GLU IA 188 -27.74 -0.42 19.70
CA GLU IA 188 -26.54 0.41 19.79
C GLU IA 188 -25.27 -0.41 19.66
N ILE IA 189 -25.32 -1.71 19.96
CA ILE IA 189 -24.13 -2.56 19.92
C ILE IA 189 -24.07 -3.41 18.67
N MET IA 190 -24.95 -3.19 17.71
CA MET IA 190 -24.98 -3.94 16.45
C MET IA 190 -24.38 -3.13 15.31
N ASN IA 191 -23.32 -2.36 15.58
CA ASN IA 191 -22.89 -1.32 14.67
C ASN IA 191 -22.28 -1.90 13.40
N THR IA 192 -21.47 -2.94 13.51
CA THR IA 192 -20.82 -3.52 12.34
C THR IA 192 -21.32 -4.92 12.02
N LEU IA 193 -22.34 -5.37 12.70
CA LEU IA 193 -22.87 -6.72 12.63
C LEU IA 193 -24.27 -6.70 12.03
N PRO IA 194 -24.71 -7.82 11.45
CA PRO IA 194 -26.13 -7.94 11.10
C PRO IA 194 -27.00 -7.82 12.34
N ASN IA 195 -28.16 -7.18 12.19
CA ASN IA 195 -29.02 -6.99 13.35
C ASN IA 195 -29.90 -8.20 13.61
N ASP IA 196 -29.33 -9.38 13.52
CA ASP IA 196 -29.98 -10.59 14.00
C ASP IA 196 -28.97 -11.58 14.56
N TRP IA 197 -27.68 -11.24 14.61
CA TRP IA 197 -26.67 -12.16 15.11
C TRP IA 197 -26.80 -12.31 16.62
N ARG IA 198 -26.70 -13.56 17.07
CA ARG IA 198 -26.74 -13.87 18.49
C ARG IA 198 -25.55 -14.77 18.83
N LEU IA 199 -25.20 -14.77 20.10
CA LEU IA 199 -24.05 -15.54 20.57
C LEU IA 199 -24.31 -17.04 20.38
N PRO IA 200 -23.39 -17.77 19.75
CA PRO IA 200 -23.60 -19.21 19.49
C PRO IA 200 -23.40 -20.09 20.73
N LEU IA 201 -24.45 -20.18 21.54
CA LEU IA 201 -24.39 -20.87 22.82
C LEU IA 201 -24.72 -22.35 22.73
N GLU IA 202 -24.93 -22.88 21.54
CA GLU IA 202 -25.19 -24.31 21.37
C GLU IA 202 -23.90 -25.12 21.19
N LEU IA 203 -22.75 -24.45 21.18
CA LEU IA 203 -21.47 -25.11 20.99
C LEU IA 203 -20.86 -25.44 22.35
N ASP IA 204 -19.68 -26.07 22.32
CA ASP IA 204 -18.94 -26.42 23.52
C ASP IA 204 -17.69 -25.57 23.60
N TYR IA 205 -17.32 -25.18 24.82
CA TYR IA 205 -16.15 -24.34 25.05
C TYR IA 205 -15.24 -25.00 26.08
N PRO IA 206 -13.92 -25.07 25.83
CA PRO IA 206 -13.21 -24.55 24.65
C PRO IA 206 -13.36 -25.41 23.41
N GLY IA 207 -13.17 -24.84 22.23
CA GLY IA 207 -13.22 -25.56 20.98
C GLY IA 207 -14.33 -25.14 20.04
N GLY IA 208 -15.28 -24.33 20.51
CA GLY IA 208 -16.41 -23.98 19.67
C GLY IA 208 -16.09 -22.98 18.58
N LEU IA 209 -15.10 -22.12 18.80
CA LEU IA 209 -14.78 -21.05 17.87
C LEU IA 209 -13.30 -21.07 17.48
N VAL IA 210 -12.72 -22.26 17.34
CA VAL IA 210 -11.32 -22.41 16.97
C VAL IA 210 -11.25 -22.67 15.46
N VAL IA 211 -10.39 -21.91 14.78
CA VAL IA 211 -10.39 -21.92 13.32
C VAL IA 211 -8.98 -22.11 12.76
N THR IA 212 -7.95 -21.93 13.59
CA THR IA 212 -6.59 -21.82 13.09
C THR IA 212 -6.07 -23.17 12.62
N GLY IA 213 -5.63 -23.23 11.37
CA GLY IA 213 -4.99 -24.40 10.81
C GLY IA 213 -5.92 -25.53 10.45
N ARG IA 214 -7.23 -25.32 10.44
CA ARG IA 214 -8.20 -26.38 10.24
C ARG IA 214 -8.58 -26.46 8.78
N LYS IA 215 -8.52 -27.65 8.20
CA LYS IA 215 -8.85 -27.87 6.81
C LYS IA 215 -10.29 -28.33 6.59
N ASP IA 216 -11.07 -28.51 7.66
CA ASP IA 216 -12.50 -28.76 7.54
C ASP IA 216 -13.31 -27.50 7.79
N VAL IA 217 -12.70 -26.34 7.58
CA VAL IA 217 -13.28 -25.05 7.92
C VAL IA 217 -12.87 -24.08 6.81
N SER IA 218 -13.70 -23.06 6.59
CA SER IA 218 -13.39 -22.05 5.58
C SER IA 218 -13.79 -20.68 6.12
N ASN IA 219 -13.89 -19.71 5.21
CA ASN IA 219 -14.10 -18.31 5.60
C ASN IA 219 -15.47 -18.04 6.21
N HIS IA 220 -16.45 -18.90 5.95
CA HIS IA 220 -17.76 -18.77 6.60
C HIS IA 220 -17.63 -18.92 8.12
N GLU IA 221 -16.86 -19.92 8.55
CA GLU IA 221 -16.64 -20.14 9.98
C GLU IA 221 -15.77 -19.05 10.59
N VAL IA 222 -14.80 -18.53 9.83
CA VAL IA 222 -13.97 -17.45 10.33
C VAL IA 222 -14.80 -16.19 10.54
N GLU IA 223 -15.75 -15.92 9.63
CA GLU IA 223 -16.65 -14.79 9.82
C GLU IA 223 -17.51 -14.96 11.07
N GLN IA 224 -18.05 -16.18 11.27
CA GLN IA 224 -18.85 -16.42 12.46
C GLN IA 224 -18.03 -16.26 13.73
N ASN IA 225 -16.75 -16.63 13.68
CA ASN IA 225 -15.84 -16.41 14.81
C ASN IA 225 -15.64 -14.91 15.07
N GLN IA 226 -15.43 -14.13 14.01
CA GLN IA 226 -15.12 -12.71 14.15
C GLN IA 226 -16.29 -11.90 14.69
N PHE IA 227 -17.53 -12.30 14.35
CA PHE IA 227 -18.69 -11.63 14.93
C PHE IA 227 -18.69 -11.72 16.45
N ALA IA 228 -18.47 -12.93 16.98
CA ALA IA 228 -18.44 -13.14 18.42
C ALA IA 228 -17.28 -12.40 19.06
N MET IA 229 -16.14 -12.35 18.42
CA MET IA 229 -14.94 -11.73 18.99
C MET IA 229 -15.11 -10.22 19.05
N TYR IA 230 -15.77 -9.59 18.08
CA TYR IA 230 -16.04 -8.17 18.17
C TYR IA 230 -17.11 -7.87 19.21
N HIS IA 231 -18.11 -8.75 19.34
CA HIS IA 231 -19.06 -8.59 20.44
C HIS IA 231 -18.33 -8.59 21.78
N MET IA 232 -17.37 -9.50 21.95
CA MET IA 232 -16.62 -9.58 23.20
C MET IA 232 -15.86 -8.29 23.49
N ASN IA 233 -15.15 -7.76 22.50
CA ASN IA 233 -14.35 -6.59 22.83
C ASN IA 233 -15.13 -5.28 22.81
N VAL IA 234 -16.38 -5.28 22.32
CA VAL IA 234 -17.27 -4.16 22.61
C VAL IA 234 -17.84 -4.27 24.02
N SER IA 235 -18.14 -5.48 24.48
CA SER IA 235 -18.65 -5.70 25.83
C SER IA 235 -17.62 -5.45 26.92
N MET IA 236 -16.34 -5.61 26.64
CA MET IA 236 -15.29 -5.27 27.60
C MET IA 236 -14.85 -3.82 27.54
N GLY IA 237 -15.17 -3.11 26.45
CA GLY IA 237 -14.68 -1.76 26.26
C GLY IA 237 -13.22 -1.68 25.88
N GLN IA 238 -12.69 -2.71 25.22
CA GLN IA 238 -11.26 -2.89 25.01
C GLN IA 238 -11.00 -3.25 23.56
N GLY IA 239 -9.73 -3.47 23.23
CA GLY IA 239 -9.33 -3.99 21.94
C GLY IA 239 -9.09 -5.48 22.01
N CYS IA 240 -8.60 -6.03 20.89
CA CYS IA 240 -8.43 -7.47 20.79
C CYS IA 240 -7.32 -7.98 21.69
N THR IA 241 -6.39 -7.09 22.01
CA THR IA 241 -5.15 -7.42 22.77
C THR IA 241 -5.38 -7.53 24.27
N PHE IA 242 -6.61 -7.48 24.75
CA PHE IA 242 -6.95 -7.62 26.18
C PHE IA 242 -6.86 -9.09 26.54
N CYS IA 243 -7.28 -9.97 25.62
CA CYS IA 243 -7.26 -11.43 25.84
C CYS IA 243 -6.23 -12.15 24.94
N HIS IA 244 -5.58 -11.52 23.94
CA HIS IA 244 -4.72 -12.18 22.97
C HIS IA 244 -3.38 -11.47 22.83
N ASN IA 245 -2.37 -12.26 22.49
CA ASN IA 245 -1.18 -11.77 21.81
C ASN IA 245 -1.41 -11.93 20.32
N ALA IA 246 -1.50 -10.82 19.60
CA ALA IA 246 -1.99 -10.84 18.23
C ALA IA 246 -1.03 -11.48 17.26
N ARG IA 247 0.19 -11.83 17.67
CA ARG IA 247 1.08 -12.59 16.81
C ARG IA 247 0.74 -14.08 16.79
N TYR IA 248 -0.05 -14.56 17.73
CA TYR IA 248 -0.58 -15.92 17.70
C TYR IA 248 -1.87 -15.95 18.51
N PHE IA 249 -3.01 -16.01 17.83
CA PHE IA 249 -4.31 -16.01 18.51
C PHE IA 249 -4.62 -17.29 19.27
N PRO IA 250 -4.08 -18.46 18.90
CA PRO IA 250 -4.27 -19.65 19.75
C PRO IA 250 -3.60 -19.59 21.11
N SER IA 251 -2.68 -18.65 21.35
CA SER IA 251 -1.90 -18.65 22.58
C SER IA 251 -2.73 -18.30 23.81
N TYR IA 252 -2.39 -18.90 24.94
CA TYR IA 252 -3.09 -18.71 26.21
C TYR IA 252 -2.23 -17.99 27.24
N GLU IA 253 -1.44 -17.00 26.82
CA GLU IA 253 -0.49 -16.35 27.71
C GLU IA 253 -1.05 -15.14 28.44
N ILE IA 254 -2.30 -14.74 28.15
CA ILE IA 254 -2.99 -13.67 28.88
C ILE IA 254 -4.12 -14.32 29.65
N ALA IA 255 -4.21 -14.00 30.95
CA ALA IA 255 -5.15 -14.70 31.84
C ALA IA 255 -6.61 -14.42 31.52
N GLN IA 256 -6.89 -13.30 30.86
CA GLN IA 256 -8.26 -12.95 30.53
C GLN IA 256 -8.90 -13.96 29.59
N LYS IA 257 -8.09 -14.70 28.82
CA LYS IA 257 -8.65 -15.72 27.93
C LYS IA 257 -9.22 -16.89 28.74
N ASN IA 258 -8.54 -17.31 29.81
CA ASN IA 258 -9.11 -18.33 30.68
C ASN IA 258 -10.34 -17.80 31.43
N HIS IA 259 -10.27 -16.55 31.89
CA HIS IA 259 -11.46 -15.96 32.51
C HIS IA 259 -12.64 -15.97 31.54
N SER IA 260 -12.38 -15.69 30.27
CA SER IA 260 -13.42 -15.69 29.26
C SER IA 260 -13.94 -17.08 28.95
N ILE IA 261 -13.09 -18.10 29.03
CA ILE IA 261 -13.57 -19.47 28.87
C ILE IA 261 -14.57 -19.82 29.97
N ILE IA 262 -14.23 -19.47 31.21
CA ILE IA 262 -15.13 -19.71 32.33
C ILE IA 262 -16.45 -18.96 32.13
N MET IA 263 -16.40 -17.76 31.61
CA MET IA 263 -17.59 -16.90 31.46
C MET IA 263 -18.43 -17.35 30.27
N LEU IA 264 -17.83 -17.91 29.24
CA LEU IA 264 -18.59 -18.55 28.17
C LEU IA 264 -19.33 -19.79 28.68
N GLN IA 265 -18.67 -20.60 29.50
CA GLN IA 265 -19.35 -21.74 30.10
C GLN IA 265 -20.52 -21.30 30.97
N MET IA 266 -20.32 -20.23 31.76
CA MET IA 266 -21.40 -19.74 32.62
C MET IA 266 -22.59 -19.26 31.81
N THR IA 267 -22.36 -18.51 30.74
CA THR IA 267 -23.48 -17.98 29.97
C THR IA 267 -24.19 -19.07 29.18
N LYS IA 268 -23.45 -20.09 28.71
CA LYS IA 268 -24.10 -21.26 28.12
C LYS IA 268 -24.95 -21.99 29.15
N HIS IA 269 -24.47 -22.09 30.39
CA HIS IA 269 -25.26 -22.72 31.45
C HIS IA 269 -26.54 -21.94 31.72
N ILE IA 270 -26.45 -20.60 31.75
CA ILE IA 270 -27.65 -19.78 31.93
C ILE IA 270 -28.65 -20.04 30.82
N GLN IA 271 -28.18 -20.13 29.58
CA GLN IA 271 -29.09 -20.41 28.47
C GLN IA 271 -29.75 -21.77 28.62
N GLU IA 272 -28.97 -22.80 28.95
CA GLU IA 272 -29.53 -24.16 28.99
C GLU IA 272 -30.45 -24.40 30.18
N THR IA 273 -30.20 -23.74 31.32
CA THR IA 273 -30.91 -24.07 32.55
C THR IA 273 -32.05 -23.12 32.89
N TYR IA 274 -31.92 -21.82 32.60
CA TYR IA 274 -32.89 -20.85 33.08
C TYR IA 274 -33.66 -20.14 31.98
N VAL IA 275 -33.15 -20.10 30.76
CA VAL IA 275 -33.87 -19.46 29.65
C VAL IA 275 -34.75 -20.49 28.97
N ALA IA 276 -34.15 -21.61 28.56
CA ALA IA 276 -34.87 -22.70 27.91
C ALA IA 276 -34.48 -24.02 28.56
N PRO IA 277 -35.01 -24.31 29.75
CA PRO IA 277 -34.69 -25.58 30.40
C PRO IA 277 -35.39 -26.74 29.71
N GLY IA 278 -34.61 -27.73 29.28
CA GLY IA 278 -35.18 -28.85 28.57
C GLY IA 278 -35.53 -28.58 27.13
N GLY IA 279 -35.15 -27.43 26.59
CA GLY IA 279 -35.46 -27.09 25.23
C GLY IA 279 -36.72 -26.30 25.01
N ARG IA 280 -37.52 -26.07 26.04
CA ARG IA 280 -38.79 -25.36 25.92
C ARG IA 280 -38.75 -24.08 26.74
N ILE IA 281 -39.14 -22.97 26.11
CA ILE IA 281 -39.10 -21.66 26.74
C ILE IA 281 -40.10 -21.56 27.89
N ALA IA 282 -41.19 -22.31 27.82
CA ALA IA 282 -42.28 -22.13 28.78
C ALA IA 282 -41.87 -22.43 30.21
N ASP IA 283 -40.79 -23.18 30.40
CA ASP IA 283 -40.36 -23.58 31.74
C ASP IA 283 -39.32 -22.66 32.36
N GLY IA 284 -38.81 -21.68 31.62
CA GLY IA 284 -37.79 -20.80 32.15
C GLY IA 284 -38.35 -19.67 32.99
N ILE IA 285 -37.46 -19.05 33.77
CA ILE IA 285 -37.83 -17.92 34.60
C ILE IA 285 -37.56 -16.59 33.91
N MET IA 286 -36.97 -16.62 32.72
CA MET IA 286 -36.76 -15.43 31.91
C MET IA 286 -37.68 -15.51 30.70
N ALA IA 287 -38.09 -14.35 30.20
CA ALA IA 287 -39.08 -14.34 29.12
C ALA IA 287 -38.43 -14.69 27.79
N GLY IA 288 -37.76 -15.84 27.74
CA GLY IA 288 -37.08 -16.26 26.52
C GLY IA 288 -36.00 -15.33 26.04
N LYS IA 289 -35.38 -14.59 26.96
CA LYS IA 289 -34.36 -13.60 26.61
C LYS IA 289 -32.99 -14.18 26.92
N SER IA 290 -32.27 -14.56 25.86
CA SER IA 290 -30.97 -15.19 26.03
C SER IA 290 -29.94 -14.16 26.49
N PRO IA 291 -28.99 -14.56 27.33
CA PRO IA 291 -28.00 -13.61 27.85
C PRO IA 291 -26.93 -13.30 26.82
N SER IA 292 -26.19 -12.23 27.11
CA SER IA 292 -25.01 -11.86 26.34
C SER IA 292 -23.94 -11.38 27.29
N CYS IA 293 -22.76 -11.08 26.74
CA CYS IA 293 -21.70 -10.50 27.55
C CYS IA 293 -22.02 -9.06 27.92
N TRP IA 294 -22.76 -8.35 27.07
CA TRP IA 294 -23.12 -6.96 27.31
C TRP IA 294 -24.15 -6.79 28.42
N LEU IA 295 -24.98 -7.81 28.66
CA LEU IA 295 -26.05 -7.68 29.65
C LEU IA 295 -25.50 -7.35 31.03
N CYS IA 296 -24.41 -8.00 31.44
CA CYS IA 296 -23.75 -7.70 32.70
C CYS IA 296 -22.69 -6.61 32.53
N HIS IA 297 -21.67 -6.86 31.71
CA HIS IA 297 -20.64 -5.87 31.41
C HIS IA 297 -21.23 -4.82 30.47
N GLN IA 298 -21.49 -3.62 30.99
CA GLN IA 298 -22.07 -2.56 30.16
C GLN IA 298 -20.98 -1.68 29.56
N GLY IA 299 -20.01 -2.29 28.90
CA GLY IA 299 -18.87 -1.56 28.39
C GLY IA 299 -17.69 -1.46 29.33
N ALA IA 300 -17.62 -2.30 30.34
CA ALA IA 300 -16.55 -2.29 31.32
C ALA IA 300 -16.10 -3.73 31.60
N ASN IA 301 -14.87 -3.86 32.07
CA ASN IA 301 -14.34 -5.20 32.35
C ASN IA 301 -14.84 -5.77 33.66
N ILE IA 302 -15.36 -4.95 34.56
CA ILE IA 302 -16.06 -5.40 35.75
C ILE IA 302 -17.46 -4.79 35.69
N PRO IA 303 -18.52 -5.59 35.79
CA PRO IA 303 -19.88 -5.04 35.66
C PRO IA 303 -20.15 -3.97 36.70
N PRO IA 304 -20.79 -2.86 36.30
CA PRO IA 304 -21.10 -1.81 37.27
C PRO IA 304 -22.02 -2.26 38.40
N GLY IA 305 -22.94 -3.17 38.14
CA GLY IA 305 -23.86 -3.66 39.13
C GLY IA 305 -23.34 -4.80 39.98
N ALA IA 306 -22.07 -5.16 39.86
CA ALA IA 306 -21.50 -6.21 40.68
C ALA IA 306 -21.33 -5.73 42.12
N ALA IA 307 -21.49 -6.64 43.06
CA ALA IA 307 -21.38 -6.32 44.48
C ALA IA 307 -19.94 -6.54 44.94
N LYS IA 308 -19.46 -5.65 45.80
CA LYS IA 308 -18.14 -5.79 46.36
C LYS IA 308 -18.11 -6.97 47.33
N PRO IA 309 -16.94 -7.54 47.59
CA PRO IA 309 -16.87 -8.70 48.48
C PRO IA 309 -17.42 -8.39 49.87
N GLY IA 310 -18.17 -9.35 50.41
CA GLY IA 310 -18.76 -9.22 51.72
C GLY IA 310 -20.07 -8.48 51.78
N GLN IA 311 -20.65 -8.08 50.64
CA GLN IA 311 -21.86 -7.27 50.61
C GLN IA 311 -23.07 -8.06 50.13
N VAL IA 312 -23.01 -9.39 50.08
CA VAL IA 312 -24.15 -10.16 49.55
C VAL IA 312 -24.53 -11.18 50.63
N PRO IA 313 -25.83 -11.44 50.95
CA PRO IA 313 -26.19 -12.45 51.93
C PRO IA 313 -25.29 -13.68 51.78
N ALA IA 314 -24.74 -14.21 52.88
CA ALA IA 314 -23.77 -15.33 52.81
C ALA IA 314 -24.33 -16.57 52.10
N VAL IA 315 -25.63 -16.80 52.14
CA VAL IA 315 -26.28 -17.96 51.48
C VAL IA 315 -26.26 -17.78 49.97
N LEU IA 316 -26.15 -16.53 49.49
CA LEU IA 316 -26.20 -16.24 48.04
C LEU IA 316 -24.81 -15.86 47.52
N SER IA 317 -23.74 -16.22 48.22
CA SER IA 317 -22.35 -15.82 47.84
C SER IA 317 -21.53 -17.03 47.40
N SER IA 318 -20.28 -16.80 47.03
CA SER IA 318 -19.38 -17.88 46.65
C SER IA 318 -18.83 -18.65 47.83
N THR IA 319 -18.85 -18.06 49.03
CA THR IA 319 -18.25 -18.72 50.18
C THR IA 319 -18.92 -20.04 50.55
N PRO IA 320 -20.26 -20.17 50.58
CA PRO IA 320 -20.77 -21.52 50.83
C PRO IA 320 -20.74 -22.40 49.58
N ALA JA 1 29.29 5.12 -33.31
CA ALA JA 1 28.76 3.76 -33.49
C ALA JA 1 28.17 3.20 -32.19
N ALA JA 2 28.89 3.27 -31.07
CA ALA JA 2 28.41 2.73 -29.77
C ALA JA 2 27.29 3.61 -29.20
N ALA JA 3 26.17 3.04 -28.74
CA ALA JA 3 24.99 3.85 -28.31
C ALA JA 3 24.54 3.51 -26.88
N PRO JA 4 23.89 4.45 -26.14
CA PRO JA 4 23.46 4.23 -24.74
C PRO JA 4 22.73 2.92 -24.42
N ALA JA 5 21.86 2.41 -25.28
CA ALA JA 5 21.05 1.18 -25.10
C ALA JA 5 21.86 -0.12 -25.22
N GLY JA 6 23.11 -0.02 -25.68
CA GLY JA 6 24.09 -1.16 -25.87
C GLY JA 6 24.11 -1.56 -27.34
N ALA JA 7 23.27 -0.96 -28.16
CA ALA JA 7 23.23 -1.25 -29.61
C ALA JA 7 24.32 -0.48 -30.35
N ALA JA 8 25.07 -1.14 -31.23
CA ALA JA 8 26.10 -0.45 -32.04
C ALA JA 8 25.58 -0.24 -33.47
N ALA JA 9 24.96 0.90 -33.74
CA ALA JA 9 24.35 1.19 -35.07
C ALA JA 9 25.40 1.85 -35.96
N ALA JA 10 25.26 1.69 -37.28
CA ALA JA 10 26.22 2.28 -38.26
C ALA JA 10 25.84 3.73 -38.57
#